data_1NR2
# 
_entry.id   1NR2 
# 
_audit_conform.dict_name       mmcif_pdbx.dic 
_audit_conform.dict_version    5.398 
_audit_conform.dict_location   http://mmcif.pdb.org/dictionaries/ascii/mmcif_pdbx.dic 
# 
loop_
_database_2.database_id 
_database_2.database_code 
_database_2.pdbx_database_accession 
_database_2.pdbx_DOI 
PDB   1NR2         pdb_00001nr2 10.2210/pdb1nr2/pdb 
RCSB  RCSB018132   ?            ?                   
WWPDB D_1000018132 ?            ?                   
# 
loop_
_pdbx_audit_revision_history.ordinal 
_pdbx_audit_revision_history.data_content_type 
_pdbx_audit_revision_history.major_revision 
_pdbx_audit_revision_history.minor_revision 
_pdbx_audit_revision_history.revision_date 
1 'Structure model' 1 0 2003-08-05 
2 'Structure model' 1 1 2008-04-29 
3 'Structure model' 1 2 2011-07-13 
4 'Structure model' 1 3 2018-01-24 
5 'Structure model' 1 4 2024-04-03 
6 'Structure model' 1 5 2024-10-30 
# 
_pdbx_audit_revision_details.ordinal             1 
_pdbx_audit_revision_details.revision_ordinal    1 
_pdbx_audit_revision_details.data_content_type   'Structure model' 
_pdbx_audit_revision_details.provider            repository 
_pdbx_audit_revision_details.type                'Initial release' 
_pdbx_audit_revision_details.description         ? 
_pdbx_audit_revision_details.details             ? 
# 
loop_
_pdbx_audit_revision_group.ordinal 
_pdbx_audit_revision_group.revision_ordinal 
_pdbx_audit_revision_group.data_content_type 
_pdbx_audit_revision_group.group 
1 2 'Structure model' 'Version format compliance' 
2 3 'Structure model' 'Version format compliance' 
3 4 'Structure model' 'Database references'       
4 5 'Structure model' 'Data collection'           
5 5 'Structure model' 'Database references'       
6 5 'Structure model' 'Refinement description'    
7 6 'Structure model' 'Structure summary'         
# 
loop_
_pdbx_audit_revision_category.ordinal 
_pdbx_audit_revision_category.revision_ordinal 
_pdbx_audit_revision_category.data_content_type 
_pdbx_audit_revision_category.category 
1 4 'Structure model' citation_author               
2 5 'Structure model' chem_comp_atom                
3 5 'Structure model' chem_comp_bond                
4 5 'Structure model' database_2                    
5 5 'Structure model' pdbx_initial_refinement_model 
6 6 'Structure model' pdbx_entry_details            
7 6 'Structure model' pdbx_modification_feature     
# 
loop_
_pdbx_audit_revision_item.ordinal 
_pdbx_audit_revision_item.revision_ordinal 
_pdbx_audit_revision_item.data_content_type 
_pdbx_audit_revision_item.item 
1 4 'Structure model' '_citation_author.name'               
2 5 'Structure model' '_database_2.pdbx_DOI'                
3 5 'Structure model' '_database_2.pdbx_database_accession' 
# 
_pdbx_database_status.status_code                     REL 
_pdbx_database_status.entry_id                        1NR2 
_pdbx_database_status.recvd_initial_deposition_date   2003-01-23 
_pdbx_database_status.deposit_site                    RCSB 
_pdbx_database_status.process_site                    RCSB 
_pdbx_database_status.status_code_sf                  REL 
_pdbx_database_status.SG_entry                        . 
_pdbx_database_status.pdb_format_compatible           Y 
_pdbx_database_status.status_code_mr                  ? 
_pdbx_database_status.status_code_cs                  ? 
_pdbx_database_status.methods_development_category    ? 
_pdbx_database_status.status_code_nmr_data            ? 
# 
_pdbx_database_related.db_name        PDB 
_pdbx_database_related.db_id          1NR4 
_pdbx_database_related.details        'TARC structure in P 1' 
_pdbx_database_related.content_type   unspecified 
# 
loop_
_audit_author.name 
_audit_author.pdbx_ordinal 
'Asojo, O.A.'   1 
'Boulegue, C.'  2 
'Hoover, D.M.'  3 
'Lu, W.'        4 
'Lubkowski, J.' 5 
# 
loop_
_citation.id 
_citation.title 
_citation.journal_abbrev 
_citation.journal_volume 
_citation.page_first 
_citation.page_last 
_citation.year 
_citation.journal_id_ASTM 
_citation.country 
_citation.journal_id_ISSN 
_citation.journal_id_CSD 
_citation.book_publisher 
_citation.pdbx_database_id_PubMed 
_citation.pdbx_database_id_DOI 
primary 'Structures of thymus and activation-regulated chemokine (TARC).'                            'Acta Crystallogr.,Sect.D' 59 
1165 1173 2003 ABCRE6 DK 0907-4449 0766 ? 12832759 10.1107/S0907444903009454 
1       'Crystallization and preliminary X-ray studies of thymus and activation-regulated chemokine' 'Acta Crystallogr.,Sect.D' 59 
163  165  2003 ABCRE6 DK 0907-4449 0766 ? ?        10.1107/S0907444902018863 
# 
loop_
_citation_author.citation_id 
_citation_author.name 
_citation_author.ordinal 
_citation_author.identifier_ORCID 
primary 'Asojo, O.A.'   1  ? 
primary 'Boulegue, C.'  2  ? 
primary 'Hoover, D.M.'  3  ? 
primary 'Lu, W.'        4  ? 
primary 'Lubkowski, J.' 5  ? 
1       'Asojo, O.A.'   6  ? 
1       'Hoover, D.'    7  ? 
1       'Boulegue, C.'  8  ? 
1       'Cater, S.'     9  ? 
1       'Lu, W.'        10 ? 
1       'Lubkowski, J.' 11 ? 
# 
loop_
_entity.id 
_entity.type 
_entity.src_method 
_entity.pdbx_description 
_entity.formula_weight 
_entity.pdbx_number_of_molecules 
_entity.pdbx_ec 
_entity.pdbx_mutation 
_entity.pdbx_fragment 
_entity.details 
1 polymer syn 'Thymus and activation-regulated chemokine' 8096.292 2   ? ? ? ? 
2 water   nat water                                       18.015   225 ? ? ? ? 
# 
_entity_name_com.entity_id   1 
_entity_name_com.name        'Small inducible cytokine A17; CCL17; CC chemokine TARC; T cell-directed CC' 
# 
_entity_poly.entity_id                      1 
_entity_poly.type                           'polypeptide(L)' 
_entity_poly.nstd_linkage                   no 
_entity_poly.nstd_monomer                   no 
_entity_poly.pdbx_seq_one_letter_code       ARGTNVGRECCLEYFKGAIPLRKLKTWYQTSEDCSRDAIVFVTVQGRAICSDPNNKRVKNAVKYLQSLERS 
_entity_poly.pdbx_seq_one_letter_code_can   ARGTNVGRECCLEYFKGAIPLRKLKTWYQTSEDCSRDAIVFVTVQGRAICSDPNNKRVKNAVKYLQSLERS 
_entity_poly.pdbx_strand_id                 A,B 
_entity_poly.pdbx_target_identifier         ? 
# 
_pdbx_entity_nonpoly.entity_id   2 
_pdbx_entity_nonpoly.name        water 
_pdbx_entity_nonpoly.comp_id     HOH 
# 
loop_
_entity_poly_seq.entity_id 
_entity_poly_seq.num 
_entity_poly_seq.mon_id 
_entity_poly_seq.hetero 
1 1  ALA n 
1 2  ARG n 
1 3  GLY n 
1 4  THR n 
1 5  ASN n 
1 6  VAL n 
1 7  GLY n 
1 8  ARG n 
1 9  GLU n 
1 10 CYS n 
1 11 CYS n 
1 12 LEU n 
1 13 GLU n 
1 14 TYR n 
1 15 PHE n 
1 16 LYS n 
1 17 GLY n 
1 18 ALA n 
1 19 ILE n 
1 20 PRO n 
1 21 LEU n 
1 22 ARG n 
1 23 LYS n 
1 24 LEU n 
1 25 LYS n 
1 26 THR n 
1 27 TRP n 
1 28 TYR n 
1 29 GLN n 
1 30 THR n 
1 31 SER n 
1 32 GLU n 
1 33 ASP n 
1 34 CYS n 
1 35 SER n 
1 36 ARG n 
1 37 ASP n 
1 38 ALA n 
1 39 ILE n 
1 40 VAL n 
1 41 PHE n 
1 42 VAL n 
1 43 THR n 
1 44 VAL n 
1 45 GLN n 
1 46 GLY n 
1 47 ARG n 
1 48 ALA n 
1 49 ILE n 
1 50 CYS n 
1 51 SER n 
1 52 ASP n 
1 53 PRO n 
1 54 ASN n 
1 55 ASN n 
1 56 LYS n 
1 57 ARG n 
1 58 VAL n 
1 59 LYS n 
1 60 ASN n 
1 61 ALA n 
1 62 VAL n 
1 63 LYS n 
1 64 TYR n 
1 65 LEU n 
1 66 GLN n 
1 67 SER n 
1 68 LEU n 
1 69 GLU n 
1 70 ARG n 
1 71 SER n 
# 
_pdbx_entity_src_syn.entity_id              1 
_pdbx_entity_src_syn.pdbx_src_id            1 
_pdbx_entity_src_syn.pdbx_alt_source_flag   sample 
_pdbx_entity_src_syn.pdbx_beg_seq_num       ? 
_pdbx_entity_src_syn.pdbx_end_seq_num       ? 
_pdbx_entity_src_syn.organism_scientific    ? 
_pdbx_entity_src_syn.organism_common_name   ? 
_pdbx_entity_src_syn.ncbi_taxonomy_id       ? 
_pdbx_entity_src_syn.details                'This sequence occurs naturally in humans' 
# 
loop_
_chem_comp.id 
_chem_comp.type 
_chem_comp.mon_nstd_flag 
_chem_comp.name 
_chem_comp.pdbx_synonyms 
_chem_comp.formula 
_chem_comp.formula_weight 
ALA 'L-peptide linking' y ALANINE         ? 'C3 H7 N O2'     89.093  
ARG 'L-peptide linking' y ARGININE        ? 'C6 H15 N4 O2 1' 175.209 
ASN 'L-peptide linking' y ASPARAGINE      ? 'C4 H8 N2 O3'    132.118 
ASP 'L-peptide linking' y 'ASPARTIC ACID' ? 'C4 H7 N O4'     133.103 
CYS 'L-peptide linking' y CYSTEINE        ? 'C3 H7 N O2 S'   121.158 
GLN 'L-peptide linking' y GLUTAMINE       ? 'C5 H10 N2 O3'   146.144 
GLU 'L-peptide linking' y 'GLUTAMIC ACID' ? 'C5 H9 N O4'     147.129 
GLY 'peptide linking'   y GLYCINE         ? 'C2 H5 N O2'     75.067  
HOH non-polymer         . WATER           ? 'H2 O'           18.015  
ILE 'L-peptide linking' y ISOLEUCINE      ? 'C6 H13 N O2'    131.173 
LEU 'L-peptide linking' y LEUCINE         ? 'C6 H13 N O2'    131.173 
LYS 'L-peptide linking' y LYSINE          ? 'C6 H15 N2 O2 1' 147.195 
PHE 'L-peptide linking' y PHENYLALANINE   ? 'C9 H11 N O2'    165.189 
PRO 'L-peptide linking' y PROLINE         ? 'C5 H9 N O2'     115.130 
SER 'L-peptide linking' y SERINE          ? 'C3 H7 N O3'     105.093 
THR 'L-peptide linking' y THREONINE       ? 'C4 H9 N O3'     119.119 
TRP 'L-peptide linking' y TRYPTOPHAN      ? 'C11 H12 N2 O2'  204.225 
TYR 'L-peptide linking' y TYROSINE        ? 'C9 H11 N O3'    181.189 
VAL 'L-peptide linking' y VALINE          ? 'C5 H11 N O2'    117.146 
# 
loop_
_pdbx_poly_seq_scheme.asym_id 
_pdbx_poly_seq_scheme.entity_id 
_pdbx_poly_seq_scheme.seq_id 
_pdbx_poly_seq_scheme.mon_id 
_pdbx_poly_seq_scheme.ndb_seq_num 
_pdbx_poly_seq_scheme.pdb_seq_num 
_pdbx_poly_seq_scheme.auth_seq_num 
_pdbx_poly_seq_scheme.pdb_mon_id 
_pdbx_poly_seq_scheme.auth_mon_id 
_pdbx_poly_seq_scheme.pdb_strand_id 
_pdbx_poly_seq_scheme.pdb_ins_code 
_pdbx_poly_seq_scheme.hetero 
A 1 1  ALA 1  1  ?  ?   ?   A . n 
A 1 2  ARG 2  2  ?  ?   ?   A . n 
A 1 3  GLY 3  3  ?  ?   ?   A . n 
A 1 4  THR 4  4  ?  ?   ?   A . n 
A 1 5  ASN 5  5  ?  ?   ?   A . n 
A 1 6  VAL 6  6  ?  ?   ?   A . n 
A 1 7  GLY 7  7  ?  ?   ?   A . n 
A 1 8  ARG 8  8  8  ARG ARG A . n 
A 1 9  GLU 9  9  9  GLU GLU A . n 
A 1 10 CYS 10 10 10 CYS CYS A . n 
A 1 11 CYS 11 11 11 CYS CYS A . n 
A 1 12 LEU 12 12 12 LEU LEU A . n 
A 1 13 GLU 13 13 13 GLU GLU A . n 
A 1 14 TYR 14 14 14 TYR TYR A . n 
A 1 15 PHE 15 15 15 PHE PHE A . n 
A 1 16 LYS 16 16 16 LYS LYS A . n 
A 1 17 GLY 17 17 17 GLY GLY A . n 
A 1 18 ALA 18 18 18 ALA ALA A . n 
A 1 19 ILE 19 19 19 ILE ILE A . n 
A 1 20 PRO 20 20 20 PRO PRO A . n 
A 1 21 LEU 21 21 21 LEU LEU A . n 
A 1 22 ARG 22 22 22 ARG ARG A . n 
A 1 23 LYS 23 23 23 LYS LYS A . n 
A 1 24 LEU 24 24 24 LEU LEU A . n 
A 1 25 LYS 25 25 25 LYS LYS A . n 
A 1 26 THR 26 26 26 THR THR A . n 
A 1 27 TRP 27 27 27 TRP TRP A . n 
A 1 28 TYR 28 28 28 TYR TYR A . n 
A 1 29 GLN 29 29 29 GLN GLN A . n 
A 1 30 THR 30 30 30 THR THR A . n 
A 1 31 SER 31 31 31 SER SER A . n 
A 1 32 GLU 32 32 32 GLU GLU A . n 
A 1 33 ASP 33 33 33 ASP ASP A . n 
A 1 34 CYS 34 34 34 CYS CYS A . n 
A 1 35 SER 35 35 35 SER SER A . n 
A 1 36 ARG 36 36 36 ARG ARG A . n 
A 1 37 ASP 37 37 37 ASP ASP A . n 
A 1 38 ALA 38 38 38 ALA ALA A . n 
A 1 39 ILE 39 39 39 ILE ILE A . n 
A 1 40 VAL 40 40 40 VAL VAL A . n 
A 1 41 PHE 41 41 41 PHE PHE A . n 
A 1 42 VAL 42 42 42 VAL VAL A . n 
A 1 43 THR 43 43 43 THR THR A . n 
A 1 44 VAL 44 44 44 VAL VAL A . n 
A 1 45 GLN 45 45 45 GLN GLN A . n 
A 1 46 GLY 46 46 46 GLY GLY A . n 
A 1 47 ARG 47 47 47 ARG ARG A . n 
A 1 48 ALA 48 48 48 ALA ALA A . n 
A 1 49 ILE 49 49 49 ILE ILE A . n 
A 1 50 CYS 50 50 50 CYS CYS A . n 
A 1 51 SER 51 51 51 SER SER A . n 
A 1 52 ASP 52 52 52 ASP ASP A . n 
A 1 53 PRO 53 53 53 PRO PRO A . n 
A 1 54 ASN 54 54 54 ASN ASN A . n 
A 1 55 ASN 55 55 55 ASN ASN A . n 
A 1 56 LYS 56 56 56 LYS LYS A . n 
A 1 57 ARG 57 57 57 ARG ARG A . n 
A 1 58 VAL 58 58 58 VAL VAL A . n 
A 1 59 LYS 59 59 59 LYS LYS A . n 
A 1 60 ASN 60 60 60 ASN ASN A . n 
A 1 61 ALA 61 61 61 ALA ALA A . n 
A 1 62 VAL 62 62 62 VAL VAL A . n 
A 1 63 LYS 63 63 63 LYS LYS A . n 
A 1 64 TYR 64 64 64 TYR TYR A . n 
A 1 65 LEU 65 65 65 LEU LEU A . n 
A 1 66 GLN 66 66 66 GLN GLN A . n 
A 1 67 SER 67 67 67 SER SER A . n 
A 1 68 LEU 68 68 68 LEU LEU A . n 
A 1 69 GLU 69 69 69 GLU GLU A . n 
A 1 70 ARG 70 70 ?  ?   ?   A . n 
A 1 71 SER 71 71 ?  ?   ?   A . n 
B 1 1  ALA 1  1  ?  ?   ?   B . n 
B 1 2  ARG 2  2  ?  ?   ?   B . n 
B 1 3  GLY 3  3  ?  ?   ?   B . n 
B 1 4  THR 4  4  ?  ?   ?   B . n 
B 1 5  ASN 5  5  ?  ?   ?   B . n 
B 1 6  VAL 6  6  ?  ?   ?   B . n 
B 1 7  GLY 7  7  ?  ?   ?   B . n 
B 1 8  ARG 8  8  8  ARG ARG B . n 
B 1 9  GLU 9  9  9  GLU GLU B . n 
B 1 10 CYS 10 10 10 CYS CYS B . n 
B 1 11 CYS 11 11 11 CYS CYS B . n 
B 1 12 LEU 12 12 12 LEU LEU B . n 
B 1 13 GLU 13 13 13 GLU GLU B . n 
B 1 14 TYR 14 14 14 TYR TYR B . n 
B 1 15 PHE 15 15 15 PHE PHE B . n 
B 1 16 LYS 16 16 16 LYS LYS B . n 
B 1 17 GLY 17 17 17 GLY GLY B . n 
B 1 18 ALA 18 18 18 ALA ALA B . n 
B 1 19 ILE 19 19 19 ILE ILE B . n 
B 1 20 PRO 20 20 20 PRO PRO B . n 
B 1 21 LEU 21 21 21 LEU LEU B . n 
B 1 22 ARG 22 22 22 ARG ARG B . n 
B 1 23 LYS 23 23 23 LYS LYS B . n 
B 1 24 LEU 24 24 24 LEU LEU B . n 
B 1 25 LYS 25 25 25 LYS LYS B . n 
B 1 26 THR 26 26 26 THR THR B . n 
B 1 27 TRP 27 27 27 TRP TRP B . n 
B 1 28 TYR 28 28 28 TYR TYR B . n 
B 1 29 GLN 29 29 29 GLN GLN B . n 
B 1 30 THR 30 30 30 THR THR B . n 
B 1 31 SER 31 31 31 SER SER B . n 
B 1 32 GLU 32 32 32 GLU GLU B . n 
B 1 33 ASP 33 33 33 ASP ASP B . n 
B 1 34 CYS 34 34 34 CYS CYS B . n 
B 1 35 SER 35 35 35 SER SER B . n 
B 1 36 ARG 36 36 36 ARG ARG B . n 
B 1 37 ASP 37 37 37 ASP ASP B . n 
B 1 38 ALA 38 38 38 ALA ALA B . n 
B 1 39 ILE 39 39 39 ILE ILE B . n 
B 1 40 VAL 40 40 40 VAL VAL B . n 
B 1 41 PHE 41 41 41 PHE PHE B . n 
B 1 42 VAL 42 42 42 VAL VAL B . n 
B 1 43 THR 43 43 43 THR THR B . n 
B 1 44 VAL 44 44 44 VAL VAL B . n 
B 1 45 GLN 45 45 45 GLN GLN B . n 
B 1 46 GLY 46 46 46 GLY GLY B . n 
B 1 47 ARG 47 47 47 ARG ARG B . n 
B 1 48 ALA 48 48 48 ALA ALA B . n 
B 1 49 ILE 49 49 49 ILE ILE B . n 
B 1 50 CYS 50 50 50 CYS CYS B . n 
B 1 51 SER 51 51 51 SER SER B . n 
B 1 52 ASP 52 52 52 ASP ASP B . n 
B 1 53 PRO 53 53 53 PRO PRO B . n 
B 1 54 ASN 54 54 54 ASN ASN B . n 
B 1 55 ASN 55 55 55 ASN ASN B . n 
B 1 56 LYS 56 56 56 LYS LYS B . n 
B 1 57 ARG 57 57 57 ARG ARG B . n 
B 1 58 VAL 58 58 58 VAL VAL B . n 
B 1 59 LYS 59 59 59 LYS LYS B . n 
B 1 60 ASN 60 60 60 ASN ASN B . n 
B 1 61 ALA 61 61 61 ALA ALA B . n 
B 1 62 VAL 62 62 62 VAL VAL B . n 
B 1 63 LYS 63 63 63 LYS LYS B . n 
B 1 64 TYR 64 64 64 TYR TYR B . n 
B 1 65 LEU 65 65 65 LEU LEU B . n 
B 1 66 GLN 66 66 66 GLN GLN B . n 
B 1 67 SER 67 67 67 SER SER B . n 
B 1 68 LEU 68 68 68 LEU LEU B . n 
B 1 69 GLU 69 69 69 GLU GLU B . n 
B 1 70 ARG 70 70 ?  ?   ?   B . n 
B 1 71 SER 71 71 ?  ?   ?   B . n 
# 
loop_
_pdbx_nonpoly_scheme.asym_id 
_pdbx_nonpoly_scheme.entity_id 
_pdbx_nonpoly_scheme.mon_id 
_pdbx_nonpoly_scheme.ndb_seq_num 
_pdbx_nonpoly_scheme.pdb_seq_num 
_pdbx_nonpoly_scheme.auth_seq_num 
_pdbx_nonpoly_scheme.pdb_mon_id 
_pdbx_nonpoly_scheme.auth_mon_id 
_pdbx_nonpoly_scheme.pdb_strand_id 
_pdbx_nonpoly_scheme.pdb_ins_code 
C 2 HOH 1   72  2   HOH HOH A . 
C 2 HOH 2   73  4   HOH HOH A . 
C 2 HOH 3   74  5   HOH HOH A . 
C 2 HOH 4   75  7   HOH HOH A . 
C 2 HOH 5   76  9   HOH HOH A . 
C 2 HOH 6   77  10  HOH HOH A . 
C 2 HOH 7   78  16  HOH HOH A . 
C 2 HOH 8   79  17  HOH HOH A . 
C 2 HOH 9   80  18  HOH HOH A . 
C 2 HOH 10  81  20  HOH HOH A . 
C 2 HOH 11  82  22  HOH HOH A . 
C 2 HOH 12  83  24  HOH HOH A . 
C 2 HOH 13  84  27  HOH HOH A . 
C 2 HOH 14  85  28  HOH HOH A . 
C 2 HOH 15  86  29  HOH HOH A . 
C 2 HOH 16  87  31  HOH HOH A . 
C 2 HOH 17  88  33  HOH HOH A . 
C 2 HOH 18  89  34  HOH HOH A . 
C 2 HOH 19  90  35  HOH HOH A . 
C 2 HOH 20  91  36  HOH HOH A . 
C 2 HOH 21  92  39  HOH HOH A . 
C 2 HOH 22  93  40  HOH HOH A . 
C 2 HOH 23  94  41  HOH HOH A . 
C 2 HOH 24  95  43  HOH HOH A . 
C 2 HOH 25  96  44  HOH HOH A . 
C 2 HOH 26  97  47  HOH HOH A . 
C 2 HOH 27  98  48  HOH HOH A . 
C 2 HOH 28  99  49  HOH HOH A . 
C 2 HOH 29  100 51  HOH HOH A . 
C 2 HOH 30  101 53  HOH HOH A . 
C 2 HOH 31  102 54  HOH HOH A . 
C 2 HOH 32  103 56  HOH HOH A . 
C 2 HOH 33  104 60  HOH HOH A . 
C 2 HOH 34  105 61  HOH HOH A . 
C 2 HOH 35  106 64  HOH HOH A . 
C 2 HOH 36  107 65  HOH HOH A . 
C 2 HOH 37  108 73  HOH HOH A . 
C 2 HOH 38  109 76  HOH HOH A . 
C 2 HOH 39  110 77  HOH HOH A . 
C 2 HOH 40  111 85  HOH HOH A . 
C 2 HOH 41  112 87  HOH HOH A . 
C 2 HOH 42  113 88  HOH HOH A . 
C 2 HOH 43  114 89  HOH HOH A . 
C 2 HOH 44  115 91  HOH HOH A . 
C 2 HOH 45  116 96  HOH HOH A . 
C 2 HOH 46  117 98  HOH HOH A . 
C 2 HOH 47  118 100 HOH HOH A . 
C 2 HOH 48  119 103 HOH HOH A . 
C 2 HOH 49  120 104 HOH HOH A . 
C 2 HOH 50  121 105 HOH HOH A . 
C 2 HOH 51  122 107 HOH HOH A . 
C 2 HOH 52  123 108 HOH HOH A . 
C 2 HOH 53  124 109 HOH HOH A . 
C 2 HOH 54  125 113 HOH HOH A . 
C 2 HOH 55  126 114 HOH HOH A . 
C 2 HOH 56  127 120 HOH HOH A . 
C 2 HOH 57  128 125 HOH HOH A . 
C 2 HOH 58  129 127 HOH HOH A . 
C 2 HOH 59  130 128 HOH HOH A . 
C 2 HOH 60  131 131 HOH HOH A . 
C 2 HOH 61  132 132 HOH HOH A . 
C 2 HOH 62  133 133 HOH HOH A . 
C 2 HOH 63  134 134 HOH HOH A . 
C 2 HOH 64  135 136 HOH HOH A . 
C 2 HOH 65  136 137 HOH HOH A . 
C 2 HOH 66  137 142 HOH HOH A . 
C 2 HOH 67  138 146 HOH HOH A . 
C 2 HOH 68  139 149 HOH HOH A . 
C 2 HOH 69  140 152 HOH HOH A . 
C 2 HOH 70  141 154 HOH HOH A . 
C 2 HOH 71  142 155 HOH HOH A . 
C 2 HOH 72  143 162 HOH HOH A . 
C 2 HOH 73  144 165 HOH HOH A . 
C 2 HOH 74  145 166 HOH HOH A . 
C 2 HOH 75  146 167 HOH HOH A . 
C 2 HOH 76  147 168 HOH HOH A . 
C 2 HOH 77  148 169 HOH HOH A . 
C 2 HOH 78  149 170 HOH HOH A . 
C 2 HOH 79  150 172 HOH HOH A . 
C 2 HOH 80  151 173 HOH HOH A . 
C 2 HOH 81  152 175 HOH HOH A . 
C 2 HOH 82  153 177 HOH HOH A . 
C 2 HOH 83  154 181 HOH HOH A . 
C 2 HOH 84  155 183 HOH HOH A . 
C 2 HOH 85  156 184 HOH HOH A . 
C 2 HOH 86  157 186 HOH HOH A . 
C 2 HOH 87  158 189 HOH HOH A . 
C 2 HOH 88  159 190 HOH HOH A . 
C 2 HOH 89  160 191 HOH HOH A . 
C 2 HOH 90  161 203 HOH HOH A . 
C 2 HOH 91  162 209 HOH HOH A . 
C 2 HOH 92  163 211 HOH HOH A . 
C 2 HOH 93  164 212 HOH HOH A . 
C 2 HOH 94  165 215 HOH HOH A . 
C 2 HOH 95  166 218 HOH HOH A . 
C 2 HOH 96  167 219 HOH HOH A . 
C 2 HOH 97  168 223 HOH HOH A . 
D 2 HOH 1   72  1   HOH HOH B . 
D 2 HOH 2   73  3   HOH HOH B . 
D 2 HOH 3   74  6   HOH HOH B . 
D 2 HOH 4   75  8   HOH HOH B . 
D 2 HOH 5   76  11  HOH HOH B . 
D 2 HOH 6   77  12  HOH HOH B . 
D 2 HOH 7   78  13  HOH HOH B . 
D 2 HOH 8   79  14  HOH HOH B . 
D 2 HOH 9   80  15  HOH HOH B . 
D 2 HOH 10  81  19  HOH HOH B . 
D 2 HOH 11  82  21  HOH HOH B . 
D 2 HOH 12  83  23  HOH HOH B . 
D 2 HOH 13  84  25  HOH HOH B . 
D 2 HOH 14  85  26  HOH HOH B . 
D 2 HOH 15  86  30  HOH HOH B . 
D 2 HOH 16  87  32  HOH HOH B . 
D 2 HOH 17  88  37  HOH HOH B . 
D 2 HOH 18  89  38  HOH HOH B . 
D 2 HOH 19  90  42  HOH HOH B . 
D 2 HOH 20  91  45  HOH HOH B . 
D 2 HOH 21  92  46  HOH HOH B . 
D 2 HOH 22  93  50  HOH HOH B . 
D 2 HOH 23  94  52  HOH HOH B . 
D 2 HOH 24  95  55  HOH HOH B . 
D 2 HOH 25  96  57  HOH HOH B . 
D 2 HOH 26  97  58  HOH HOH B . 
D 2 HOH 27  98  59  HOH HOH B . 
D 2 HOH 28  99  62  HOH HOH B . 
D 2 HOH 29  100 63  HOH HOH B . 
D 2 HOH 30  101 66  HOH HOH B . 
D 2 HOH 31  102 67  HOH HOH B . 
D 2 HOH 32  103 68  HOH HOH B . 
D 2 HOH 33  104 69  HOH HOH B . 
D 2 HOH 34  105 70  HOH HOH B . 
D 2 HOH 35  106 71  HOH HOH B . 
D 2 HOH 36  107 72  HOH HOH B . 
D 2 HOH 37  108 74  HOH HOH B . 
D 2 HOH 38  109 75  HOH HOH B . 
D 2 HOH 39  110 78  HOH HOH B . 
D 2 HOH 40  111 79  HOH HOH B . 
D 2 HOH 41  112 80  HOH HOH B . 
D 2 HOH 42  113 81  HOH HOH B . 
D 2 HOH 43  114 82  HOH HOH B . 
D 2 HOH 44  115 83  HOH HOH B . 
D 2 HOH 45  116 84  HOH HOH B . 
D 2 HOH 46  117 86  HOH HOH B . 
D 2 HOH 47  118 90  HOH HOH B . 
D 2 HOH 48  119 92  HOH HOH B . 
D 2 HOH 49  120 93  HOH HOH B . 
D 2 HOH 50  121 94  HOH HOH B . 
D 2 HOH 51  122 95  HOH HOH B . 
D 2 HOH 52  123 97  HOH HOH B . 
D 2 HOH 53  124 99  HOH HOH B . 
D 2 HOH 54  125 101 HOH HOH B . 
D 2 HOH 55  126 102 HOH HOH B . 
D 2 HOH 56  127 106 HOH HOH B . 
D 2 HOH 57  128 110 HOH HOH B . 
D 2 HOH 58  129 111 HOH HOH B . 
D 2 HOH 59  130 112 HOH HOH B . 
D 2 HOH 60  131 115 HOH HOH B . 
D 2 HOH 61  132 116 HOH HOH B . 
D 2 HOH 62  133 117 HOH HOH B . 
D 2 HOH 63  134 118 HOH HOH B . 
D 2 HOH 64  135 119 HOH HOH B . 
D 2 HOH 65  136 121 HOH HOH B . 
D 2 HOH 66  137 122 HOH HOH B . 
D 2 HOH 67  138 123 HOH HOH B . 
D 2 HOH 68  139 124 HOH HOH B . 
D 2 HOH 69  140 126 HOH HOH B . 
D 2 HOH 70  141 129 HOH HOH B . 
D 2 HOH 71  142 130 HOH HOH B . 
D 2 HOH 72  143 135 HOH HOH B . 
D 2 HOH 73  144 138 HOH HOH B . 
D 2 HOH 74  145 139 HOH HOH B . 
D 2 HOH 75  146 140 HOH HOH B . 
D 2 HOH 76  147 141 HOH HOH B . 
D 2 HOH 77  148 143 HOH HOH B . 
D 2 HOH 78  149 144 HOH HOH B . 
D 2 HOH 79  150 145 HOH HOH B . 
D 2 HOH 80  151 147 HOH HOH B . 
D 2 HOH 81  152 148 HOH HOH B . 
D 2 HOH 82  153 150 HOH HOH B . 
D 2 HOH 83  154 151 HOH HOH B . 
D 2 HOH 84  155 153 HOH HOH B . 
D 2 HOH 85  156 156 HOH HOH B . 
D 2 HOH 86  157 157 HOH HOH B . 
D 2 HOH 87  158 158 HOH HOH B . 
D 2 HOH 88  159 159 HOH HOH B . 
D 2 HOH 89  160 160 HOH HOH B . 
D 2 HOH 90  161 161 HOH HOH B . 
D 2 HOH 91  162 163 HOH HOH B . 
D 2 HOH 92  163 164 HOH HOH B . 
D 2 HOH 93  164 171 HOH HOH B . 
D 2 HOH 94  165 174 HOH HOH B . 
D 2 HOH 95  166 176 HOH HOH B . 
D 2 HOH 96  167 178 HOH HOH B . 
D 2 HOH 97  168 179 HOH HOH B . 
D 2 HOH 98  169 180 HOH HOH B . 
D 2 HOH 99  170 182 HOH HOH B . 
D 2 HOH 100 171 185 HOH HOH B . 
D 2 HOH 101 172 187 HOH HOH B . 
D 2 HOH 102 173 188 HOH HOH B . 
D 2 HOH 103 174 192 HOH HOH B . 
D 2 HOH 104 175 193 HOH HOH B . 
D 2 HOH 105 176 194 HOH HOH B . 
D 2 HOH 106 177 195 HOH HOH B . 
D 2 HOH 107 178 196 HOH HOH B . 
D 2 HOH 108 179 197 HOH HOH B . 
D 2 HOH 109 180 198 HOH HOH B . 
D 2 HOH 110 181 199 HOH HOH B . 
D 2 HOH 111 182 200 HOH HOH B . 
D 2 HOH 112 183 201 HOH HOH B . 
D 2 HOH 113 184 202 HOH HOH B . 
D 2 HOH 114 185 204 HOH HOH B . 
D 2 HOH 115 186 205 HOH HOH B . 
D 2 HOH 116 187 206 HOH HOH B . 
D 2 HOH 117 188 207 HOH HOH B . 
D 2 HOH 118 189 208 HOH HOH B . 
D 2 HOH 119 190 210 HOH HOH B . 
D 2 HOH 120 191 213 HOH HOH B . 
D 2 HOH 121 192 214 HOH HOH B . 
D 2 HOH 122 193 216 HOH HOH B . 
D 2 HOH 123 194 217 HOH HOH B . 
D 2 HOH 124 195 220 HOH HOH B . 
D 2 HOH 125 196 221 HOH HOH B . 
D 2 HOH 126 197 222 HOH HOH B . 
D 2 HOH 127 198 224 HOH HOH B . 
D 2 HOH 128 199 225 HOH HOH B . 
# 
loop_
_software.name 
_software.classification 
_software.version 
_software.citation_id 
_software.pdbx_ordinal 
HKL-2000  'data collection' . ? 1 
HKL-2000  'data reduction'  . ? 2 
AMoRE     phasing           . ? 3 
SHELXL-97 refinement        . ? 4 
HKL-2000  'data scaling'    . ? 5 
# 
_cell.entry_id           1NR2 
_cell.length_a           47.772 
_cell.length_b           47.772 
_cell.length_c           58.166 
_cell.angle_alpha        90.00 
_cell.angle_beta         90.00 
_cell.angle_gamma        90.00 
_cell.Z_PDB              8 
_cell.pdbx_unique_axis   ? 
# 
_symmetry.entry_id                         1NR2 
_symmetry.space_group_name_H-M             'P 41' 
_symmetry.cell_setting                     tetragonal 
_symmetry.pdbx_full_space_group_name_H-M   ? 
_symmetry.Int_Tables_number                76 
# 
_exptl.entry_id          1NR2 
_exptl.method            'X-RAY DIFFRACTION' 
_exptl.crystals_number   1 
# 
_exptl_crystal.id                    1 
_exptl_crystal.density_Matthews      1.93 
_exptl_crystal.density_percent_sol   35.6 
_exptl_crystal.density_meas          ? 
_exptl_crystal.description           ? 
# 
_exptl_crystal_grow.crystal_id      1 
_exptl_crystal_grow.method          'VAPOR DIFFUSION, HANGING DROP' 
_exptl_crystal_grow.temp            288 
_exptl_crystal_grow.temp_details    ? 
_exptl_crystal_grow.pH              5.6 
_exptl_crystal_grow.pdbx_details    
;0.17M ammonium acetate, 0.085M trisodium citrate, 25.5% PEG 4000, 15% w/v glycerol, pH 5.6, VAPOR DIFFUSION, HANGING DROP, temperature 288K
;
_exptl_crystal_grow.pdbx_pH_range   ? 
# 
_diffrn.id                     1 
_diffrn.ambient_temp           90 
_diffrn.ambient_temp_details   ? 
_diffrn.crystal_id             1 
# 
_diffrn_detector.diffrn_id              1 
_diffrn_detector.detector               CCD 
_diffrn_detector.type                   'ADSC QUANTUM 4' 
_diffrn_detector.pdbx_collection_date   2002-06-04 
_diffrn_detector.details                ? 
# 
_diffrn_radiation.diffrn_id                        1 
_diffrn_radiation.wavelength_id                    1 
_diffrn_radiation.pdbx_monochromatic_or_laue_m_l   M 
_diffrn_radiation.monochromator                    Mirrors 
_diffrn_radiation.pdbx_diffrn_protocol             'SINGLE WAVELENGTH' 
_diffrn_radiation.pdbx_scattering_type             x-ray 
# 
_diffrn_radiation_wavelength.id           1 
_diffrn_radiation_wavelength.wavelength   0.9790 
_diffrn_radiation_wavelength.wt           1.0 
# 
_diffrn_source.diffrn_id                   1 
_diffrn_source.source                      SYNCHROTRON 
_diffrn_source.type                        'NSLS BEAMLINE X9B' 
_diffrn_source.pdbx_synchrotron_site       NSLS 
_diffrn_source.pdbx_synchrotron_beamline   X9B 
_diffrn_source.pdbx_wavelength             ? 
_diffrn_source.pdbx_wavelength_list        0.9790 
# 
_reflns.entry_id                     1NR2 
_reflns.observed_criterion_sigma_I   0.00 
_reflns.observed_criterion_sigma_F   0.0 
_reflns.d_resolution_low             10 
_reflns.d_resolution_high            2.18 
_reflns.number_obs                   6647 
_reflns.number_all                   6647 
_reflns.percent_possible_obs         92.2 
_reflns.pdbx_Rmerge_I_obs            0.062 
_reflns.pdbx_Rsym_value              0.064 
_reflns.pdbx_netI_over_sigmaI        19 
_reflns.B_iso_Wilson_estimate        ? 
_reflns.pdbx_redundancy              3.5 
_reflns.R_free_details               ? 
_reflns.limit_h_max                  ? 
_reflns.limit_h_min                  ? 
_reflns.limit_k_max                  ? 
_reflns.limit_k_min                  ? 
_reflns.limit_l_max                  ? 
_reflns.limit_l_min                  ? 
_reflns.observed_criterion_F_max     ? 
_reflns.observed_criterion_F_min     ? 
_reflns.pdbx_diffrn_id               1 
_reflns.pdbx_ordinal                 1 
# 
_reflns_shell.d_res_high             2.18 
_reflns_shell.d_res_low              2.26 
_reflns_shell.percent_possible_all   93.4 
_reflns_shell.Rmerge_I_obs           0.194 
_reflns_shell.pdbx_Rsym_value        0.271 
_reflns_shell.meanI_over_sigI_obs    ? 
_reflns_shell.pdbx_redundancy        2.5 
_reflns_shell.percent_possible_obs   ? 
_reflns_shell.number_unique_all      ? 
_reflns_shell.pdbx_diffrn_id         ? 
_reflns_shell.pdbx_ordinal           1 
# 
_refine.entry_id                                 1NR2 
_refine.ls_number_reflns_obs                     6019 
_refine.ls_number_reflns_all                     6225 
_refine.pdbx_ls_sigma_I                          ? 
_refine.pdbx_ls_sigma_F                          0.0 
_refine.pdbx_data_cutoff_high_absF               ? 
_refine.pdbx_data_cutoff_low_absF                ? 
_refine.ls_d_res_low                             10.00 
_refine.ls_d_res_high                            2.18 
_refine.ls_percent_reflns_obs                    95.8 
_refine.ls_R_factor_obs                          ? 
_refine.ls_R_factor_all                          0.1924 
_refine.ls_R_factor_R_work                       0.1857 
_refine.ls_R_factor_R_free                       0.299 
_refine.ls_R_factor_R_free_error                 ? 
_refine.ls_R_factor_R_free_error_details         ? 
_refine.ls_percent_reflns_R_free                 5 
_refine.ls_number_reflns_R_free                  334 
_refine.ls_number_parameters                     4927 
_refine.ls_number_restraints                     4188 
_refine.occupancy_min                            ? 
_refine.occupancy_max                            ? 
_refine.correlation_coeff_Fo_to_Fc               ? 
_refine.correlation_coeff_Fo_to_Fc_free          ? 
_refine.B_iso_mean                               ? 
_refine.aniso_B[1][1]                            ? 
_refine.aniso_B[2][2]                            ? 
_refine.aniso_B[3][3]                            ? 
_refine.aniso_B[1][2]                            ? 
_refine.aniso_B[1][3]                            ? 
_refine.aniso_B[2][3]                            ? 
_refine.solvent_model_details                    ? 
_refine.solvent_model_param_ksol                 ? 
_refine.solvent_model_param_bsol                 ? 
_refine.pdbx_solvent_vdw_probe_radii             ? 
_refine.pdbx_solvent_ion_probe_radii             ? 
_refine.pdbx_solvent_shrinkage_radii             ? 
_refine.pdbx_ls_cross_valid_method               'FREE R' 
_refine.details                                  ? 
_refine.pdbx_starting_model                      RANTES 
_refine.pdbx_method_to_determine_struct          'MOLECULAR REPLACEMENT' 
_refine.pdbx_isotropic_thermal_model             ? 
_refine.pdbx_stereochemistry_target_values       'ENGH AND HUBER' 
_refine.pdbx_stereochem_target_val_spec_case     ? 
_refine.pdbx_R_Free_selection_details            RANDOM 
_refine.pdbx_overall_ESU_R_Free                  ? 
_refine.overall_SU_B                             ? 
_refine.ls_redundancy_reflns_obs                 ? 
_refine.B_iso_min                                ? 
_refine.B_iso_max                                ? 
_refine.overall_SU_R_Cruickshank_DPI             ? 
_refine.overall_SU_R_free                        ? 
_refine.overall_SU_ML                            ? 
_refine.pdbx_overall_ESU_R                       ? 
_refine.pdbx_data_cutoff_high_rms_absF           ? 
_refine.pdbx_refine_id                           'X-RAY DIFFRACTION' 
_refine.pdbx_diffrn_id                           1 
_refine.pdbx_TLS_residual_ADP_flag               ? 
_refine.pdbx_overall_phase_error                 ? 
_refine.pdbx_overall_SU_R_free_Cruickshank_DPI   ? 
_refine.pdbx_overall_SU_R_Blow_DPI               ? 
_refine.pdbx_overall_SU_R_free_Blow_DPI          ? 
# 
_refine_analyze.entry_id                        1NR2 
_refine_analyze.Luzzati_coordinate_error_obs    ? 
_refine_analyze.Luzzati_sigma_a_obs             ? 
_refine_analyze.Luzzati_d_res_low_obs           ? 
_refine_analyze.Luzzati_coordinate_error_free   ? 
_refine_analyze.Luzzati_sigma_a_free            ? 
_refine_analyze.Luzzati_d_res_low_free          ? 
_refine_analyze.number_disordered_residues      0 
_refine_analyze.occupancy_sum_hydrogen          0.00 
_refine_analyze.occupancy_sum_non_hydrogen      1231.00 
_refine_analyze.pdbx_Luzzati_d_res_high_obs     ? 
_refine_analyze.pdbx_refine_id                  'X-RAY DIFFRACTION' 
# 
_refine_hist.pdbx_refine_id                   'X-RAY DIFFRACTION' 
_refine_hist.cycle_id                         LAST 
_refine_hist.pdbx_number_atoms_protein        1004 
_refine_hist.pdbx_number_atoms_nucleic_acid   0 
_refine_hist.pdbx_number_atoms_ligand         0 
_refine_hist.number_atoms_solvent             225 
_refine_hist.number_atoms_total               1229 
_refine_hist.d_res_high                       2.18 
_refine_hist.d_res_low                        10.00 
# 
loop_
_refine_ls_restr.type 
_refine_ls_restr.dev_ideal 
_refine_ls_restr.dev_ideal_target 
_refine_ls_restr.weight 
_refine_ls_restr.number 
_refine_ls_restr.pdbx_refine_id 
_refine_ls_restr.pdbx_restraint_function 
s_bond_d               0.004  ? ? ? 'X-RAY DIFFRACTION' ? 
s_angle_d              0.018  ? ? ? 'X-RAY DIFFRACTION' ? 
s_similar_dist         0.000  ? ? ? 'X-RAY DIFFRACTION' ? 
s_from_restr_planes    0.0208 ? ? ? 'X-RAY DIFFRACTION' ? 
s_zero_chiral_vol      0.023  ? ? ? 'X-RAY DIFFRACTION' ? 
s_non_zero_chiral_vol  0.026  ? ? ? 'X-RAY DIFFRACTION' ? 
s_anti_bump_dis_restr  0.016  ? ? ? 'X-RAY DIFFRACTION' ? 
s_rigid_bond_adp_cmpnt 0.000  ? ? ? 'X-RAY DIFFRACTION' ? 
s_similar_adp_cmpnt    0.086  ? ? ? 'X-RAY DIFFRACTION' ? 
s_approx_iso_adps      0.000  ? ? ? 'X-RAY DIFFRACTION' ? 
# 
_pdbx_refine.entry_id                                    1NR2 
_pdbx_refine.R_factor_all_no_cutoff                      0.1856 
_pdbx_refine.R_factor_obs_no_cutoff                      0.1857 
_pdbx_refine.free_R_factor_no_cutoff                     0.299 
_pdbx_refine.free_R_val_test_set_size_perc_no_cutoff     5 
_pdbx_refine.free_R_val_test_set_ct_no_cutoff            334 
_pdbx_refine.R_factor_all_4sig_cutoff                    0.1817 
_pdbx_refine.R_factor_obs_4sig_cutoff                    0.1817 
_pdbx_refine.free_R_factor_4sig_cutoff                   0.2943 
_pdbx_refine.free_R_val_test_set_size_perc_4sig_cutoff   ? 
_pdbx_refine.free_R_val_test_set_ct_4sig_cutoff          328 
_pdbx_refine.number_reflns_obs_4sig_cutoff               6019 
_pdbx_refine.number_reflns_obs_no_cutoff                 ? 
_pdbx_refine.pdbx_refine_id                              'X-RAY DIFFRACTION' 
_pdbx_refine.free_R_error_no_cutoff                      ? 
# 
_struct.entry_id                  1NR2 
_struct.title                     'High resolution crystal structures of thymus and activation-regulated chemokine' 
_struct.pdbx_model_details        ? 
_struct.pdbx_CASP_flag            ? 
_struct.pdbx_model_type_details   ? 
# 
_struct_keywords.entry_id        1NR2 
_struct_keywords.pdbx_keywords   CYTOKINE 
_struct_keywords.text            'TARC, chemokine, cytokine, CC-chemokine, chemotaxis' 
# 
loop_
_struct_asym.id 
_struct_asym.pdbx_blank_PDB_chainid_flag 
_struct_asym.pdbx_modified 
_struct_asym.entity_id 
_struct_asym.details 
A N N 1 ? 
B N N 1 ? 
C N N 2 ? 
D N N 2 ? 
# 
_struct_ref.id                         1 
_struct_ref.entity_id                  1 
_struct_ref.db_name                    UNP 
_struct_ref.db_code                    CCL17_HUMAN 
_struct_ref.pdbx_db_accession          Q92583 
_struct_ref.pdbx_align_begin           24 
_struct_ref.pdbx_seq_one_letter_code   ARGTNVGRECCLEYFKGAIPLRKLKTWYQTSEDCSRDAIVFVTVQGRAICSDPNNKRVKNAVKYLQSLERS 
_struct_ref.pdbx_db_isoform            ? 
# 
loop_
_struct_ref_seq.align_id 
_struct_ref_seq.ref_id 
_struct_ref_seq.pdbx_PDB_id_code 
_struct_ref_seq.pdbx_strand_id 
_struct_ref_seq.seq_align_beg 
_struct_ref_seq.pdbx_seq_align_beg_ins_code 
_struct_ref_seq.seq_align_end 
_struct_ref_seq.pdbx_seq_align_end_ins_code 
_struct_ref_seq.pdbx_db_accession 
_struct_ref_seq.db_align_beg 
_struct_ref_seq.pdbx_db_align_beg_ins_code 
_struct_ref_seq.db_align_end 
_struct_ref_seq.pdbx_db_align_end_ins_code 
_struct_ref_seq.pdbx_auth_seq_align_beg 
_struct_ref_seq.pdbx_auth_seq_align_end 
1 1 1NR2 A 1 ? 71 ? Q92583 24 ? 94 ? 1 71 
2 1 1NR2 B 1 ? 71 ? Q92583 24 ? 94 ? 1 71 
# 
loop_
_pdbx_struct_assembly.id 
_pdbx_struct_assembly.details 
_pdbx_struct_assembly.method_details 
_pdbx_struct_assembly.oligomeric_details 
_pdbx_struct_assembly.oligomeric_count 
1 author_defined_assembly ? monomeric 1 
2 author_defined_assembly ? monomeric 1 
# 
loop_
_pdbx_struct_assembly_gen.assembly_id 
_pdbx_struct_assembly_gen.oper_expression 
_pdbx_struct_assembly_gen.asym_id_list 
1 1 A,C 
2 1 B,D 
# 
_pdbx_struct_oper_list.id                   1 
_pdbx_struct_oper_list.type                 'identity operation' 
_pdbx_struct_oper_list.name                 1_555 
_pdbx_struct_oper_list.symmetry_operation   x,y,z 
_pdbx_struct_oper_list.matrix[1][1]         1.0000000000 
_pdbx_struct_oper_list.matrix[1][2]         0.0000000000 
_pdbx_struct_oper_list.matrix[1][3]         0.0000000000 
_pdbx_struct_oper_list.vector[1]            0.0000000000 
_pdbx_struct_oper_list.matrix[2][1]         0.0000000000 
_pdbx_struct_oper_list.matrix[2][2]         1.0000000000 
_pdbx_struct_oper_list.matrix[2][3]         0.0000000000 
_pdbx_struct_oper_list.vector[2]            0.0000000000 
_pdbx_struct_oper_list.matrix[3][1]         0.0000000000 
_pdbx_struct_oper_list.matrix[3][2]         0.0000000000 
_pdbx_struct_oper_list.matrix[3][3]         1.0000000000 
_pdbx_struct_oper_list.vector[3]            0.0000000000 
# 
loop_
_struct_biol.id 
_struct_biol.pdbx_parent_biol_id 
_struct_biol.details 
1 ? ? 
2 ? ? 
# 
loop_
_struct_conf.conf_type_id 
_struct_conf.id 
_struct_conf.pdbx_PDB_helix_id 
_struct_conf.beg_label_comp_id 
_struct_conf.beg_label_asym_id 
_struct_conf.beg_label_seq_id 
_struct_conf.pdbx_beg_PDB_ins_code 
_struct_conf.end_label_comp_id 
_struct_conf.end_label_asym_id 
_struct_conf.end_label_seq_id 
_struct_conf.pdbx_end_PDB_ins_code 
_struct_conf.beg_auth_comp_id 
_struct_conf.beg_auth_asym_id 
_struct_conf.beg_auth_seq_id 
_struct_conf.end_auth_comp_id 
_struct_conf.end_auth_asym_id 
_struct_conf.end_auth_seq_id 
_struct_conf.pdbx_PDB_helix_class 
_struct_conf.details 
_struct_conf.pdbx_PDB_helix_length 
HELX_P HELX_P1 1 ASN A 55 ? SER A 67 ? ASN A 55 SER A 67 1 ? 13 
HELX_P HELX_P2 2 ASN B 55 ? LEU B 68 ? ASN B 55 LEU B 68 1 ? 14 
# 
_struct_conf_type.id          HELX_P 
_struct_conf_type.criteria    ? 
_struct_conf_type.reference   ? 
# 
loop_
_struct_conn.id 
_struct_conn.conn_type_id 
_struct_conn.pdbx_leaving_atom_flag 
_struct_conn.pdbx_PDB_id 
_struct_conn.ptnr1_label_asym_id 
_struct_conn.ptnr1_label_comp_id 
_struct_conn.ptnr1_label_seq_id 
_struct_conn.ptnr1_label_atom_id 
_struct_conn.pdbx_ptnr1_label_alt_id 
_struct_conn.pdbx_ptnr1_PDB_ins_code 
_struct_conn.pdbx_ptnr1_standard_comp_id 
_struct_conn.ptnr1_symmetry 
_struct_conn.ptnr2_label_asym_id 
_struct_conn.ptnr2_label_comp_id 
_struct_conn.ptnr2_label_seq_id 
_struct_conn.ptnr2_label_atom_id 
_struct_conn.pdbx_ptnr2_label_alt_id 
_struct_conn.pdbx_ptnr2_PDB_ins_code 
_struct_conn.ptnr1_auth_asym_id 
_struct_conn.ptnr1_auth_comp_id 
_struct_conn.ptnr1_auth_seq_id 
_struct_conn.ptnr2_auth_asym_id 
_struct_conn.ptnr2_auth_comp_id 
_struct_conn.ptnr2_auth_seq_id 
_struct_conn.ptnr2_symmetry 
_struct_conn.pdbx_ptnr3_label_atom_id 
_struct_conn.pdbx_ptnr3_label_seq_id 
_struct_conn.pdbx_ptnr3_label_comp_id 
_struct_conn.pdbx_ptnr3_label_asym_id 
_struct_conn.pdbx_ptnr3_label_alt_id 
_struct_conn.pdbx_ptnr3_PDB_ins_code 
_struct_conn.details 
_struct_conn.pdbx_dist_value 
_struct_conn.pdbx_value_order 
_struct_conn.pdbx_role 
disulf1 disulf ? ? A CYS 10 SG ? ? ? 1_555 A CYS 34 SG ? ? A CYS 10 A CYS 34 1_555 ? ? ? ? ? ? ? 2.031 ? ? 
disulf2 disulf ? ? A CYS 11 SG ? ? ? 1_555 A CYS 50 SG ? ? A CYS 11 A CYS 50 1_555 ? ? ? ? ? ? ? 2.024 ? ? 
disulf3 disulf ? ? B CYS 10 SG ? ? ? 1_555 B CYS 34 SG ? ? B CYS 10 B CYS 34 1_555 ? ? ? ? ? ? ? 2.033 ? ? 
disulf4 disulf ? ? B CYS 11 SG ? ? ? 1_555 B CYS 50 SG ? ? B CYS 11 B CYS 50 1_555 ? ? ? ? ? ? ? 2.033 ? ? 
# 
_struct_conn_type.id          disulf 
_struct_conn_type.criteria    ? 
_struct_conn_type.reference   ? 
# 
loop_
_pdbx_modification_feature.ordinal 
_pdbx_modification_feature.label_comp_id 
_pdbx_modification_feature.label_asym_id 
_pdbx_modification_feature.label_seq_id 
_pdbx_modification_feature.label_alt_id 
_pdbx_modification_feature.modified_residue_label_comp_id 
_pdbx_modification_feature.modified_residue_label_asym_id 
_pdbx_modification_feature.modified_residue_label_seq_id 
_pdbx_modification_feature.modified_residue_label_alt_id 
_pdbx_modification_feature.auth_comp_id 
_pdbx_modification_feature.auth_asym_id 
_pdbx_modification_feature.auth_seq_id 
_pdbx_modification_feature.PDB_ins_code 
_pdbx_modification_feature.symmetry 
_pdbx_modification_feature.modified_residue_auth_comp_id 
_pdbx_modification_feature.modified_residue_auth_asym_id 
_pdbx_modification_feature.modified_residue_auth_seq_id 
_pdbx_modification_feature.modified_residue_PDB_ins_code 
_pdbx_modification_feature.modified_residue_symmetry 
_pdbx_modification_feature.comp_id_linking_atom 
_pdbx_modification_feature.modified_residue_id_linking_atom 
_pdbx_modification_feature.modified_residue_id 
_pdbx_modification_feature.ref_pcm_id 
_pdbx_modification_feature.ref_comp_id 
_pdbx_modification_feature.type 
_pdbx_modification_feature.category 
1 CYS A 10 ? CYS A 34 ? CYS A 10 ? 1_555 CYS A 34 ? 1_555 SG SG . . . None 'Disulfide bridge' 
2 CYS A 11 ? CYS A 50 ? CYS A 11 ? 1_555 CYS A 50 ? 1_555 SG SG . . . None 'Disulfide bridge' 
3 CYS B 10 ? CYS B 34 ? CYS B 10 ? 1_555 CYS B 34 ? 1_555 SG SG . . . None 'Disulfide bridge' 
4 CYS B 11 ? CYS B 50 ? CYS B 11 ? 1_555 CYS B 50 ? 1_555 SG SG . . . None 'Disulfide bridge' 
# 
loop_
_struct_sheet.id 
_struct_sheet.type 
_struct_sheet.number_strands 
_struct_sheet.details 
A ? 3 ? 
B ? 3 ? 
# 
loop_
_struct_sheet_order.sheet_id 
_struct_sheet_order.range_id_1 
_struct_sheet_order.range_id_2 
_struct_sheet_order.offset 
_struct_sheet_order.sense 
A 1 2 ? anti-parallel 
A 2 3 ? anti-parallel 
B 1 2 ? anti-parallel 
B 2 3 ? anti-parallel 
# 
loop_
_struct_sheet_range.sheet_id 
_struct_sheet_range.id 
_struct_sheet_range.beg_label_comp_id 
_struct_sheet_range.beg_label_asym_id 
_struct_sheet_range.beg_label_seq_id 
_struct_sheet_range.pdbx_beg_PDB_ins_code 
_struct_sheet_range.end_label_comp_id 
_struct_sheet_range.end_label_asym_id 
_struct_sheet_range.end_label_seq_id 
_struct_sheet_range.pdbx_end_PDB_ins_code 
_struct_sheet_range.beg_auth_comp_id 
_struct_sheet_range.beg_auth_asym_id 
_struct_sheet_range.beg_auth_seq_id 
_struct_sheet_range.end_auth_comp_id 
_struct_sheet_range.end_auth_asym_id 
_struct_sheet_range.end_auth_seq_id 
A 1 LEU A 24 ? GLN A 29 ? LEU A 24 GLN A 29 
A 2 ILE A 39 ? THR A 43 ? ILE A 39 THR A 43 
A 3 ALA A 48 ? SER A 51 ? ALA A 48 SER A 51 
B 1 LEU B 24 ? GLN B 29 ? LEU B 24 GLN B 29 
B 2 ILE B 39 ? THR B 43 ? ILE B 39 THR B 43 
B 3 ALA B 48 ? SER B 51 ? ALA B 48 SER B 51 
# 
loop_
_pdbx_struct_sheet_hbond.sheet_id 
_pdbx_struct_sheet_hbond.range_id_1 
_pdbx_struct_sheet_hbond.range_id_2 
_pdbx_struct_sheet_hbond.range_1_label_atom_id 
_pdbx_struct_sheet_hbond.range_1_label_comp_id 
_pdbx_struct_sheet_hbond.range_1_label_asym_id 
_pdbx_struct_sheet_hbond.range_1_label_seq_id 
_pdbx_struct_sheet_hbond.range_1_PDB_ins_code 
_pdbx_struct_sheet_hbond.range_1_auth_atom_id 
_pdbx_struct_sheet_hbond.range_1_auth_comp_id 
_pdbx_struct_sheet_hbond.range_1_auth_asym_id 
_pdbx_struct_sheet_hbond.range_1_auth_seq_id 
_pdbx_struct_sheet_hbond.range_2_label_atom_id 
_pdbx_struct_sheet_hbond.range_2_label_comp_id 
_pdbx_struct_sheet_hbond.range_2_label_asym_id 
_pdbx_struct_sheet_hbond.range_2_label_seq_id 
_pdbx_struct_sheet_hbond.range_2_PDB_ins_code 
_pdbx_struct_sheet_hbond.range_2_auth_atom_id 
_pdbx_struct_sheet_hbond.range_2_auth_comp_id 
_pdbx_struct_sheet_hbond.range_2_auth_asym_id 
_pdbx_struct_sheet_hbond.range_2_auth_seq_id 
A 1 2 N THR A 26 ? N THR A 26 O VAL A 42 ? O VAL A 42 
A 2 3 N ILE A 39 ? N ILE A 39 O SER A 51 ? O SER A 51 
B 1 2 N THR B 26 ? N THR B 26 O VAL B 42 ? O VAL B 42 
B 2 3 N PHE B 41 ? N PHE B 41 O ILE B 49 ? O ILE B 49 
# 
_pdbx_entry_details.entry_id                   1NR2 
_pdbx_entry_details.compound_details           ? 
_pdbx_entry_details.source_details             ? 
_pdbx_entry_details.nonpolymer_details         ? 
_pdbx_entry_details.sequence_details           ? 
_pdbx_entry_details.has_ligand_of_interest     ? 
_pdbx_entry_details.has_protein_modification   Y 
# 
loop_
_pdbx_validate_rmsd_bond.id 
_pdbx_validate_rmsd_bond.PDB_model_num 
_pdbx_validate_rmsd_bond.auth_atom_id_1 
_pdbx_validate_rmsd_bond.auth_asym_id_1 
_pdbx_validate_rmsd_bond.auth_comp_id_1 
_pdbx_validate_rmsd_bond.auth_seq_id_1 
_pdbx_validate_rmsd_bond.PDB_ins_code_1 
_pdbx_validate_rmsd_bond.label_alt_id_1 
_pdbx_validate_rmsd_bond.auth_atom_id_2 
_pdbx_validate_rmsd_bond.auth_asym_id_2 
_pdbx_validate_rmsd_bond.auth_comp_id_2 
_pdbx_validate_rmsd_bond.auth_seq_id_2 
_pdbx_validate_rmsd_bond.PDB_ins_code_2 
_pdbx_validate_rmsd_bond.label_alt_id_2 
_pdbx_validate_rmsd_bond.bond_value 
_pdbx_validate_rmsd_bond.bond_target_value 
_pdbx_validate_rmsd_bond.bond_deviation 
_pdbx_validate_rmsd_bond.bond_standard_deviation 
_pdbx_validate_rmsd_bond.linker_flag 
1 1 C A GLU 69 ? ? O A GLU 69 ? ? 1.639 1.229 0.410 0.019 N 
2 1 C B GLU 69 ? ? O B GLU 69 ? ? 1.356 1.229 0.127 0.019 N 
# 
_pdbx_validate_rmsd_angle.id                         1 
_pdbx_validate_rmsd_angle.PDB_model_num              1 
_pdbx_validate_rmsd_angle.auth_atom_id_1             CA 
_pdbx_validate_rmsd_angle.auth_asym_id_1             B 
_pdbx_validate_rmsd_angle.auth_comp_id_1             GLU 
_pdbx_validate_rmsd_angle.auth_seq_id_1              69 
_pdbx_validate_rmsd_angle.PDB_ins_code_1             ? 
_pdbx_validate_rmsd_angle.label_alt_id_1             ? 
_pdbx_validate_rmsd_angle.auth_atom_id_2             C 
_pdbx_validate_rmsd_angle.auth_asym_id_2             B 
_pdbx_validate_rmsd_angle.auth_comp_id_2             GLU 
_pdbx_validate_rmsd_angle.auth_seq_id_2              69 
_pdbx_validate_rmsd_angle.PDB_ins_code_2             ? 
_pdbx_validate_rmsd_angle.label_alt_id_2             ? 
_pdbx_validate_rmsd_angle.auth_atom_id_3             O 
_pdbx_validate_rmsd_angle.auth_asym_id_3             B 
_pdbx_validate_rmsd_angle.auth_comp_id_3             GLU 
_pdbx_validate_rmsd_angle.auth_seq_id_3              69 
_pdbx_validate_rmsd_angle.PDB_ins_code_3             ? 
_pdbx_validate_rmsd_angle.label_alt_id_3             ? 
_pdbx_validate_rmsd_angle.angle_value                169.41 
_pdbx_validate_rmsd_angle.angle_target_value         120.10 
_pdbx_validate_rmsd_angle.angle_deviation            49.31 
_pdbx_validate_rmsd_angle.angle_standard_deviation   2.10 
_pdbx_validate_rmsd_angle.linker_flag                N 
# 
loop_
_pdbx_validate_torsion.id 
_pdbx_validate_torsion.PDB_model_num 
_pdbx_validate_torsion.auth_comp_id 
_pdbx_validate_torsion.auth_asym_id 
_pdbx_validate_torsion.auth_seq_id 
_pdbx_validate_torsion.PDB_ins_code 
_pdbx_validate_torsion.label_alt_id 
_pdbx_validate_torsion.phi 
_pdbx_validate_torsion.psi 
1 1 GLU A 9  ? ? 30.43  99.84  
2 1 TYR A 64 ? ? -49.46 -71.38 
3 1 LEU A 65 ? ? -31.83 -70.42 
4 1 THR B 26 ? ? 177.81 175.59 
5 1 THR B 30 ? ? -44.17 151.73 
# 
loop_
_pdbx_unobs_or_zero_occ_residues.id 
_pdbx_unobs_or_zero_occ_residues.PDB_model_num 
_pdbx_unobs_or_zero_occ_residues.polymer_flag 
_pdbx_unobs_or_zero_occ_residues.occupancy_flag 
_pdbx_unobs_or_zero_occ_residues.auth_asym_id 
_pdbx_unobs_or_zero_occ_residues.auth_comp_id 
_pdbx_unobs_or_zero_occ_residues.auth_seq_id 
_pdbx_unobs_or_zero_occ_residues.PDB_ins_code 
_pdbx_unobs_or_zero_occ_residues.label_asym_id 
_pdbx_unobs_or_zero_occ_residues.label_comp_id 
_pdbx_unobs_or_zero_occ_residues.label_seq_id 
1  1 Y 1 A ALA 1  ? A ALA 1  
2  1 Y 1 A ARG 2  ? A ARG 2  
3  1 Y 1 A GLY 3  ? A GLY 3  
4  1 Y 1 A THR 4  ? A THR 4  
5  1 Y 1 A ASN 5  ? A ASN 5  
6  1 Y 1 A VAL 6  ? A VAL 6  
7  1 Y 1 A GLY 7  ? A GLY 7  
8  1 Y 1 A ARG 70 ? A ARG 70 
9  1 Y 1 A SER 71 ? A SER 71 
10 1 Y 1 B ALA 1  ? B ALA 1  
11 1 Y 1 B ARG 2  ? B ARG 2  
12 1 Y 1 B GLY 3  ? B GLY 3  
13 1 Y 1 B THR 4  ? B THR 4  
14 1 Y 1 B ASN 5  ? B ASN 5  
15 1 Y 1 B VAL 6  ? B VAL 6  
16 1 Y 1 B GLY 7  ? B GLY 7  
17 1 Y 1 B ARG 70 ? B ARG 70 
18 1 Y 1 B SER 71 ? B SER 71 
# 
loop_
_chem_comp_atom.comp_id 
_chem_comp_atom.atom_id 
_chem_comp_atom.type_symbol 
_chem_comp_atom.pdbx_aromatic_flag 
_chem_comp_atom.pdbx_stereo_config 
_chem_comp_atom.pdbx_ordinal 
ALA N    N N N 1   
ALA CA   C N S 2   
ALA C    C N N 3   
ALA O    O N N 4   
ALA CB   C N N 5   
ALA OXT  O N N 6   
ALA H    H N N 7   
ALA H2   H N N 8   
ALA HA   H N N 9   
ALA HB1  H N N 10  
ALA HB2  H N N 11  
ALA HB3  H N N 12  
ALA HXT  H N N 13  
ARG N    N N N 14  
ARG CA   C N S 15  
ARG C    C N N 16  
ARG O    O N N 17  
ARG CB   C N N 18  
ARG CG   C N N 19  
ARG CD   C N N 20  
ARG NE   N N N 21  
ARG CZ   C N N 22  
ARG NH1  N N N 23  
ARG NH2  N N N 24  
ARG OXT  O N N 25  
ARG H    H N N 26  
ARG H2   H N N 27  
ARG HA   H N N 28  
ARG HB2  H N N 29  
ARG HB3  H N N 30  
ARG HG2  H N N 31  
ARG HG3  H N N 32  
ARG HD2  H N N 33  
ARG HD3  H N N 34  
ARG HE   H N N 35  
ARG HH11 H N N 36  
ARG HH12 H N N 37  
ARG HH21 H N N 38  
ARG HH22 H N N 39  
ARG HXT  H N N 40  
ASN N    N N N 41  
ASN CA   C N S 42  
ASN C    C N N 43  
ASN O    O N N 44  
ASN CB   C N N 45  
ASN CG   C N N 46  
ASN OD1  O N N 47  
ASN ND2  N N N 48  
ASN OXT  O N N 49  
ASN H    H N N 50  
ASN H2   H N N 51  
ASN HA   H N N 52  
ASN HB2  H N N 53  
ASN HB3  H N N 54  
ASN HD21 H N N 55  
ASN HD22 H N N 56  
ASN HXT  H N N 57  
ASP N    N N N 58  
ASP CA   C N S 59  
ASP C    C N N 60  
ASP O    O N N 61  
ASP CB   C N N 62  
ASP CG   C N N 63  
ASP OD1  O N N 64  
ASP OD2  O N N 65  
ASP OXT  O N N 66  
ASP H    H N N 67  
ASP H2   H N N 68  
ASP HA   H N N 69  
ASP HB2  H N N 70  
ASP HB3  H N N 71  
ASP HD2  H N N 72  
ASP HXT  H N N 73  
CYS N    N N N 74  
CYS CA   C N R 75  
CYS C    C N N 76  
CYS O    O N N 77  
CYS CB   C N N 78  
CYS SG   S N N 79  
CYS OXT  O N N 80  
CYS H    H N N 81  
CYS H2   H N N 82  
CYS HA   H N N 83  
CYS HB2  H N N 84  
CYS HB3  H N N 85  
CYS HG   H N N 86  
CYS HXT  H N N 87  
GLN N    N N N 88  
GLN CA   C N S 89  
GLN C    C N N 90  
GLN O    O N N 91  
GLN CB   C N N 92  
GLN CG   C N N 93  
GLN CD   C N N 94  
GLN OE1  O N N 95  
GLN NE2  N N N 96  
GLN OXT  O N N 97  
GLN H    H N N 98  
GLN H2   H N N 99  
GLN HA   H N N 100 
GLN HB2  H N N 101 
GLN HB3  H N N 102 
GLN HG2  H N N 103 
GLN HG3  H N N 104 
GLN HE21 H N N 105 
GLN HE22 H N N 106 
GLN HXT  H N N 107 
GLU N    N N N 108 
GLU CA   C N S 109 
GLU C    C N N 110 
GLU O    O N N 111 
GLU CB   C N N 112 
GLU CG   C N N 113 
GLU CD   C N N 114 
GLU OE1  O N N 115 
GLU OE2  O N N 116 
GLU OXT  O N N 117 
GLU H    H N N 118 
GLU H2   H N N 119 
GLU HA   H N N 120 
GLU HB2  H N N 121 
GLU HB3  H N N 122 
GLU HG2  H N N 123 
GLU HG3  H N N 124 
GLU HE2  H N N 125 
GLU HXT  H N N 126 
GLY N    N N N 127 
GLY CA   C N N 128 
GLY C    C N N 129 
GLY O    O N N 130 
GLY OXT  O N N 131 
GLY H    H N N 132 
GLY H2   H N N 133 
GLY HA2  H N N 134 
GLY HA3  H N N 135 
GLY HXT  H N N 136 
HOH O    O N N 137 
HOH H1   H N N 138 
HOH H2   H N N 139 
ILE N    N N N 140 
ILE CA   C N S 141 
ILE C    C N N 142 
ILE O    O N N 143 
ILE CB   C N S 144 
ILE CG1  C N N 145 
ILE CG2  C N N 146 
ILE CD1  C N N 147 
ILE OXT  O N N 148 
ILE H    H N N 149 
ILE H2   H N N 150 
ILE HA   H N N 151 
ILE HB   H N N 152 
ILE HG12 H N N 153 
ILE HG13 H N N 154 
ILE HG21 H N N 155 
ILE HG22 H N N 156 
ILE HG23 H N N 157 
ILE HD11 H N N 158 
ILE HD12 H N N 159 
ILE HD13 H N N 160 
ILE HXT  H N N 161 
LEU N    N N N 162 
LEU CA   C N S 163 
LEU C    C N N 164 
LEU O    O N N 165 
LEU CB   C N N 166 
LEU CG   C N N 167 
LEU CD1  C N N 168 
LEU CD2  C N N 169 
LEU OXT  O N N 170 
LEU H    H N N 171 
LEU H2   H N N 172 
LEU HA   H N N 173 
LEU HB2  H N N 174 
LEU HB3  H N N 175 
LEU HG   H N N 176 
LEU HD11 H N N 177 
LEU HD12 H N N 178 
LEU HD13 H N N 179 
LEU HD21 H N N 180 
LEU HD22 H N N 181 
LEU HD23 H N N 182 
LEU HXT  H N N 183 
LYS N    N N N 184 
LYS CA   C N S 185 
LYS C    C N N 186 
LYS O    O N N 187 
LYS CB   C N N 188 
LYS CG   C N N 189 
LYS CD   C N N 190 
LYS CE   C N N 191 
LYS NZ   N N N 192 
LYS OXT  O N N 193 
LYS H    H N N 194 
LYS H2   H N N 195 
LYS HA   H N N 196 
LYS HB2  H N N 197 
LYS HB3  H N N 198 
LYS HG2  H N N 199 
LYS HG3  H N N 200 
LYS HD2  H N N 201 
LYS HD3  H N N 202 
LYS HE2  H N N 203 
LYS HE3  H N N 204 
LYS HZ1  H N N 205 
LYS HZ2  H N N 206 
LYS HZ3  H N N 207 
LYS HXT  H N N 208 
PHE N    N N N 209 
PHE CA   C N S 210 
PHE C    C N N 211 
PHE O    O N N 212 
PHE CB   C N N 213 
PHE CG   C Y N 214 
PHE CD1  C Y N 215 
PHE CD2  C Y N 216 
PHE CE1  C Y N 217 
PHE CE2  C Y N 218 
PHE CZ   C Y N 219 
PHE OXT  O N N 220 
PHE H    H N N 221 
PHE H2   H N N 222 
PHE HA   H N N 223 
PHE HB2  H N N 224 
PHE HB3  H N N 225 
PHE HD1  H N N 226 
PHE HD2  H N N 227 
PHE HE1  H N N 228 
PHE HE2  H N N 229 
PHE HZ   H N N 230 
PHE HXT  H N N 231 
PRO N    N N N 232 
PRO CA   C N S 233 
PRO C    C N N 234 
PRO O    O N N 235 
PRO CB   C N N 236 
PRO CG   C N N 237 
PRO CD   C N N 238 
PRO OXT  O N N 239 
PRO H    H N N 240 
PRO HA   H N N 241 
PRO HB2  H N N 242 
PRO HB3  H N N 243 
PRO HG2  H N N 244 
PRO HG3  H N N 245 
PRO HD2  H N N 246 
PRO HD3  H N N 247 
PRO HXT  H N N 248 
SER N    N N N 249 
SER CA   C N S 250 
SER C    C N N 251 
SER O    O N N 252 
SER CB   C N N 253 
SER OG   O N N 254 
SER OXT  O N N 255 
SER H    H N N 256 
SER H2   H N N 257 
SER HA   H N N 258 
SER HB2  H N N 259 
SER HB3  H N N 260 
SER HG   H N N 261 
SER HXT  H N N 262 
THR N    N N N 263 
THR CA   C N S 264 
THR C    C N N 265 
THR O    O N N 266 
THR CB   C N R 267 
THR OG1  O N N 268 
THR CG2  C N N 269 
THR OXT  O N N 270 
THR H    H N N 271 
THR H2   H N N 272 
THR HA   H N N 273 
THR HB   H N N 274 
THR HG1  H N N 275 
THR HG21 H N N 276 
THR HG22 H N N 277 
THR HG23 H N N 278 
THR HXT  H N N 279 
TRP N    N N N 280 
TRP CA   C N S 281 
TRP C    C N N 282 
TRP O    O N N 283 
TRP CB   C N N 284 
TRP CG   C Y N 285 
TRP CD1  C Y N 286 
TRP CD2  C Y N 287 
TRP NE1  N Y N 288 
TRP CE2  C Y N 289 
TRP CE3  C Y N 290 
TRP CZ2  C Y N 291 
TRP CZ3  C Y N 292 
TRP CH2  C Y N 293 
TRP OXT  O N N 294 
TRP H    H N N 295 
TRP H2   H N N 296 
TRP HA   H N N 297 
TRP HB2  H N N 298 
TRP HB3  H N N 299 
TRP HD1  H N N 300 
TRP HE1  H N N 301 
TRP HE3  H N N 302 
TRP HZ2  H N N 303 
TRP HZ3  H N N 304 
TRP HH2  H N N 305 
TRP HXT  H N N 306 
TYR N    N N N 307 
TYR CA   C N S 308 
TYR C    C N N 309 
TYR O    O N N 310 
TYR CB   C N N 311 
TYR CG   C Y N 312 
TYR CD1  C Y N 313 
TYR CD2  C Y N 314 
TYR CE1  C Y N 315 
TYR CE2  C Y N 316 
TYR CZ   C Y N 317 
TYR OH   O N N 318 
TYR OXT  O N N 319 
TYR H    H N N 320 
TYR H2   H N N 321 
TYR HA   H N N 322 
TYR HB2  H N N 323 
TYR HB3  H N N 324 
TYR HD1  H N N 325 
TYR HD2  H N N 326 
TYR HE1  H N N 327 
TYR HE2  H N N 328 
TYR HH   H N N 329 
TYR HXT  H N N 330 
VAL N    N N N 331 
VAL CA   C N S 332 
VAL C    C N N 333 
VAL O    O N N 334 
VAL CB   C N N 335 
VAL CG1  C N N 336 
VAL CG2  C N N 337 
VAL OXT  O N N 338 
VAL H    H N N 339 
VAL H2   H N N 340 
VAL HA   H N N 341 
VAL HB   H N N 342 
VAL HG11 H N N 343 
VAL HG12 H N N 344 
VAL HG13 H N N 345 
VAL HG21 H N N 346 
VAL HG22 H N N 347 
VAL HG23 H N N 348 
VAL HXT  H N N 349 
# 
loop_
_chem_comp_bond.comp_id 
_chem_comp_bond.atom_id_1 
_chem_comp_bond.atom_id_2 
_chem_comp_bond.value_order 
_chem_comp_bond.pdbx_aromatic_flag 
_chem_comp_bond.pdbx_stereo_config 
_chem_comp_bond.pdbx_ordinal 
ALA N   CA   sing N N 1   
ALA N   H    sing N N 2   
ALA N   H2   sing N N 3   
ALA CA  C    sing N N 4   
ALA CA  CB   sing N N 5   
ALA CA  HA   sing N N 6   
ALA C   O    doub N N 7   
ALA C   OXT  sing N N 8   
ALA CB  HB1  sing N N 9   
ALA CB  HB2  sing N N 10  
ALA CB  HB3  sing N N 11  
ALA OXT HXT  sing N N 12  
ARG N   CA   sing N N 13  
ARG N   H    sing N N 14  
ARG N   H2   sing N N 15  
ARG CA  C    sing N N 16  
ARG CA  CB   sing N N 17  
ARG CA  HA   sing N N 18  
ARG C   O    doub N N 19  
ARG C   OXT  sing N N 20  
ARG CB  CG   sing N N 21  
ARG CB  HB2  sing N N 22  
ARG CB  HB3  sing N N 23  
ARG CG  CD   sing N N 24  
ARG CG  HG2  sing N N 25  
ARG CG  HG3  sing N N 26  
ARG CD  NE   sing N N 27  
ARG CD  HD2  sing N N 28  
ARG CD  HD3  sing N N 29  
ARG NE  CZ   sing N N 30  
ARG NE  HE   sing N N 31  
ARG CZ  NH1  sing N N 32  
ARG CZ  NH2  doub N N 33  
ARG NH1 HH11 sing N N 34  
ARG NH1 HH12 sing N N 35  
ARG NH2 HH21 sing N N 36  
ARG NH2 HH22 sing N N 37  
ARG OXT HXT  sing N N 38  
ASN N   CA   sing N N 39  
ASN N   H    sing N N 40  
ASN N   H2   sing N N 41  
ASN CA  C    sing N N 42  
ASN CA  CB   sing N N 43  
ASN CA  HA   sing N N 44  
ASN C   O    doub N N 45  
ASN C   OXT  sing N N 46  
ASN CB  CG   sing N N 47  
ASN CB  HB2  sing N N 48  
ASN CB  HB3  sing N N 49  
ASN CG  OD1  doub N N 50  
ASN CG  ND2  sing N N 51  
ASN ND2 HD21 sing N N 52  
ASN ND2 HD22 sing N N 53  
ASN OXT HXT  sing N N 54  
ASP N   CA   sing N N 55  
ASP N   H    sing N N 56  
ASP N   H2   sing N N 57  
ASP CA  C    sing N N 58  
ASP CA  CB   sing N N 59  
ASP CA  HA   sing N N 60  
ASP C   O    doub N N 61  
ASP C   OXT  sing N N 62  
ASP CB  CG   sing N N 63  
ASP CB  HB2  sing N N 64  
ASP CB  HB3  sing N N 65  
ASP CG  OD1  doub N N 66  
ASP CG  OD2  sing N N 67  
ASP OD2 HD2  sing N N 68  
ASP OXT HXT  sing N N 69  
CYS N   CA   sing N N 70  
CYS N   H    sing N N 71  
CYS N   H2   sing N N 72  
CYS CA  C    sing N N 73  
CYS CA  CB   sing N N 74  
CYS CA  HA   sing N N 75  
CYS C   O    doub N N 76  
CYS C   OXT  sing N N 77  
CYS CB  SG   sing N N 78  
CYS CB  HB2  sing N N 79  
CYS CB  HB3  sing N N 80  
CYS SG  HG   sing N N 81  
CYS OXT HXT  sing N N 82  
GLN N   CA   sing N N 83  
GLN N   H    sing N N 84  
GLN N   H2   sing N N 85  
GLN CA  C    sing N N 86  
GLN CA  CB   sing N N 87  
GLN CA  HA   sing N N 88  
GLN C   O    doub N N 89  
GLN C   OXT  sing N N 90  
GLN CB  CG   sing N N 91  
GLN CB  HB2  sing N N 92  
GLN CB  HB3  sing N N 93  
GLN CG  CD   sing N N 94  
GLN CG  HG2  sing N N 95  
GLN CG  HG3  sing N N 96  
GLN CD  OE1  doub N N 97  
GLN CD  NE2  sing N N 98  
GLN NE2 HE21 sing N N 99  
GLN NE2 HE22 sing N N 100 
GLN OXT HXT  sing N N 101 
GLU N   CA   sing N N 102 
GLU N   H    sing N N 103 
GLU N   H2   sing N N 104 
GLU CA  C    sing N N 105 
GLU CA  CB   sing N N 106 
GLU CA  HA   sing N N 107 
GLU C   O    doub N N 108 
GLU C   OXT  sing N N 109 
GLU CB  CG   sing N N 110 
GLU CB  HB2  sing N N 111 
GLU CB  HB3  sing N N 112 
GLU CG  CD   sing N N 113 
GLU CG  HG2  sing N N 114 
GLU CG  HG3  sing N N 115 
GLU CD  OE1  doub N N 116 
GLU CD  OE2  sing N N 117 
GLU OE2 HE2  sing N N 118 
GLU OXT HXT  sing N N 119 
GLY N   CA   sing N N 120 
GLY N   H    sing N N 121 
GLY N   H2   sing N N 122 
GLY CA  C    sing N N 123 
GLY CA  HA2  sing N N 124 
GLY CA  HA3  sing N N 125 
GLY C   O    doub N N 126 
GLY C   OXT  sing N N 127 
GLY OXT HXT  sing N N 128 
HOH O   H1   sing N N 129 
HOH O   H2   sing N N 130 
ILE N   CA   sing N N 131 
ILE N   H    sing N N 132 
ILE N   H2   sing N N 133 
ILE CA  C    sing N N 134 
ILE CA  CB   sing N N 135 
ILE CA  HA   sing N N 136 
ILE C   O    doub N N 137 
ILE C   OXT  sing N N 138 
ILE CB  CG1  sing N N 139 
ILE CB  CG2  sing N N 140 
ILE CB  HB   sing N N 141 
ILE CG1 CD1  sing N N 142 
ILE CG1 HG12 sing N N 143 
ILE CG1 HG13 sing N N 144 
ILE CG2 HG21 sing N N 145 
ILE CG2 HG22 sing N N 146 
ILE CG2 HG23 sing N N 147 
ILE CD1 HD11 sing N N 148 
ILE CD1 HD12 sing N N 149 
ILE CD1 HD13 sing N N 150 
ILE OXT HXT  sing N N 151 
LEU N   CA   sing N N 152 
LEU N   H    sing N N 153 
LEU N   H2   sing N N 154 
LEU CA  C    sing N N 155 
LEU CA  CB   sing N N 156 
LEU CA  HA   sing N N 157 
LEU C   O    doub N N 158 
LEU C   OXT  sing N N 159 
LEU CB  CG   sing N N 160 
LEU CB  HB2  sing N N 161 
LEU CB  HB3  sing N N 162 
LEU CG  CD1  sing N N 163 
LEU CG  CD2  sing N N 164 
LEU CG  HG   sing N N 165 
LEU CD1 HD11 sing N N 166 
LEU CD1 HD12 sing N N 167 
LEU CD1 HD13 sing N N 168 
LEU CD2 HD21 sing N N 169 
LEU CD2 HD22 sing N N 170 
LEU CD2 HD23 sing N N 171 
LEU OXT HXT  sing N N 172 
LYS N   CA   sing N N 173 
LYS N   H    sing N N 174 
LYS N   H2   sing N N 175 
LYS CA  C    sing N N 176 
LYS CA  CB   sing N N 177 
LYS CA  HA   sing N N 178 
LYS C   O    doub N N 179 
LYS C   OXT  sing N N 180 
LYS CB  CG   sing N N 181 
LYS CB  HB2  sing N N 182 
LYS CB  HB3  sing N N 183 
LYS CG  CD   sing N N 184 
LYS CG  HG2  sing N N 185 
LYS CG  HG3  sing N N 186 
LYS CD  CE   sing N N 187 
LYS CD  HD2  sing N N 188 
LYS CD  HD3  sing N N 189 
LYS CE  NZ   sing N N 190 
LYS CE  HE2  sing N N 191 
LYS CE  HE3  sing N N 192 
LYS NZ  HZ1  sing N N 193 
LYS NZ  HZ2  sing N N 194 
LYS NZ  HZ3  sing N N 195 
LYS OXT HXT  sing N N 196 
PHE N   CA   sing N N 197 
PHE N   H    sing N N 198 
PHE N   H2   sing N N 199 
PHE CA  C    sing N N 200 
PHE CA  CB   sing N N 201 
PHE CA  HA   sing N N 202 
PHE C   O    doub N N 203 
PHE C   OXT  sing N N 204 
PHE CB  CG   sing N N 205 
PHE CB  HB2  sing N N 206 
PHE CB  HB3  sing N N 207 
PHE CG  CD1  doub Y N 208 
PHE CG  CD2  sing Y N 209 
PHE CD1 CE1  sing Y N 210 
PHE CD1 HD1  sing N N 211 
PHE CD2 CE2  doub Y N 212 
PHE CD2 HD2  sing N N 213 
PHE CE1 CZ   doub Y N 214 
PHE CE1 HE1  sing N N 215 
PHE CE2 CZ   sing Y N 216 
PHE CE2 HE2  sing N N 217 
PHE CZ  HZ   sing N N 218 
PHE OXT HXT  sing N N 219 
PRO N   CA   sing N N 220 
PRO N   CD   sing N N 221 
PRO N   H    sing N N 222 
PRO CA  C    sing N N 223 
PRO CA  CB   sing N N 224 
PRO CA  HA   sing N N 225 
PRO C   O    doub N N 226 
PRO C   OXT  sing N N 227 
PRO CB  CG   sing N N 228 
PRO CB  HB2  sing N N 229 
PRO CB  HB3  sing N N 230 
PRO CG  CD   sing N N 231 
PRO CG  HG2  sing N N 232 
PRO CG  HG3  sing N N 233 
PRO CD  HD2  sing N N 234 
PRO CD  HD3  sing N N 235 
PRO OXT HXT  sing N N 236 
SER N   CA   sing N N 237 
SER N   H    sing N N 238 
SER N   H2   sing N N 239 
SER CA  C    sing N N 240 
SER CA  CB   sing N N 241 
SER CA  HA   sing N N 242 
SER C   O    doub N N 243 
SER C   OXT  sing N N 244 
SER CB  OG   sing N N 245 
SER CB  HB2  sing N N 246 
SER CB  HB3  sing N N 247 
SER OG  HG   sing N N 248 
SER OXT HXT  sing N N 249 
THR N   CA   sing N N 250 
THR N   H    sing N N 251 
THR N   H2   sing N N 252 
THR CA  C    sing N N 253 
THR CA  CB   sing N N 254 
THR CA  HA   sing N N 255 
THR C   O    doub N N 256 
THR C   OXT  sing N N 257 
THR CB  OG1  sing N N 258 
THR CB  CG2  sing N N 259 
THR CB  HB   sing N N 260 
THR OG1 HG1  sing N N 261 
THR CG2 HG21 sing N N 262 
THR CG2 HG22 sing N N 263 
THR CG2 HG23 sing N N 264 
THR OXT HXT  sing N N 265 
TRP N   CA   sing N N 266 
TRP N   H    sing N N 267 
TRP N   H2   sing N N 268 
TRP CA  C    sing N N 269 
TRP CA  CB   sing N N 270 
TRP CA  HA   sing N N 271 
TRP C   O    doub N N 272 
TRP C   OXT  sing N N 273 
TRP CB  CG   sing N N 274 
TRP CB  HB2  sing N N 275 
TRP CB  HB3  sing N N 276 
TRP CG  CD1  doub Y N 277 
TRP CG  CD2  sing Y N 278 
TRP CD1 NE1  sing Y N 279 
TRP CD1 HD1  sing N N 280 
TRP CD2 CE2  doub Y N 281 
TRP CD2 CE3  sing Y N 282 
TRP NE1 CE2  sing Y N 283 
TRP NE1 HE1  sing N N 284 
TRP CE2 CZ2  sing Y N 285 
TRP CE3 CZ3  doub Y N 286 
TRP CE3 HE3  sing N N 287 
TRP CZ2 CH2  doub Y N 288 
TRP CZ2 HZ2  sing N N 289 
TRP CZ3 CH2  sing Y N 290 
TRP CZ3 HZ3  sing N N 291 
TRP CH2 HH2  sing N N 292 
TRP OXT HXT  sing N N 293 
TYR N   CA   sing N N 294 
TYR N   H    sing N N 295 
TYR N   H2   sing N N 296 
TYR CA  C    sing N N 297 
TYR CA  CB   sing N N 298 
TYR CA  HA   sing N N 299 
TYR C   O    doub N N 300 
TYR C   OXT  sing N N 301 
TYR CB  CG   sing N N 302 
TYR CB  HB2  sing N N 303 
TYR CB  HB3  sing N N 304 
TYR CG  CD1  doub Y N 305 
TYR CG  CD2  sing Y N 306 
TYR CD1 CE1  sing Y N 307 
TYR CD1 HD1  sing N N 308 
TYR CD2 CE2  doub Y N 309 
TYR CD2 HD2  sing N N 310 
TYR CE1 CZ   doub Y N 311 
TYR CE1 HE1  sing N N 312 
TYR CE2 CZ   sing Y N 313 
TYR CE2 HE2  sing N N 314 
TYR CZ  OH   sing N N 315 
TYR OH  HH   sing N N 316 
TYR OXT HXT  sing N N 317 
VAL N   CA   sing N N 318 
VAL N   H    sing N N 319 
VAL N   H2   sing N N 320 
VAL CA  C    sing N N 321 
VAL CA  CB   sing N N 322 
VAL CA  HA   sing N N 323 
VAL C   O    doub N N 324 
VAL C   OXT  sing N N 325 
VAL CB  CG1  sing N N 326 
VAL CB  CG2  sing N N 327 
VAL CB  HB   sing N N 328 
VAL CG1 HG11 sing N N 329 
VAL CG1 HG12 sing N N 330 
VAL CG1 HG13 sing N N 331 
VAL CG2 HG21 sing N N 332 
VAL CG2 HG22 sing N N 333 
VAL CG2 HG23 sing N N 334 
VAL OXT HXT  sing N N 335 
# 
_pdbx_initial_refinement_model.accession_code   ? 
_pdbx_initial_refinement_model.id               1 
_pdbx_initial_refinement_model.entity_id_list   ? 
_pdbx_initial_refinement_model.type             'experimental model' 
_pdbx_initial_refinement_model.source_name      Other 
_pdbx_initial_refinement_model.details          RANTES 
# 
_atom_sites.entry_id                    1NR2 
_atom_sites.fract_transf_matrix[1][1]   -0.00382197 
_atom_sites.fract_transf_matrix[1][2]   -0.00476684 
_atom_sites.fract_transf_matrix[1][3]   -0.02002149 
_atom_sites.fract_transf_matrix[2][1]   0.01743303 
_atom_sites.fract_transf_matrix[2][2]   0.01007416 
_atom_sites.fract_transf_matrix[2][3]   -0.00572637 
_atom_sites.fract_transf_matrix[3][1]   0.00898447 
_atom_sites.fract_transf_matrix[3][2]   -0.01455275 
_atom_sites.fract_transf_matrix[3][3]   0.00174973 
_atom_sites.fract_transf_vector[1]      0.457922 
_atom_sites.fract_transf_vector[2]      0.372514 
_atom_sites.fract_transf_vector[3]      0.050624 
# 
loop_
_atom_type.symbol 
C 
N 
O 
S 
# 
loop_
_atom_site.group_PDB 
_atom_site.id 
_atom_site.type_symbol 
_atom_site.label_atom_id 
_atom_site.label_alt_id 
_atom_site.label_comp_id 
_atom_site.label_asym_id 
_atom_site.label_entity_id 
_atom_site.label_seq_id 
_atom_site.pdbx_PDB_ins_code 
_atom_site.Cartn_x 
_atom_site.Cartn_y 
_atom_site.Cartn_z 
_atom_site.occupancy 
_atom_site.B_iso_or_equiv 
_atom_site.pdbx_formal_charge 
_atom_site.auth_seq_id 
_atom_site.auth_comp_id 
_atom_site.auth_asym_id 
_atom_site.auth_atom_id 
_atom_site.pdbx_PDB_model_num 
ATOM   1    N N   . ARG A 1 8  ? -12.410 4.761   -18.539 1.00 27.67 ? 8   ARG A N   1 
ATOM   2    C CA  . ARG A 1 8  ? -11.812 5.611   -19.564 1.00 51.18 ? 8   ARG A CA  1 
ATOM   3    C C   . ARG A 1 8  ? -10.283 5.616   -19.446 1.00 49.30 ? 8   ARG A C   1 
ATOM   4    O O   . ARG A 1 8  ? -9.759  4.832   -18.652 1.00 55.80 ? 8   ARG A O   1 
ATOM   5    C CB  . ARG A 1 8  ? -12.358 7.041   -19.508 1.00 54.17 ? 8   ARG A CB  1 
ATOM   6    C CG  . ARG A 1 8  ? -13.076 7.454   -20.784 1.00 59.96 ? 8   ARG A CG  1 
ATOM   7    C CD  . ARG A 1 8  ? -13.554 8.899   -20.777 1.00 61.22 ? 8   ARG A CD  1 
ATOM   8    N NE  . ARG A 1 8  ? -14.024 9.314   -22.093 1.00 62.33 ? 8   ARG A NE  1 
ATOM   9    C CZ  . ARG A 1 8  ? -14.291 10.534  -22.514 1.00 62.38 ? 8   ARG A CZ  1 
ATOM   10   N NH1 . ARG A 1 8  ? -14.141 11.588  -21.719 1.00 56.42 ? 8   ARG A NH1 1 
ATOM   11   N NH2 . ARG A 1 8  ? -14.707 10.727  -23.763 1.00 67.56 ? 8   ARG A NH2 1 
ATOM   12   N N   . GLU A 1 9  ? -9.657  6.473   -20.230 1.00 43.86 ? 9   GLU A N   1 
ATOM   13   C CA  . GLU A 1 9  ? -8.228  6.598   -20.474 1.00 46.19 ? 9   GLU A CA  1 
ATOM   14   C C   . GLU A 1 9  ? -7.568  5.227   -20.338 1.00 46.44 ? 9   GLU A C   1 
ATOM   15   O O   . GLU A 1 9  ? -7.314  4.713   -19.253 1.00 55.94 ? 9   GLU A O   1 
ATOM   16   C CB  . GLU A 1 9  ? -7.583  7.642   -19.571 1.00 53.44 ? 9   GLU A CB  1 
ATOM   17   C CG  . GLU A 1 9  ? -7.338  7.271   -18.129 1.00 60.29 ? 9   GLU A CG  1 
ATOM   18   C CD  . GLU A 1 9  ? -5.889  7.392   -17.695 1.00 62.93 ? 9   GLU A CD  1 
ATOM   19   O OE1 . GLU A 1 9  ? -4.990  7.568   -18.546 1.00 47.11 ? 9   GLU A OE1 1 
ATOM   20   O OE2 . GLU A 1 9  ? -5.650  7.311   -16.466 1.00 73.32 ? 9   GLU A OE2 1 
ATOM   21   N N   . CYS A 1 10 ? -7.321  4.604   -21.487 1.00 42.17 ? 10  CYS A N   1 
ATOM   22   C CA  . CYS A 1 10 ? -6.826  3.237   -21.506 1.00 42.65 ? 10  CYS A CA  1 
ATOM   23   C C   . CYS A 1 10 ? -5.491  3.133   -22.240 1.00 31.28 ? 10  CYS A C   1 
ATOM   24   O O   . CYS A 1 10 ? -5.154  4.001   -23.039 1.00 22.93 ? 10  CYS A O   1 
ATOM   25   C CB  . CYS A 1 10 ? -7.844  2.316   -22.184 1.00 48.95 ? 10  CYS A CB  1 
ATOM   26   S SG  . CYS A 1 10 ? -9.356  2.008   -21.237 1.00 47.95 ? 10  CYS A SG  1 
ATOM   27   N N   . CYS A 1 11 ? -4.782  2.055   -21.952 1.00 26.49 ? 11  CYS A N   1 
ATOM   28   C CA  . CYS A 1 11 ? -3.603  1.625   -22.690 1.00 19.97 ? 11  CYS A CA  1 
ATOM   29   C C   . CYS A 1 11 ? -3.980  0.461   -23.608 1.00 25.88 ? 11  CYS A C   1 
ATOM   30   O O   . CYS A 1 11 ? -4.693  -0.445  -23.167 1.00 54.81 ? 11  CYS A O   1 
ATOM   31   C CB  . CYS A 1 11 ? -2.482  1.220   -21.738 1.00 17.88 ? 11  CYS A CB  1 
ATOM   32   S SG  . CYS A 1 11 ? -1.595  2.577   -20.934 1.00 21.12 ? 11  CYS A SG  1 
ATOM   33   N N   . LEU A 1 12 ? -3.535  0.476   -24.856 1.00 22.50 ? 12  LEU A N   1 
ATOM   34   C CA  . LEU A 1 12 ? -3.807  -0.568  -25.829 1.00 15.55 ? 12  LEU A CA  1 
ATOM   35   C C   . LEU A 1 12 ? -2.584  -1.469  -25.999 1.00 12.18 ? 12  LEU A C   1 
ATOM   36   O O   . LEU A 1 12 ? -2.673  -2.670  -26.234 1.00 18.35 ? 12  LEU A O   1 
ATOM   37   C CB  . LEU A 1 12 ? -4.152  0.009   -27.199 1.00 20.32 ? 12  LEU A CB  1 
ATOM   38   C CG  . LEU A 1 12 ? -5.424  0.825   -27.375 1.00 20.59 ? 12  LEU A CG  1 
ATOM   39   C CD1 . LEU A 1 12 ? -5.596  1.248   -28.836 1.00 10.92 ? 12  LEU A CD1 1 
ATOM   40   C CD2 . LEU A 1 12 ? -6.644  0.055   -26.897 1.00 22.25 ? 12  LEU A CD2 1 
ATOM   41   N N   . GLU A 1 13 ? -1.437  -0.815  -25.894 1.00 15.06 ? 13  GLU A N   1 
ATOM   42   C CA  . GLU A 1 13 ? -0.114  -1.404  -25.996 1.00 10.73 ? 13  GLU A CA  1 
ATOM   43   C C   . GLU A 1 13 ? 0.817   -0.721  -25.000 1.00 11.65 ? 13  GLU A C   1 
ATOM   44   O O   . GLU A 1 13 ? 0.589   0.456   -24.718 1.00 18.41 ? 13  GLU A O   1 
ATOM   45   C CB  . GLU A 1 13 ? 0.443   -1.288  -27.417 1.00 11.80 ? 13  GLU A CB  1 
ATOM   46   C CG  . GLU A 1 13 ? -0.098  -2.345  -28.359 1.00 19.44 ? 13  GLU A CG  1 
ATOM   47   C CD  . GLU A 1 13 ? 0.607   -2.402  -29.698 1.00 26.19 ? 13  GLU A CD  1 
ATOM   48   O OE1 . GLU A 1 13 ? 1.694   -3.002  -29.787 1.00 30.65 ? 13  GLU A OE1 1 
ATOM   49   O OE2 . GLU A 1 13 ? 0.055   -1.847  -30.675 1.00 39.88 ? 13  GLU A OE2 1 
ATOM   50   N N   . TYR A 1 14 ? 1.794   -1.463  -24.504 1.00 17.77 ? 14  TYR A N   1 
ATOM   51   C CA  . TYR A 1 14 ? 2.808   -1.015  -23.572 1.00 7.68  ? 14  TYR A CA  1 
ATOM   52   C C   . TYR A 1 14 ? 4.111   -0.680  -24.305 1.00 19.09 ? 14  TYR A C   1 
ATOM   53   O O   . TYR A 1 14 ? 4.325   -1.138  -25.426 1.00 19.57 ? 14  TYR A O   1 
ATOM   54   C CB  . TYR A 1 14 ? 3.161   -2.063  -22.517 1.00 11.32 ? 14  TYR A CB  1 
ATOM   55   C CG  . TYR A 1 14 ? 2.022   -2.783  -21.854 1.00 16.84 ? 14  TYR A CG  1 
ATOM   56   C CD1 . TYR A 1 14 ? 1.878   -4.159  -21.999 1.00 22.25 ? 14  TYR A CD1 1 
ATOM   57   C CD2 . TYR A 1 14 ? 1.082   -2.115  -21.082 1.00 16.50 ? 14  TYR A CD2 1 
ATOM   58   C CE1 . TYR A 1 14 ? 0.842   -4.847  -21.402 1.00 14.70 ? 14  TYR A CE1 1 
ATOM   59   C CE2 . TYR A 1 14 ? 0.043   -2.806  -20.485 1.00 18.14 ? 14  TYR A CE2 1 
ATOM   60   C CZ  . TYR A 1 14 ? -0.081  -4.170  -20.642 1.00 15.41 ? 14  TYR A CZ  1 
ATOM   61   O OH  . TYR A 1 14 ? -1.120  -4.852  -20.042 1.00 11.63 ? 14  TYR A OH  1 
ATOM   62   N N   . PHE A 1 15 ? 4.936   0.094   -23.612 1.00 24.39 ? 15  PHE A N   1 
ATOM   63   C CA  . PHE A 1 15 ? 6.272   0.460   -24.042 1.00 23.88 ? 15  PHE A CA  1 
ATOM   64   C C   . PHE A 1 15 ? 7.293   -0.571  -23.574 1.00 19.71 ? 15  PHE A C   1 
ATOM   65   O O   . PHE A 1 15 ? 7.577   -0.629  -22.379 1.00 32.79 ? 15  PHE A O   1 
ATOM   66   C CB  . PHE A 1 15 ? 6.681   1.836   -23.497 1.00 27.36 ? 15  PHE A CB  1 
ATOM   67   C CG  . PHE A 1 15 ? 7.882   2.397   -24.243 1.00 32.82 ? 15  PHE A CG  1 
ATOM   68   C CD1 . PHE A 1 15 ? 9.066   2.662   -23.584 1.00 37.98 ? 15  PHE A CD1 1 
ATOM   69   C CD2 . PHE A 1 15 ? 7.794   2.645   -25.603 1.00 36.23 ? 15  PHE A CD2 1 
ATOM   70   C CE1 . PHE A 1 15 ? 10.142  3.165   -24.297 1.00 39.48 ? 15  PHE A CE1 1 
ATOM   71   C CE2 . PHE A 1 15 ? 8.862   3.143   -26.321 1.00 32.37 ? 15  PHE A CE2 1 
ATOM   72   C CZ  . PHE A 1 15 ? 10.044  3.400   -25.653 1.00 39.32 ? 15  PHE A CZ  1 
ATOM   73   N N   . LYS A 1 16 ? 7.821   -1.364  -24.498 1.00 22.24 ? 16  LYS A N   1 
ATOM   74   C CA  . LYS A 1 16 ? 8.825   -2.367  -24.141 1.00 19.63 ? 16  LYS A CA  1 
ATOM   75   C C   . LYS A 1 16 ? 10.225  -1.767  -24.238 1.00 25.27 ? 16  LYS A C   1 
ATOM   76   O O   . LYS A 1 16 ? 11.226  -2.479  -24.197 1.00 21.19 ? 16  LYS A O   1 
ATOM   77   C CB  . LYS A 1 16 ? 8.695   -3.596  -25.037 1.00 34.73 ? 16  LYS A CB  1 
ATOM   78   C CG  . LYS A 1 16 ? 7.308   -3.816  -25.632 1.00 32.67 ? 16  LYS A CG  1 
ATOM   79   C CD  . LYS A 1 16 ? 7.359   -4.769  -26.817 1.00 22.80 ? 16  LYS A CD  1 
ATOM   80   C CE  . LYS A 1 16 ? 6.025   -4.844  -27.537 1.00 22.95 ? 16  LYS A CE  1 
ATOM   81   N NZ  . LYS A 1 16 ? 5.015   -5.636  -26.783 1.00 20.18 ? 16  LYS A NZ  1 
ATOM   82   N N   . GLY A 1 17 ? 10.302  -0.438  -24.380 1.00 21.33 ? 17  GLY A N   1 
ATOM   83   C CA  . GLY A 1 17 ? 11.607  0.210   -24.381 1.00 29.14 ? 17  GLY A CA  1 
ATOM   84   C C   . GLY A 1 17 ? 12.125  0.327   -22.951 1.00 27.28 ? 17  GLY A C   1 
ATOM   85   O O   . GLY A 1 17 ? 11.487  -0.211  -22.051 1.00 32.72 ? 17  GLY A O   1 
ATOM   86   N N   . ALA A 1 18 ? 13.232  1.020   -22.756 1.00 31.54 ? 18  ALA A N   1 
ATOM   87   C CA  . ALA A 1 18 ? 13.906  1.211   -21.485 1.00 25.60 ? 18  ALA A CA  1 
ATOM   88   C C   . ALA A 1 18 ? 13.417  2.430   -20.717 1.00 30.23 ? 18  ALA A C   1 
ATOM   89   O O   . ALA A 1 18 ? 13.038  3.445   -21.299 1.00 23.54 ? 18  ALA A O   1 
ATOM   90   C CB  . ALA A 1 18 ? 15.411  1.336   -21.722 1.00 47.57 ? 18  ALA A CB  1 
ATOM   91   N N   . ILE A 1 19 ? 13.443  2.329   -19.391 1.00 35.80 ? 19  ILE A N   1 
ATOM   92   C CA  . ILE A 1 19 ? 12.940  3.385   -18.523 1.00 45.27 ? 19  ILE A CA  1 
ATOM   93   C C   . ILE A 1 19 ? 14.036  4.136   -17.772 1.00 42.72 ? 19  ILE A C   1 
ATOM   94   O O   . ILE A 1 19 ? 14.916  3.543   -17.148 1.00 35.37 ? 19  ILE A O   1 
ATOM   95   C CB  . ILE A 1 19 ? 11.939  2.788   -17.511 1.00 55.31 ? 19  ILE A CB  1 
ATOM   96   C CG1 . ILE A 1 19 ? 11.069  1.681   -18.107 1.00 59.61 ? 19  ILE A CG1 1 
ATOM   97   C CG2 . ILE A 1 19 ? 11.091  3.887   -16.890 1.00 66.79 ? 19  ILE A CG2 1 
ATOM   98   C CD1 . ILE A 1 19 ? 10.547  0.678   -17.095 1.00 59.91 ? 19  ILE A CD1 1 
ATOM   99   N N   . PRO A 1 20 ? 13.959  5.458   -17.855 1.00 37.74 ? 20  PRO A N   1 
ATOM   100  C CA  . PRO A 1 20 ? 14.840  6.401   -17.162 1.00 34.38 ? 20  PRO A CA  1 
ATOM   101  C C   . PRO A 1 20 ? 14.243  6.863   -15.836 1.00 30.20 ? 20  PRO A C   1 
ATOM   102  O O   . PRO A 1 20 ? 13.448  7.793   -15.758 1.00 37.03 ? 20  PRO A O   1 
ATOM   103  C CB  . PRO A 1 20 ? 14.914  7.572   -18.140 1.00 36.05 ? 20  PRO A CB  1 
ATOM   104  C CG  . PRO A 1 20 ? 13.848  7.360   -19.158 1.00 38.21 ? 20  PRO A CG  1 
ATOM   105  C CD  . PRO A 1 20 ? 12.996  6.212   -18.687 1.00 42.04 ? 20  PRO A CD  1 
ATOM   106  N N   . LEU A 1 21 ? 14.641  6.183   -14.768 1.00 29.67 ? 21  LEU A N   1 
ATOM   107  C CA  . LEU A 1 21 ? 14.008  6.377   -13.474 1.00 27.21 ? 21  LEU A CA  1 
ATOM   108  C C   . LEU A 1 21 ? 14.074  7.824   -13.018 1.00 35.73 ? 21  LEU A C   1 
ATOM   109  O O   . LEU A 1 21 ? 13.242  8.275   -12.215 1.00 17.90 ? 21  LEU A O   1 
ATOM   110  C CB  . LEU A 1 21 ? 14.655  5.430   -12.454 1.00 26.31 ? 21  LEU A CB  1 
ATOM   111  C CG  . LEU A 1 21 ? 14.225  3.963   -12.562 1.00 31.93 ? 21  LEU A CG  1 
ATOM   112  C CD1 . LEU A 1 21 ? 15.123  3.060   -11.731 1.00 21.94 ? 21  LEU A CD1 1 
ATOM   113  C CD2 . LEU A 1 21 ? 12.768  3.792   -12.148 1.00 26.85 ? 21  LEU A CD2 1 
ATOM   114  N N   . ARG A 1 22 ? 15.055  8.581   -13.515 1.00 36.73 ? 22  ARG A N   1 
ATOM   115  C CA  . ARG A 1 22 ? 15.140  9.980   -13.076 1.00 38.16 ? 22  ARG A CA  1 
ATOM   116  C C   . ARG A 1 22 ? 14.379  10.892  -14.030 1.00 40.58 ? 22  ARG A C   1 
ATOM   117  O O   . ARG A 1 22 ? 14.377  12.115  -13.900 1.00 48.41 ? 22  ARG A O   1 
ATOM   118  C CB  . ARG A 1 22 ? 16.593  10.430  -12.951 1.00 42.49 ? 22  ARG A CB  1 
ATOM   119  C CG  . ARG A 1 22 ? 16.798  11.731  -12.195 1.00 47.25 ? 22  ARG A CG  1 
ATOM   120  C CD  . ARG A 1 22 ? 17.490  11.466  -10.858 1.00 51.28 ? 22  ARG A CD  1 
ATOM   121  N NE  . ARG A 1 22 ? 18.199  12.648  -10.372 1.00 54.91 ? 22  ARG A NE  1 
ATOM   122  C CZ  . ARG A 1 22 ? 17.657  13.660  -9.713  1.00 56.20 ? 22  ARG A CZ  1 
ATOM   123  N NH1 . ARG A 1 22 ? 16.350  13.663  -9.448  1.00 59.06 ? 22  ARG A NH1 1 
ATOM   124  N NH2 . ARG A 1 22 ? 18.401  14.691  -9.314  1.00 54.29 ? 22  ARG A NH2 1 
ATOM   125  N N   . LYS A 1 23 ? 13.713  10.278  -15.008 1.00 37.14 ? 23  LYS A N   1 
ATOM   126  C CA  . LYS A 1 23 ? 12.947  11.085  -15.955 1.00 36.48 ? 23  LYS A CA  1 
ATOM   127  C C   . LYS A 1 23 ? 11.476  11.152  -15.566 1.00 34.65 ? 23  LYS A C   1 
ATOM   128  O O   . LYS A 1 23 ? 10.795  12.125  -15.891 1.00 42.72 ? 23  LYS A O   1 
ATOM   129  C CB  . LYS A 1 23 ? 13.111  10.510  -17.361 1.00 36.61 ? 23  LYS A CB  1 
ATOM   130  C CG  . LYS A 1 23 ? 14.444  10.836  -18.014 1.00 38.27 ? 23  LYS A CG  1 
ATOM   131  C CD  . LYS A 1 23 ? 14.479  12.258  -18.534 1.00 41.95 ? 23  LYS A CD  1 
ATOM   132  C CE  . LYS A 1 23 ? 15.846  12.895  -18.363 1.00 45.13 ? 23  LYS A CE  1 
ATOM   133  N NZ  . LYS A 1 23 ? 15.776  14.386  -18.293 1.00 50.98 ? 23  LYS A NZ  1 
ATOM   134  N N   . LEU A 1 24 ? 10.982  10.126  -14.873 1.00 21.05 ? 24  LEU A N   1 
ATOM   135  C CA  . LEU A 1 24 ? 9.560   10.070  -14.540 1.00 24.99 ? 24  LEU A CA  1 
ATOM   136  C C   . LEU A 1 24 ? 9.196   11.026  -13.415 1.00 23.32 ? 24  LEU A C   1 
ATOM   137  O O   . LEU A 1 24 ? 10.068  11.411  -12.635 1.00 30.75 ? 24  LEU A O   1 
ATOM   138  C CB  . LEU A 1 24 ? 9.178   8.632   -14.159 1.00 24.12 ? 24  LEU A CB  1 
ATOM   139  C CG  . LEU A 1 24 ? 9.514   7.565   -15.205 1.00 18.35 ? 24  LEU A CG  1 
ATOM   140  C CD1 . LEU A 1 24 ? 9.200   6.169   -14.696 1.00 17.62 ? 24  LEU A CD1 1 
ATOM   141  C CD2 . LEU A 1 24 ? 8.759   7.848   -16.494 1.00 17.43 ? 24  LEU A CD2 1 
ATOM   142  N N   . LYS A 1 25 ? 7.924   11.418  -13.296 1.00 21.00 ? 25  LYS A N   1 
ATOM   143  C CA  . LYS A 1 25 ? 7.543   12.240  -12.148 1.00 26.29 ? 25  LYS A CA  1 
ATOM   144  C C   . LYS A 1 25 ? 6.423   11.568  -11.358 1.00 28.65 ? 25  LYS A C   1 
ATOM   145  O O   . LYS A 1 25 ? 6.305   11.794  -10.151 1.00 48.47 ? 25  LYS A O   1 
ATOM   146  C CB  . LYS A 1 25 ? 7.127   13.662  -12.541 1.00 24.99 ? 25  LYS A CB  1 
ATOM   147  C CG  . LYS A 1 25 ? 6.419   14.423  -11.420 1.00 25.14 ? 25  LYS A CG  1 
ATOM   148  C CD  . LYS A 1 25 ? 7.402   14.977  -10.406 1.00 22.66 ? 25  LYS A CD  1 
ATOM   149  C CE  . LYS A 1 25 ? 6.746   15.558  -9.173  1.00 28.88 ? 25  LYS A CE  1 
ATOM   150  N NZ  . LYS A 1 25 ? 6.579   17.040  -9.248  1.00 24.81 ? 25  LYS A NZ  1 
ATOM   151  N N   . THR A 1 26 ? 5.602   10.751  -12.012 1.00 22.91 ? 26  THR A N   1 
ATOM   152  C CA  . THR A 1 26 ? 4.531   10.074  -11.287 1.00 20.43 ? 26  THR A CA  1 
ATOM   153  C C   . THR A 1 26 ? 4.029   8.844   -12.049 1.00 10.01 ? 26  THR A C   1 
ATOM   154  O O   . THR A 1 26 ? 4.522   8.547   -13.126 1.00 28.28 ? 26  THR A O   1 
ATOM   155  C CB  . THR A 1 26 ? 3.324   10.984  -11.002 1.00 13.77 ? 26  THR A CB  1 
ATOM   156  O OG1 . THR A 1 26 ? 3.177   11.941  -12.058 1.00 34.55 ? 26  THR A OG1 1 
ATOM   157  C CG2 . THR A 1 26 ? 3.540   11.772  -9.726  1.00 17.31 ? 26  THR A CG2 1 
ATOM   158  N N   . TRP A 1 27 ? 3.050   8.180   -11.444 1.00 17.24 ? 27  TRP A N   1 
ATOM   159  C CA  . TRP A 1 27 ? 2.359   7.031   -12.010 1.00 16.43 ? 27  TRP A CA  1 
ATOM   160  C C   . TRP A 1 27 ? 0.954   6.876   -11.423 1.00 11.78 ? 27  TRP A C   1 
ATOM   161  O O   . TRP A 1 27 ? 0.640   7.472   -10.390 1.00 29.04 ? 27  TRP A O   1 
ATOM   162  C CB  . TRP A 1 27 ? 3.159   5.746   -11.770 1.00 20.47 ? 27  TRP A CB  1 
ATOM   163  C CG  . TRP A 1 27 ? 3.091   5.286   -10.343 1.00 17.30 ? 27  TRP A CG  1 
ATOM   164  C CD1 . TRP A 1 27 ? 3.732   5.812   -9.260  1.00 18.63 ? 27  TRP A CD1 1 
ATOM   165  C CD2 . TRP A 1 27 ? 2.314   4.184   -9.863  1.00 22.50 ? 27  TRP A CD2 1 
ATOM   166  N NE1 . TRP A 1 27 ? 3.400   5.100   -8.131  1.00 25.69 ? 27  TRP A NE1 1 
ATOM   167  C CE2 . TRP A 1 27 ? 2.534   4.098   -8.474  1.00 27.07 ? 27  TRP A CE2 1 
ATOM   168  C CE3 . TRP A 1 27 ? 1.460   3.273   -10.492 1.00 26.40 ? 27  TRP A CE3 1 
ATOM   169  C CZ2 . TRP A 1 27 ? 1.921   3.121   -7.688  1.00 28.99 ? 27  TRP A CZ2 1 
ATOM   170  C CZ3 . TRP A 1 27 ? 0.856   2.308   -9.708  1.00 36.10 ? 27  TRP A CZ3 1 
ATOM   171  C CH2 . TRP A 1 27 ? 1.090   2.241   -8.325  1.00 32.83 ? 27  TRP A CH2 1 
ATOM   172  N N   . TYR A 1 28 ? 0.131   6.086   -12.088 1.00 10.57 ? 28  TYR A N   1 
ATOM   173  C CA  . TYR A 1 28 ? -1.227  5.726   -11.722 1.00 10.37 ? 28  TYR A CA  1 
ATOM   174  C C   . TYR A 1 28 ? -1.682  4.509   -12.519 1.00 17.62 ? 28  TYR A C   1 
ATOM   175  O O   . TYR A 1 28 ? -1.080  4.179   -13.544 1.00 15.23 ? 28  TYR A O   1 
ATOM   176  C CB  . TYR A 1 28 ? -2.212  6.870   -11.971 1.00 15.74 ? 28  TYR A CB  1 
ATOM   177  C CG  . TYR A 1 28 ? -2.264  7.394   -13.387 1.00 18.91 ? 28  TYR A CG  1 
ATOM   178  C CD1 . TYR A 1 28 ? -3.084  6.841   -14.362 1.00 21.77 ? 28  TYR A CD1 1 
ATOM   179  C CD2 . TYR A 1 28 ? -1.482  8.475   -13.774 1.00 20.37 ? 28  TYR A CD2 1 
ATOM   180  C CE1 . TYR A 1 28 ? -3.126  7.325   -15.649 1.00 28.42 ? 28  TYR A CE1 1 
ATOM   181  C CE2 . TYR A 1 28 ? -1.518  8.966   -15.066 1.00 19.62 ? 28  TYR A CE2 1 
ATOM   182  C CZ  . TYR A 1 28 ? -2.337  8.395   -16.006 1.00 22.18 ? 28  TYR A CZ  1 
ATOM   183  O OH  . TYR A 1 28 ? -2.393  8.875   -17.292 1.00 32.73 ? 28  TYR A OH  1 
ATOM   184  N N   . GLN A 1 29 ? -2.765  3.852   -12.115 1.00 22.96 ? 29  GLN A N   1 
ATOM   185  C CA  . GLN A 1 29 ? -3.234  2.746   -12.956 1.00 32.40 ? 29  GLN A CA  1 
ATOM   186  C C   . GLN A 1 29 ? -4.438  3.174   -13.788 1.00 32.24 ? 29  GLN A C   1 
ATOM   187  O O   . GLN A 1 29 ? -5.381  3.755   -13.248 1.00 33.15 ? 29  GLN A O   1 
ATOM   188  C CB  . GLN A 1 29 ? -3.554  1.522   -12.099 1.00 32.98 ? 29  GLN A CB  1 
ATOM   189  C CG  . GLN A 1 29 ? -2.297  0.718   -11.774 1.00 38.89 ? 29  GLN A CG  1 
ATOM   190  C CD  . GLN A 1 29 ? -2.438  -0.084  -10.496 1.00 36.31 ? 29  GLN A CD  1 
ATOM   191  O OE1 . GLN A 1 29 ? -1.670  -1.006  -10.229 1.00 43.69 ? 29  GLN A OE1 1 
ATOM   192  N NE2 . GLN A 1 29 ? -3.436  0.278   -9.703  1.00 42.82 ? 29  GLN A NE2 1 
ATOM   193  N N   . THR A 1 30 ? -4.401  2.892   -15.093 1.00 24.44 ? 30  THR A N   1 
ATOM   194  C CA  . THR A 1 30 ? -5.513  3.285   -15.953 1.00 27.43 ? 30  THR A CA  1 
ATOM   195  C C   . THR A 1 30 ? -6.821  2.716   -15.406 1.00 24.83 ? 30  THR A C   1 
ATOM   196  O O   . THR A 1 30 ? -6.805  1.872   -14.509 1.00 19.30 ? 30  THR A O   1 
ATOM   197  C CB  . THR A 1 30 ? -5.340  2.867   -17.425 1.00 30.43 ? 30  THR A CB  1 
ATOM   198  O OG1 . THR A 1 30 ? -5.087  1.460   -17.541 1.00 20.49 ? 30  THR A OG1 1 
ATOM   199  C CG2 . THR A 1 30 ? -4.138  3.594   -18.020 1.00 21.02 ? 30  THR A CG2 1 
ATOM   200  N N   . SER A 1 31 ? -7.929  3.213   -15.944 1.00 21.85 ? 31  SER A N   1 
ATOM   201  C CA  . SER A 1 31 ? -9.227  2.889   -15.354 1.00 23.25 ? 31  SER A CA  1 
ATOM   202  C C   . SER A 1 31 ? -9.432  1.383   -15.323 1.00 28.55 ? 31  SER A C   1 
ATOM   203  O O   . SER A 1 31 ? -8.753  0.658   -16.052 1.00 35.03 ? 31  SER A O   1 
ATOM   204  C CB  . SER A 1 31 ? -10.326 3.613   -16.128 1.00 29.52 ? 31  SER A CB  1 
ATOM   205  O OG  . SER A 1 31 ? -10.068 5.010   -16.134 1.00 38.76 ? 31  SER A OG  1 
ATOM   206  N N   . GLU A 1 32 ? -10.334 0.910   -14.474 1.00 33.01 ? 32  GLU A N   1 
ATOM   207  C CA  . GLU A 1 32 ? -10.535 -0.533  -14.337 1.00 40.05 ? 32  GLU A CA  1 
ATOM   208  C C   . GLU A 1 32 ? -11.407 -1.070  -15.464 1.00 41.21 ? 32  GLU A C   1 
ATOM   209  O O   . GLU A 1 32 ? -11.589 -2.279  -15.583 1.00 52.64 ? 32  GLU A O   1 
ATOM   210  C CB  . GLU A 1 32 ? -11.148 -0.858  -12.977 1.00 42.75 ? 32  GLU A CB  1 
ATOM   211  C CG  . GLU A 1 32 ? -12.489 -1.572  -13.006 1.00 44.81 ? 32  GLU A CG  1 
ATOM   212  C CD  . GLU A 1 32 ? -13.071 -1.727  -11.611 1.00 48.90 ? 32  GLU A CD  1 
ATOM   213  O OE1 . GLU A 1 32 ? -13.448 -2.856  -11.246 1.00 60.62 ? 32  GLU A OE1 1 
ATOM   214  O OE2 . GLU A 1 32 ? -13.142 -0.717  -10.882 1.00 52.51 ? 32  GLU A OE2 1 
ATOM   215  N N   . ASP A 1 33 ? -11.929 -0.156  -16.269 1.00 44.44 ? 33  ASP A N   1 
ATOM   216  C CA  . ASP A 1 33 ? -12.787 -0.461  -17.398 1.00 43.67 ? 33  ASP A CA  1 
ATOM   217  C C   . ASP A 1 33 ? -12.003 -1.069  -18.556 1.00 42.29 ? 33  ASP A C   1 
ATOM   218  O O   . ASP A 1 33 ? -12.525 -1.878  -19.320 1.00 45.19 ? 33  ASP A O   1 
ATOM   219  C CB  . ASP A 1 33 ? -13.489 0.810   -17.889 1.00 39.93 ? 33  ASP A CB  1 
ATOM   220  C CG  . ASP A 1 33 ? -14.766 1.115   -17.142 1.00 37.46 ? 33  ASP A CG  1 
ATOM   221  O OD1 . ASP A 1 33 ? -14.855 2.211   -16.545 1.00 47.13 ? 33  ASP A OD1 1 
ATOM   222  O OD2 . ASP A 1 33 ? -15.683 0.267   -17.147 1.00 41.03 ? 33  ASP A OD2 1 
ATOM   223  N N   . CYS A 1 34 ? -10.749 -0.654  -18.673 1.00 37.90 ? 34  CYS A N   1 
ATOM   224  C CA  . CYS A 1 34 ? -9.882  -1.043  -19.777 1.00 30.71 ? 34  CYS A CA  1 
ATOM   225  C C   . CYS A 1 34 ? -9.709  -2.547  -19.889 1.00 27.16 ? 34  CYS A C   1 
ATOM   226  O O   . CYS A 1 34 ? -9.426  -3.236  -18.904 1.00 19.81 ? 34  CYS A O   1 
ATOM   227  C CB  . CYS A 1 34 ? -8.512  -0.369  -19.610 1.00 32.74 ? 34  CYS A CB  1 
ATOM   228  S SG  . CYS A 1 34 ? -8.650  1.430   -19.422 1.00 24.92 ? 34  CYS A SG  1 
ATOM   229  N N   . SER A 1 35 ? -9.879  -3.052  -21.108 1.00 27.77 ? 35  SER A N   1 
ATOM   230  C CA  . SER A 1 35 ? -9.668  -4.470  -21.362 1.00 24.28 ? 35  SER A CA  1 
ATOM   231  C C   . SER A 1 35 ? -8.265  -4.884  -20.936 1.00 26.69 ? 35  SER A C   1 
ATOM   232  O O   . SER A 1 35 ? -8.028  -5.975  -20.419 1.00 36.97 ? 35  SER A O   1 
ATOM   233  C CB  . SER A 1 35 ? -9.872  -4.806  -22.839 1.00 23.16 ? 35  SER A CB  1 
ATOM   234  O OG  . SER A 1 35 ? -9.657  -6.196  -23.040 1.00 22.56 ? 35  SER A OG  1 
ATOM   235  N N   . ARG A 1 36 ? -7.316  -3.980  -21.159 1.00 21.30 ? 36  ARG A N   1 
ATOM   236  C CA  . ARG A 1 36 ? -5.926  -4.268  -20.795 1.00 22.20 ? 36  ARG A CA  1 
ATOM   237  C C   . ARG A 1 36 ? -5.477  -3.382  -19.643 1.00 22.15 ? 36  ARG A C   1 
ATOM   238  O O   . ARG A 1 36 ? -5.613  -2.158  -19.636 1.00 18.64 ? 36  ARG A O   1 
ATOM   239  C CB  . ARG A 1 36 ? -5.074  -4.126  -22.055 1.00 19.83 ? 36  ARG A CB  1 
ATOM   240  C CG  . ARG A 1 36 ? -3.824  -3.281  -21.947 1.00 17.15 ? 36  ARG A CG  1 
ATOM   241  C CD  . ARG A 1 36 ? -2.913  -3.526  -23.149 1.00 24.26 ? 36  ARG A CD  1 
ATOM   242  N NE  . ARG A 1 36 ? -2.592  -4.943  -23.329 1.00 24.26 ? 36  ARG A NE  1 
ATOM   243  C CZ  . ARG A 1 36 ? -1.758  -5.372  -24.271 1.00 26.34 ? 36  ARG A CZ  1 
ATOM   244  N NH1 . ARG A 1 36 ? -1.194  -4.482  -25.082 1.00 24.59 ? 36  ARG A NH1 1 
ATOM   245  N NH2 . ARG A 1 36 ? -1.491  -6.663  -24.401 1.00 7.07  ? 36  ARG A NH2 1 
ATOM   246  N N   . ASP A 1 37 ? -4.940  -4.014  -18.595 1.00 26.18 ? 37  ASP A N   1 
ATOM   247  C CA  . ASP A 1 37 ? -4.437  -3.253  -17.460 1.00 23.35 ? 37  ASP A CA  1 
ATOM   248  C C   . ASP A 1 37 ? -3.041  -2.740  -17.824 1.00 26.55 ? 37  ASP A C   1 
ATOM   249  O O   . ASP A 1 37 ? -2.320  -3.424  -18.550 1.00 34.21 ? 37  ASP A O   1 
ATOM   250  C CB  . ASP A 1 37 ? -4.361  -4.059  -16.175 1.00 29.22 ? 37  ASP A CB  1 
ATOM   251  C CG  . ASP A 1 37 ? -5.568  -4.896  -15.829 1.00 32.63 ? 37  ASP A CG  1 
ATOM   252  O OD1 . ASP A 1 37 ? -6.532  -4.382  -15.220 1.00 23.96 ? 37  ASP A OD1 1 
ATOM   253  O OD2 . ASP A 1 37 ? -5.551  -6.101  -16.163 1.00 50.14 ? 37  ASP A OD2 1 
ATOM   254  N N   . ALA A 1 38 ? -2.702  -1.561  -17.326 1.00 23.96 ? 38  ALA A N   1 
ATOM   255  C CA  . ALA A 1 38 ? -1.393  -0.967  -17.529 1.00 12.05 ? 38  ALA A CA  1 
ATOM   256  C C   . ALA A 1 38 ? -1.068  0.038   -16.430 1.00 15.18 ? 38  ALA A C   1 
ATOM   257  O O   . ALA A 1 38 ? -1.936  0.643   -15.817 1.00 8.22  ? 38  ALA A O   1 
ATOM   258  C CB  . ALA A 1 38 ? -1.264  -0.248  -18.868 1.00 18.54 ? 38  ALA A CB  1 
ATOM   259  N N   . ILE A 1 39 ? 0.233   0.201   -16.217 1.00 22.59 ? 39  ILE A N   1 
ATOM   260  C CA  . ILE A 1 39 ? 0.707   1.295   -15.387 1.00 14.80 ? 39  ILE A CA  1 
ATOM   261  C C   . ILE A 1 39 ? 1.173   2.415   -16.317 1.00 19.97 ? 39  ILE A C   1 
ATOM   262  O O   . ILE A 1 39 ? 1.961   2.241   -17.244 1.00 16.66 ? 39  ILE A O   1 
ATOM   263  C CB  . ILE A 1 39 ? 1.850   0.896   -14.449 1.00 16.29 ? 39  ILE A CB  1 
ATOM   264  C CG1 . ILE A 1 39 ? 1.398   0.063   -13.243 1.00 9.89  ? 39  ILE A CG1 1 
ATOM   265  C CG2 . ILE A 1 39 ? 2.632   2.116   -13.983 1.00 19.80 ? 39  ILE A CG2 1 
ATOM   266  C CD1 . ILE A 1 39 ? 2.554   -0.170  -12.281 1.00 17.20 ? 39  ILE A CD1 1 
ATOM   267  N N   . VAL A 1 40 ? 0.641   3.595   -16.041 1.00 17.70 ? 40  VAL A N   1 
ATOM   268  C CA  . VAL A 1 40 ? 1.059   4.777   -16.786 1.00 21.48 ? 40  VAL A CA  1 
ATOM   269  C C   . VAL A 1 40 ? 2.019   5.584   -15.930 1.00 25.35 ? 40  VAL A C   1 
ATOM   270  O O   . VAL A 1 40 ? 1.644   6.079   -14.864 1.00 26.84 ? 40  VAL A O   1 
ATOM   271  C CB  . VAL A 1 40 ? -0.185  5.591   -17.180 1.00 21.86 ? 40  VAL A CB  1 
ATOM   272  C CG1 . VAL A 1 40 ? 0.201   6.916   -17.808 1.00 13.93 ? 40  VAL A CG1 1 
ATOM   273  C CG2 . VAL A 1 40 ? -1.056  4.761   -18.117 1.00 4.82  ? 40  VAL A CG2 1 
ATOM   274  N N   . PHE A 1 41 ? 3.269   5.704   -16.370 1.00 23.93 ? 41  PHE A N   1 
ATOM   275  C CA  . PHE A 1 41 ? 4.169   6.640   -15.711 1.00 18.42 ? 41  PHE A CA  1 
ATOM   276  C C   . PHE A 1 41 ? 4.048   7.976   -16.456 1.00 12.63 ? 41  PHE A C   1 
ATOM   277  O O   . PHE A 1 41 ? 3.794   7.920   -17.665 1.00 9.72  ? 41  PHE A O   1 
ATOM   278  C CB  . PHE A 1 41 ? 5.631   6.233   -15.714 1.00 18.75 ? 41  PHE A CB  1 
ATOM   279  C CG  . PHE A 1 41 ? 5.941   4.877   -15.119 1.00 21.05 ? 41  PHE A CG  1 
ATOM   280  C CD1 . PHE A 1 41 ? 5.820   3.735   -15.885 1.00 25.40 ? 41  PHE A CD1 1 
ATOM   281  C CD2 . PHE A 1 41 ? 6.347   4.770   -13.803 1.00 20.45 ? 41  PHE A CD2 1 
ATOM   282  C CE1 . PHE A 1 41 ? 6.097   2.489   -15.357 1.00 21.02 ? 41  PHE A CE1 1 
ATOM   283  C CE2 . PHE A 1 41 ? 6.621   3.529   -13.262 1.00 20.35 ? 41  PHE A CE2 1 
ATOM   284  C CZ  . PHE A 1 41 ? 6.489   2.397   -14.038 1.00 20.75 ? 41  PHE A CZ  1 
ATOM   285  N N   . VAL A 1 42 ? 4.246   9.057   -15.733 1.00 12.67 ? 42  VAL A N   1 
ATOM   286  C CA  . VAL A 1 42 ? 4.292   10.392  -16.318 1.00 21.10 ? 42  VAL A CA  1 
ATOM   287  C C   . VAL A 1 42 ? 5.701   10.960  -16.189 1.00 24.41 ? 42  VAL A C   1 
ATOM   288  O O   . VAL A 1 42 ? 6.227   10.992  -15.079 1.00 33.55 ? 42  VAL A O   1 
ATOM   289  C CB  . VAL A 1 42 ? 3.279   11.346  -15.669 1.00 24.58 ? 42  VAL A CB  1 
ATOM   290  C CG1 . VAL A 1 42 ? 3.045   12.564  -16.554 1.00 17.04 ? 42  VAL A CG1 1 
ATOM   291  C CG2 . VAL A 1 42 ? 1.963   10.621  -15.396 1.00 7.96  ? 42  VAL A CG2 1 
ATOM   292  N N   . THR A 1 43 ? 6.284   11.384  -17.306 1.00 27.83 ? 43  THR A N   1 
ATOM   293  C CA  . THR A 1 43 ? 7.625   11.940  -17.345 1.00 24.27 ? 43  THR A CA  1 
ATOM   294  C C   . THR A 1 43 ? 7.659   13.380  -16.851 1.00 24.76 ? 43  THR A C   1 
ATOM   295  O O   . THR A 1 43 ? 6.616   14.005  -16.654 1.00 30.44 ? 43  THR A O   1 
ATOM   296  C CB  . THR A 1 43 ? 8.216   11.942  -18.771 1.00 28.15 ? 43  THR A CB  1 
ATOM   297  O OG1 . THR A 1 43 ? 7.432   12.806  -19.605 1.00 16.52 ? 43  THR A OG1 1 
ATOM   298  C CG2 . THR A 1 43 ? 8.165   10.559  -19.394 1.00 22.86 ? 43  THR A CG2 1 
ATOM   299  N N   . VAL A 1 44 ? 8.868   13.917  -16.676 1.00 23.65 ? 44  VAL A N   1 
ATOM   300  C CA  . VAL A 1 44 ? 8.990   15.316  -16.295 1.00 20.54 ? 44  VAL A CA  1 
ATOM   301  C C   . VAL A 1 44 ? 8.295   16.250  -17.288 1.00 19.18 ? 44  VAL A C   1 
ATOM   302  O O   . VAL A 1 44 ? 7.883   17.351  -16.904 1.00 13.53 ? 44  VAL A O   1 
ATOM   303  C CB  . VAL A 1 44 ? 10.462  15.751  -16.183 1.00 26.62 ? 44  VAL A CB  1 
ATOM   304  C CG1 . VAL A 1 44 ? 11.071  15.263  -14.877 1.00 38.87 ? 44  VAL A CG1 1 
ATOM   305  C CG2 . VAL A 1 44 ? 11.238  15.233  -17.388 1.00 31.81 ? 44  VAL A CG2 1 
ATOM   306  N N   . GLN A 1 45 ? 8.152   15.851  -18.548 1.00 24.47 ? 45  GLN A N   1 
ATOM   307  C CA  . GLN A 1 45 ? 7.562   16.742  -19.547 1.00 26.33 ? 45  GLN A CA  1 
ATOM   308  C C   . GLN A 1 45 ? 6.093   16.445  -19.842 1.00 20.48 ? 45  GLN A C   1 
ATOM   309  O O   . GLN A 1 45 ? 5.581   16.831  -20.899 1.00 18.61 ? 45  GLN A O   1 
ATOM   310  C CB  . GLN A 1 45 ? 8.384   16.718  -20.836 1.00 22.49 ? 45  GLN A CB  1 
ATOM   311  C CG  . GLN A 1 45 ? 8.487   15.390  -21.564 1.00 25.77 ? 45  GLN A CG  1 
ATOM   312  C CD  . GLN A 1 45 ? 9.659   15.403  -22.536 1.00 18.12 ? 45  GLN A CD  1 
ATOM   313  O OE1 . GLN A 1 45 ? 9.908   14.439  -23.253 1.00 14.46 ? 45  GLN A OE1 1 
ATOM   314  N NE2 . GLN A 1 45 ? 10.385  16.517  -22.558 1.00 28.91 ? 45  GLN A NE2 1 
ATOM   315  N N   . GLY A 1 46 ? 5.405   15.790  -18.919 1.00 13.24 ? 46  GLY A N   1 
ATOM   316  C CA  . GLY A 1 46 ? 3.983   15.549  -18.995 1.00 18.45 ? 46  GLY A CA  1 
ATOM   317  C C   . GLY A 1 46 ? 3.579   14.355  -19.825 1.00 23.97 ? 46  GLY A C   1 
ATOM   318  O O   . GLY A 1 46 ? 2.397   13.998  -19.864 1.00 13.52 ? 46  GLY A O   1 
ATOM   319  N N   . ARG A 1 47 ? 4.550   13.739  -20.497 1.00 26.13 ? 47  ARG A N   1 
ATOM   320  C CA  . ARG A 1 47 ? 4.252   12.583  -21.344 1.00 27.36 ? 47  ARG A CA  1 
ATOM   321  C C   . ARG A 1 47 ? 4.163   11.321  -20.489 1.00 29.83 ? 47  ARG A C   1 
ATOM   322  O O   . ARG A 1 47 ? 4.751   11.269  -19.406 1.00 45.66 ? 47  ARG A O   1 
ATOM   323  C CB  . ARG A 1 47 ? 5.292   12.412  -22.444 1.00 22.44 ? 47  ARG A CB  1 
ATOM   324  C CG  . ARG A 1 47 ? 5.137   13.346  -23.631 1.00 23.63 ? 47  ARG A CG  1 
ATOM   325  C CD  . ARG A 1 47 ? 5.690   12.745  -24.904 1.00 34.36 ? 47  ARG A CD  1 
ATOM   326  N NE  . ARG A 1 47 ? 7.151   12.660  -24.938 1.00 41.87 ? 47  ARG A NE  1 
ATOM   327  C CZ  . ARG A 1 47 ? 7.811   12.195  -25.998 1.00 43.49 ? 47  ARG A CZ  1 
ATOM   328  N NH1 . ARG A 1 47 ? 7.127   11.793  -27.065 1.00 49.41 ? 47  ARG A NH1 1 
ATOM   329  N NH2 . ARG A 1 47 ? 9.134   12.121  -26.007 1.00 29.74 ? 47  ARG A NH2 1 
ATOM   330  N N   . ALA A 1 48 ? 3.427   10.334  -20.984 1.00 25.63 ? 48  ALA A N   1 
ATOM   331  C CA  . ALA A 1 48 ? 3.176   9.113   -20.229 1.00 22.36 ? 48  ALA A CA  1 
ATOM   332  C C   . ALA A 1 48 ? 3.593   7.849   -20.972 1.00 24.78 ? 48  ALA A C   1 
ATOM   333  O O   . ALA A 1 48 ? 3.587   7.728   -22.197 1.00 26.16 ? 48  ALA A O   1 
ATOM   334  C CB  . ALA A 1 48 ? 1.698   9.027   -19.855 1.00 19.29 ? 48  ALA A CB  1 
ATOM   335  N N   . ILE A 1 49 ? 3.969   6.865   -20.158 1.00 25.85 ? 49  ILE A N   1 
ATOM   336  C CA  . ILE A 1 49 ? 4.359   5.558   -20.642 1.00 20.09 ? 49  ILE A CA  1 
ATOM   337  C C   . ILE A 1 49 ? 3.412   4.479   -20.110 1.00 9.70  ? 49  ILE A C   1 
ATOM   338  O O   . ILE A 1 49 ? 3.293   4.297   -18.900 1.00 14.19 ? 49  ILE A O   1 
ATOM   339  C CB  . ILE A 1 49 ? 5.800   5.197   -20.239 1.00 26.33 ? 49  ILE A CB  1 
ATOM   340  C CG1 . ILE A 1 49 ? 6.714   6.403   -20.017 1.00 34.89 ? 49  ILE A CG1 1 
ATOM   341  C CG2 . ILE A 1 49 ? 6.404   4.248   -21.266 1.00 13.48 ? 49  ILE A CG2 1 
ATOM   342  C CD1 . ILE A 1 49 ? 7.509   6.787   -21.246 1.00 41.98 ? 49  ILE A CD1 1 
ATOM   343  N N   . CYS A 1 50 ? 2.772   3.809   -21.047 1.00 5.02  ? 50  CYS A N   1 
ATOM   344  C CA  . CYS A 1 50 ? 1.980   2.616   -20.829 1.00 11.25 ? 50  CYS A CA  1 
ATOM   345  C C   . CYS A 1 50 ? 2.917   1.455   -20.491 1.00 15.58 ? 50  CYS A C   1 
ATOM   346  O O   . CYS A 1 50 ? 3.747   1.118   -21.345 1.00 8.57  ? 50  CYS A O   1 
ATOM   347  C CB  . CYS A 1 50 ? 1.168   2.251   -22.064 1.00 7.11  ? 50  CYS A CB  1 
ATOM   348  S SG  . CYS A 1 50 ? -0.310  3.246   -22.347 1.00 24.95 ? 50  CYS A SG  1 
ATOM   349  N N   . SER A 1 51 ? 2.765   0.890   -19.300 1.00 16.51 ? 51  SER A N   1 
ATOM   350  C CA  . SER A 1 51 ? 3.664   -0.161  -18.847 1.00 19.07 ? 51  SER A CA  1 
ATOM   351  C C   . SER A 1 51 ? 2.986   -1.388  -18.256 1.00 27.07 ? 51  SER A C   1 
ATOM   352  O O   . SER A 1 51 ? 2.154   -1.303  -17.356 1.00 43.77 ? 51  SER A O   1 
ATOM   353  C CB  . SER A 1 51 ? 4.612   0.410   -17.777 1.00 12.13 ? 51  SER A CB  1 
ATOM   354  O OG  . SER A 1 51 ? 5.210   1.594   -18.265 1.00 20.23 ? 51  SER A OG  1 
ATOM   355  N N   . ASP A 1 52 ? 3.391   -2.546  -18.777 1.00 23.35 ? 52  ASP A N   1 
ATOM   356  C CA  . ASP A 1 52 ? 3.009   -3.814  -18.185 1.00 16.84 ? 52  ASP A CA  1 
ATOM   357  C C   . ASP A 1 52 ? 3.285   -3.773  -16.687 1.00 23.78 ? 52  ASP A C   1 
ATOM   358  O O   . ASP A 1 52 ? 4.432   -3.576  -16.273 1.00 17.09 ? 52  ASP A O   1 
ATOM   359  C CB  . ASP A 1 52 ? 3.781   -4.976  -18.815 1.00 25.02 ? 52  ASP A CB  1 
ATOM   360  C CG  . ASP A 1 52 ? 3.121   -6.319  -18.575 1.00 30.90 ? 52  ASP A CG  1 
ATOM   361  O OD1 . ASP A 1 52 ? 2.768   -6.634  -17.422 1.00 27.09 ? 52  ASP A OD1 1 
ATOM   362  O OD2 . ASP A 1 52 ? 2.923   -7.092  -19.543 1.00 31.95 ? 52  ASP A OD2 1 
ATOM   363  N N   . PRO A 1 53 ? 2.251   -3.957  -15.876 1.00 20.72 ? 53  PRO A N   1 
ATOM   364  C CA  . PRO A 1 53 ? 2.446   -4.067  -14.428 1.00 13.37 ? 53  PRO A CA  1 
ATOM   365  C C   . PRO A 1 53 ? 3.096   -5.393  -14.054 1.00 12.35 ? 53  PRO A C   1 
ATOM   366  O O   . PRO A 1 53 ? 3.366   -5.639  -12.879 1.00 32.02 ? 53  PRO A O   1 
ATOM   367  C CB  . PRO A 1 53 ? 1.025   -3.993  -13.852 1.00 16.50 ? 53  PRO A CB  1 
ATOM   368  C CG  . PRO A 1 53 ? 0.161   -3.534  -14.979 1.00 16.68 ? 53  PRO A CG  1 
ATOM   369  C CD  . PRO A 1 53 ? 0.825   -4.047  -16.233 1.00 21.66 ? 53  PRO A CD  1 
ATOM   370  N N   . ASN A 1 54 ? 3.353   -6.254  -15.027 1.00 13.12 ? 54  ASN A N   1 
ATOM   371  C CA  . ASN A 1 54 ? 3.958   -7.559  -14.785 1.00 21.82 ? 54  ASN A CA  1 
ATOM   372  C C   . ASN A 1 54 ? 5.425   -7.562  -15.192 1.00 27.33 ? 54  ASN A C   1 
ATOM   373  O O   . ASN A 1 54 ? 6.162   -8.511  -14.914 1.00 12.12 ? 54  ASN A O   1 
ATOM   374  C CB  . ASN A 1 54 ? 3.141   -8.638  -15.504 1.00 18.63 ? 54  ASN A CB  1 
ATOM   375  C CG  . ASN A 1 54 ? 1.792   -8.889  -14.853 1.00 19.48 ? 54  ASN A CG  1 
ATOM   376  O OD1 . ASN A 1 54 ? 1.673   -9.038  -13.634 1.00 26.04 ? 54  ASN A OD1 1 
ATOM   377  N ND2 . ASN A 1 54 ? 0.718   -8.957  -15.631 1.00 18.05 ? 54  ASN A ND2 1 
ATOM   378  N N   . ASN A 1 55 ? 5.892   -6.496  -15.843 1.00 31.58 ? 55  ASN A N   1 
ATOM   379  C CA  . ASN A 1 55 ? 7.310   -6.386  -16.180 1.00 29.81 ? 55  ASN A CA  1 
ATOM   380  C C   . ASN A 1 55 ? 8.104   -6.009  -14.929 1.00 27.81 ? 55  ASN A C   1 
ATOM   381  O O   . ASN A 1 55 ? 7.686   -5.110  -14.200 1.00 25.44 ? 55  ASN A O   1 
ATOM   382  C CB  . ASN A 1 55 ? 7.565   -5.357  -17.279 1.00 24.99 ? 55  ASN A CB  1 
ATOM   383  C CG  . ASN A 1 55 ? 9.009   -5.276  -17.729 1.00 26.48 ? 55  ASN A CG  1 
ATOM   384  O OD1 . ASN A 1 55 ? 9.868   -4.662  -17.093 1.00 13.99 ? 55  ASN A OD1 1 
ATOM   385  N ND2 . ASN A 1 55 ? 9.312   -5.902  -18.864 1.00 36.13 ? 55  ASN A ND2 1 
ATOM   386  N N   . LYS A 1 56 ? 9.214   -6.693  -14.707 1.00 20.07 ? 56  LYS A N   1 
ATOM   387  C CA  . LYS A 1 56 ? 10.029  -6.544  -13.512 1.00 15.29 ? 56  LYS A CA  1 
ATOM   388  C C   . LYS A 1 56 ? 10.550  -5.122  -13.367 1.00 14.17 ? 56  LYS A C   1 
ATOM   389  O O   . LYS A 1 56 ? 10.563  -4.531  -12.287 1.00 27.75 ? 56  LYS A O   1 
ATOM   390  C CB  . LYS A 1 56 ? 11.190  -7.545  -13.556 1.00 22.18 ? 56  LYS A CB  1 
ATOM   391  C CG  . LYS A 1 56 ? 11.968  -7.467  -14.864 1.00 26.48 ? 56  LYS A CG  1 
ATOM   392  C CD  . LYS A 1 56 ? 13.399  -7.958  -14.713 1.00 31.61 ? 56  LYS A CD  1 
ATOM   393  C CE  . LYS A 1 56 ? 14.179  -7.820  -16.011 1.00 31.63 ? 56  LYS A CE  1 
ATOM   394  N NZ  . LYS A 1 56 ? 15.174  -8.910  -16.195 1.00 40.61 ? 56  LYS A NZ  1 
ATOM   395  N N   . ARG A 1 57 ? 10.982  -4.548  -14.486 1.00 15.97 ? 57  ARG A N   1 
ATOM   396  C CA  . ARG A 1 57 ? 11.525  -3.196  -14.472 1.00 19.93 ? 57  ARG A CA  1 
ATOM   397  C C   . ARG A 1 57 ? 10.448  -2.145  -14.229 1.00 22.30 ? 57  ARG A C   1 
ATOM   398  O O   . ARG A 1 57 ? 10.785  -1.024  -13.853 1.00 18.22 ? 57  ARG A O   1 
ATOM   399  C CB  . ARG A 1 57 ? 12.243  -2.945  -15.803 1.00 25.29 ? 57  ARG A CB  1 
ATOM   400  C CG  . ARG A 1 57 ? 13.266  -4.017  -16.150 1.00 25.46 ? 57  ARG A CG  1 
ATOM   401  C CD  . ARG A 1 57 ? 14.555  -3.826  -15.365 1.00 24.28 ? 57  ARG A CD  1 
ATOM   402  N NE  . ARG A 1 57 ? 14.794  -2.426  -15.031 1.00 24.87 ? 57  ARG A NE  1 
ATOM   403  C CZ  . ARG A 1 57 ? 15.905  -1.921  -14.521 1.00 7.51  ? 57  ARG A CZ  1 
ATOM   404  N NH1 . ARG A 1 57 ? 16.935  -2.706  -14.259 1.00 17.34 ? 57  ARG A NH1 1 
ATOM   405  N NH2 . ARG A 1 57 ? 15.991  -0.624  -14.262 1.00 16.79 ? 57  ARG A NH2 1 
ATOM   406  N N   . VAL A 1 58 ? 9.188   -2.498  -14.449 1.00 27.40 ? 58  VAL A N   1 
ATOM   407  C CA  . VAL A 1 58 ? 8.019   -1.652  -14.258 1.00 18.38 ? 58  VAL A CA  1 
ATOM   408  C C   . VAL A 1 58 ? 7.644   -1.603  -12.779 1.00 9.56  ? 58  VAL A C   1 
ATOM   409  O O   . VAL A 1 58 ? 7.423   -0.537  -12.208 1.00 15.83 ? 58  VAL A O   1 
ATOM   410  C CB  . VAL A 1 58 ? 6.791   -2.140  -15.053 1.00 13.72 ? 58  VAL A CB  1 
ATOM   411  C CG1 . VAL A 1 58 ? 5.536   -1.405  -14.602 1.00 9.07  ? 58  VAL A CG1 1 
ATOM   412  C CG2 . VAL A 1 58 ? 6.987   -1.957  -16.547 1.00 0.00  ? 58  VAL A CG2 1 
ATOM   413  N N   . LYS A 1 59 ? 7.594   -2.790  -12.195 1.00 15.05 ? 59  LYS A N   1 
ATOM   414  C CA  . LYS A 1 59 ? 7.429   -2.985  -10.766 1.00 15.78 ? 59  LYS A CA  1 
ATOM   415  C C   . LYS A 1 59 ? 8.585   -2.323  -10.017 1.00 21.10 ? 59  LYS A C   1 
ATOM   416  O O   . LYS A 1 59 ? 8.409   -1.842  -8.899  1.00 20.06 ? 59  LYS A O   1 
ATOM   417  C CB  . LYS A 1 59 ? 7.372   -4.473  -10.430 1.00 25.30 ? 59  LYS A CB  1 
ATOM   418  C CG  . LYS A 1 59 ? 6.291   -5.248  -11.159 1.00 23.79 ? 59  LYS A CG  1 
ATOM   419  C CD  . LYS A 1 59 ? 6.359   -6.736  -10.842 1.00 20.63 ? 59  LYS A CD  1 
ATOM   420  C CE  . LYS A 1 59 ? 5.000   -7.387  -11.073 1.00 18.15 ? 59  LYS A CE  1 
ATOM   421  N NZ  . LYS A 1 59 ? 5.101   -8.872  -11.087 1.00 15.56 ? 59  LYS A NZ  1 
ATOM   422  N N   . ASN A 1 60 ? 9.756   -2.306  -10.659 1.00 22.55 ? 60  ASN A N   1 
ATOM   423  C CA  . ASN A 1 60 ? 10.927  -1.648  -10.084 1.00 25.53 ? 60  ASN A CA  1 
ATOM   424  C C   . ASN A 1 60 ? 10.799  -0.129  -10.199 1.00 23.75 ? 60  ASN A C   1 
ATOM   425  O O   . ASN A 1 60 ? 11.207  0.601   -9.296  1.00 22.33 ? 60  ASN A O   1 
ATOM   426  C CB  . ASN A 1 60 ? 12.240  -2.085  -10.748 1.00 11.52 ? 60  ASN A CB  1 
ATOM   427  C CG  . ASN A 1 60 ? 13.442  -1.419  -10.097 1.00 22.65 ? 60  ASN A CG  1 
ATOM   428  O OD1 . ASN A 1 60 ? 13.779  -1.659  -8.932  1.00 21.50 ? 60  ASN A OD1 1 
ATOM   429  N ND2 . ASN A 1 60 ? 14.128  -0.555  -10.835 1.00 16.33 ? 60  ASN A ND2 1 
ATOM   430  N N   . ALA A 1 61 ? 10.238  0.336   -11.319 1.00 14.78 ? 61  ALA A N   1 
ATOM   431  C CA  . ALA A 1 61 ? 10.027  1.777   -11.471 1.00 15.14 ? 61  ALA A CA  1 
ATOM   432  C C   . ALA A 1 61 ? 9.035   2.268   -10.424 1.00 14.68 ? 61  ALA A C   1 
ATOM   433  O O   . ALA A 1 61 ? 9.122   3.348   -9.842  1.00 14.11 ? 61  ALA A O   1 
ATOM   434  C CB  . ALA A 1 61 ? 9.561   2.082   -12.883 1.00 22.32 ? 61  ALA A CB  1 
ATOM   435  N N   . VAL A 1 62 ? 8.031   1.429   -10.153 1.00 16.34 ? 62  VAL A N   1 
ATOM   436  C CA  . VAL A 1 62 ? 7.025   1.832   -9.174  1.00 11.57 ? 62  VAL A CA  1 
ATOM   437  C C   . VAL A 1 62 ? 7.654   1.958   -7.790  1.00 11.86 ? 62  VAL A C   1 
ATOM   438  O O   . VAL A 1 62 ? 7.578   3.031   -7.194  1.00 23.04 ? 62  VAL A O   1 
ATOM   439  C CB  . VAL A 1 62 ? 5.847   0.845   -9.150  1.00 13.74 ? 62  VAL A CB  1 
ATOM   440  C CG1 . VAL A 1 62 ? 4.822   1.257   -8.106  1.00 22.48 ? 62  VAL A CG1 1 
ATOM   441  C CG2 . VAL A 1 62 ? 5.201   0.752   -10.524 1.00 10.42 ? 62  VAL A CG2 1 
ATOM   442  N N   . LYS A 1 63 ? 8.270   0.892   -7.304  1.00 12.34 ? 63  LYS A N   1 
ATOM   443  C CA  . LYS A 1 63 ? 8.995   0.864   -6.048  1.00 9.44  ? 63  LYS A CA  1 
ATOM   444  C C   . LYS A 1 63 ? 9.857   2.114   -5.864  1.00 21.12 ? 63  LYS A C   1 
ATOM   445  O O   . LYS A 1 63 ? 9.760   2.781   -4.833  1.00 37.63 ? 63  LYS A O   1 
ATOM   446  C CB  . LYS A 1 63 ? 9.931   -0.343  -5.960  1.00 18.26 ? 63  LYS A CB  1 
ATOM   447  C CG  . LYS A 1 63 ? 9.282   -1.711  -5.961  1.00 21.14 ? 63  LYS A CG  1 
ATOM   448  C CD  . LYS A 1 63 ? 10.015  -2.658  -5.027  1.00 24.90 ? 63  LYS A CD  1 
ATOM   449  C CE  . LYS A 1 63 ? 11.413  -2.139  -4.715  1.00 30.52 ? 63  LYS A CE  1 
ATOM   450  N NZ  . LYS A 1 63 ? 11.543  -1.727  -3.290  1.00 9.05  ? 63  LYS A NZ  1 
ATOM   451  N N   . TYR A 1 64 ? 10.688  2.394   -6.867  1.00 28.21 ? 64  TYR A N   1 
ATOM   452  C CA  . TYR A 1 64 ? 11.588  3.543   -6.817  1.00 23.64 ? 64  TYR A CA  1 
ATOM   453  C C   . TYR A 1 64 ? 10.840  4.817   -6.418  1.00 21.66 ? 64  TYR A C   1 
ATOM   454  O O   . TYR A 1 64 ? 11.039  5.288   -5.303  1.00 37.38 ? 64  TYR A O   1 
ATOM   455  C CB  . TYR A 1 64 ? 12.285  3.783   -8.160  1.00 25.08 ? 64  TYR A CB  1 
ATOM   456  C CG  . TYR A 1 64 ? 13.034  5.098   -8.173  1.00 26.59 ? 64  TYR A CG  1 
ATOM   457  C CD1 . TYR A 1 64 ? 12.627  6.162   -8.963  1.00 26.54 ? 64  TYR A CD1 1 
ATOM   458  C CD2 . TYR A 1 64 ? 14.156  5.268   -7.374  1.00 26.26 ? 64  TYR A CD2 1 
ATOM   459  C CE1 . TYR A 1 64 ? 13.327  7.354   -8.954  1.00 33.99 ? 64  TYR A CE1 1 
ATOM   460  C CE2 . TYR A 1 64 ? 14.859  6.455   -7.363  1.00 30.22 ? 64  TYR A CE2 1 
ATOM   461  C CZ  . TYR A 1 64 ? 14.440  7.498   -8.156  1.00 34.42 ? 64  TYR A CZ  1 
ATOM   462  O OH  . TYR A 1 64 ? 15.142  8.683   -8.145  1.00 51.76 ? 64  TYR A OH  1 
ATOM   463  N N   . LEU A 1 65 ? 10.024  5.308   -7.333  1.00 28.98 ? 65  LEU A N   1 
ATOM   464  C CA  . LEU A 1 65 ? 9.140   6.449   -7.190  1.00 35.32 ? 65  LEU A CA  1 
ATOM   465  C C   . LEU A 1 65 ? 8.620   6.611   -5.765  1.00 39.63 ? 65  LEU A C   1 
ATOM   466  O O   . LEU A 1 65 ? 9.024   7.537   -5.056  1.00 20.01 ? 65  LEU A O   1 
ATOM   467  C CB  . LEU A 1 65 ? 7.947   6.315   -8.145  1.00 33.95 ? 65  LEU A CB  1 
ATOM   468  C CG  . LEU A 1 65 ? 8.261   6.507   -9.630  1.00 36.48 ? 65  LEU A CG  1 
ATOM   469  C CD1 . LEU A 1 65 ? 7.014   6.363   -10.485 1.00 19.72 ? 65  LEU A CD1 1 
ATOM   470  C CD2 . LEU A 1 65 ? 8.920   7.862   -9.855  1.00 48.84 ? 65  LEU A CD2 1 
ATOM   471  N N   . GLN A 1 66 ? 7.747   5.706   -5.343  1.00 43.52 ? 66  GLN A N   1 
ATOM   472  C CA  . GLN A 1 66 ? 7.153   5.684   -4.015  1.00 47.50 ? 66  GLN A CA  1 
ATOM   473  C C   . GLN A 1 66 ? 8.132   6.003   -2.891  1.00 38.86 ? 66  GLN A C   1 
ATOM   474  O O   . GLN A 1 66 ? 7.735   6.556   -1.863  1.00 39.09 ? 66  GLN A O   1 
ATOM   475  C CB  . GLN A 1 66 ? 6.519   4.309   -3.741  1.00 52.79 ? 66  GLN A CB  1 
ATOM   476  C CG  . GLN A 1 66 ? 6.411   3.943   -2.271  1.00 51.16 ? 66  GLN A CG  1 
ATOM   477  C CD  . GLN A 1 66 ? 5.407   4.770   -1.497  1.00 51.07 ? 66  GLN A CD  1 
ATOM   478  O OE1 . GLN A 1 66 ? 5.085   5.898   -1.872  1.00 55.54 ? 66  GLN A OE1 1 
ATOM   479  N NE2 . GLN A 1 66 ? 4.891   4.221   -0.402  1.00 32.19 ? 66  GLN A NE2 1 
ATOM   480  N N   . SER A 1 67 ? 9.408   5.662   -3.037  1.00 32.44 ? 67  SER A N   1 
ATOM   481  C CA  . SER A 1 67 ? 10.386  5.938   -1.992  1.00 31.60 ? 67  SER A CA  1 
ATOM   482  C C   . SER A 1 67 ? 10.865  7.387   -2.042  1.00 28.79 ? 67  SER A C   1 
ATOM   483  O O   . SER A 1 67 ? 11.715  7.800   -1.250  1.00 27.90 ? 67  SER A O   1 
ATOM   484  C CB  . SER A 1 67 ? 11.571  4.979   -2.138  1.00 24.97 ? 67  SER A CB  1 
ATOM   485  O OG  . SER A 1 67 ? 12.258  5.223   -3.355  1.00 25.23 ? 67  SER A OG  1 
ATOM   486  N N   . LEU A 1 68 ? 10.319  8.141   -2.988  1.00 24.04 ? 68  LEU A N   1 
ATOM   487  C CA  . LEU A 1 68 ? 10.646  9.549   -3.161  1.00 30.28 ? 68  LEU A CA  1 
ATOM   488  C C   . LEU A 1 68 ? 9.803   10.405  -2.210  1.00 36.44 ? 68  LEU A C   1 
ATOM   489  O O   . LEU A 1 68 ? 10.091  11.576  -1.989  1.00 48.08 ? 68  LEU A O   1 
ATOM   490  C CB  . LEU A 1 68 ? 10.424  9.984   -4.605  1.00 26.48 ? 68  LEU A CB  1 
ATOM   491  C CG  . LEU A 1 68 ? 11.176  9.211   -5.684  1.00 19.72 ? 68  LEU A CG  1 
ATOM   492  C CD1 . LEU A 1 68 ? 10.654  9.589   -7.062  1.00 12.31 ? 68  LEU A CD1 1 
ATOM   493  C CD2 . LEU A 1 68 ? 12.669  9.467   -5.550  1.00 23.68 ? 68  LEU A CD2 1 
ATOM   494  N N   . GLU A 1 69 ? 8.776   9.758   -1.682  1.00 35.38 ? 69  GLU A N   1 
ATOM   495  C CA  . GLU A 1 69 ? 7.886   10.252  -0.653  1.00 36.50 ? 69  GLU A CA  1 
ATOM   496  C C   . GLU A 1 69 ? 8.094   9.449   0.631   1.00 37.93 ? 69  GLU A C   1 
ATOM   497  O O   . GLU A 1 69 ? 7.196   8.106   0.906   1.00 34.65 ? 69  GLU A O   1 
ATOM   498  C CB  . GLU A 1 69 ? 6.426   10.162  -1.102  1.00 32.95 ? 69  GLU A CB  1 
ATOM   499  C CG  . GLU A 1 69 ? 6.057   8.784   -1.617  1.00 30.10 ? 69  GLU A CG  1 
ATOM   500  C CD  . GLU A 1 69 ? 4.613   8.650   -2.037  1.00 35.82 ? 69  GLU A CD  1 
ATOM   501  O OE1 . GLU A 1 69 ? 3.748   9.366   -1.495  1.00 39.64 ? 69  GLU A OE1 1 
ATOM   502  O OE2 . GLU A 1 69 ? 4.344   7.803   -2.920  1.00 56.49 ? 69  GLU A OE2 1 
ATOM   503  N N   . ARG B 1 8  ? 7.219   -9.254  15.186  1.00 23.95 ? 8   ARG B N   1 
ATOM   504  C CA  . ARG B 1 8  ? 5.984   -8.502  15.371  1.00 30.76 ? 8   ARG B CA  1 
ATOM   505  C C   . ARG B 1 8  ? 6.066   -7.600  16.598  1.00 32.52 ? 8   ARG B C   1 
ATOM   506  O O   . ARG B 1 8  ? 5.059   -7.034  17.026  1.00 23.03 ? 8   ARG B O   1 
ATOM   507  C CB  . ARG B 1 8  ? 4.788   -9.443  15.516  1.00 30.33 ? 8   ARG B CB  1 
ATOM   508  C CG  . ARG B 1 8  ? 4.535   -10.343 14.319  1.00 26.71 ? 8   ARG B CG  1 
ATOM   509  C CD  . ARG B 1 8  ? 3.526   -11.427 14.654  1.00 26.23 ? 8   ARG B CD  1 
ATOM   510  N NE  . ARG B 1 8  ? 2.959   -11.265 15.989  1.00 19.52 ? 8   ARG B NE  1 
ATOM   511  C CZ  . ARG B 1 8  ? 2.124   -12.112 16.569  1.00 16.80 ? 8   ARG B CZ  1 
ATOM   512  N NH1 . ARG B 1 8  ? 1.736   -13.216 15.938  1.00 27.22 ? 8   ARG B NH1 1 
ATOM   513  N NH2 . ARG B 1 8  ? 1.673   -11.854 17.788  1.00 16.86 ? 8   ARG B NH2 1 
ATOM   514  N N   . GLU B 1 9  ? 7.273   -7.487  17.149  1.00 36.29 ? 9   GLU B N   1 
ATOM   515  C CA  . GLU B 1 9  ? 7.478   -6.702  18.357  1.00 38.13 ? 9   GLU B CA  1 
ATOM   516  C C   . GLU B 1 9  ? 7.303   -5.208  18.089  1.00 36.97 ? 9   GLU B C   1 
ATOM   517  O O   . GLU B 1 9  ? 6.780   -4.522  18.971  1.00 23.10 ? 9   GLU B O   1 
ATOM   518  C CB  . GLU B 1 9  ? 8.870   -6.955  18.943  1.00 41.96 ? 9   GLU B CB  1 
ATOM   519  C CG  . GLU B 1 9  ? 9.175   -6.127  20.182  1.00 39.65 ? 9   GLU B CG  1 
ATOM   520  C CD  . GLU B 1 9  ? 10.659  -5.956  20.429  1.00 44.51 ? 9   GLU B CD  1 
ATOM   521  O OE1 . GLU B 1 9  ? 11.347  -5.413  19.538  1.00 45.16 ? 9   GLU B OE1 1 
ATOM   522  O OE2 . GLU B 1 9  ? 11.143  -6.356  21.511  1.00 37.63 ? 9   GLU B OE2 1 
ATOM   523  N N   . CYS B 1 10 ? 7.741   -4.751  16.916  1.00 33.13 ? 10  CYS B N   1 
ATOM   524  C CA  . CYS B 1 10 ? 7.657   -3.344  16.545  1.00 31.68 ? 10  CYS B CA  1 
ATOM   525  C C   . CYS B 1 10 ? 6.874   -3.125  15.251  1.00 30.45 ? 10  CYS B C   1 
ATOM   526  O O   . CYS B 1 10 ? 6.588   -4.047  14.493  1.00 38.44 ? 10  CYS B O   1 
ATOM   527  C CB  . CYS B 1 10 ? 9.045   -2.726  16.377  1.00 33.47 ? 10  CYS B CB  1 
ATOM   528  S SG  . CYS B 1 10 ? 9.988   -2.476  17.890  1.00 20.39 ? 10  CYS B SG  1 
ATOM   529  N N   . CYS B 1 11 ? 6.531   -1.864  15.000  1.00 30.79 ? 11  CYS B N   1 
ATOM   530  C CA  . CYS B 1 11 ? 5.711   -1.514  13.848  1.00 40.14 ? 11  CYS B CA  1 
ATOM   531  C C   . CYS B 1 11 ? 6.357   -0.465  12.952  1.00 36.11 ? 11  CYS B C   1 
ATOM   532  O O   . CYS B 1 11 ? 6.297   0.727   13.255  1.00 29.51 ? 11  CYS B O   1 
ATOM   533  C CB  . CYS B 1 11 ? 4.347   -1.016  14.352  1.00 45.47 ? 11  CYS B CB  1 
ATOM   534  S SG  . CYS B 1 11 ? 3.126   -2.339  14.542  1.00 32.44 ? 11  CYS B SG  1 
ATOM   535  N N   . LEU B 1 12 ? 6.962   -0.904  11.853  1.00 37.52 ? 12  LEU B N   1 
ATOM   536  C CA  . LEU B 1 12 ? 7.692   -0.035  10.938  1.00 38.34 ? 12  LEU B CA  1 
ATOM   537  C C   . LEU B 1 12 ? 6.793   0.702   9.958   1.00 40.28 ? 12  LEU B C   1 
ATOM   538  O O   . LEU B 1 12 ? 7.204   1.680   9.331   1.00 45.67 ? 12  LEU B O   1 
ATOM   539  C CB  . LEU B 1 12 ? 8.714   -0.841  10.127  1.00 29.44 ? 12  LEU B CB  1 
ATOM   540  C CG  . LEU B 1 12 ? 9.617   -1.790  10.917  1.00 32.90 ? 12  LEU B CG  1 
ATOM   541  C CD1 . LEU B 1 12 ? 10.310  -2.759  9.969   1.00 33.86 ? 12  LEU B CD1 1 
ATOM   542  C CD2 . LEU B 1 12 ? 10.632  -1.019  11.745  1.00 27.01 ? 12  LEU B CD2 1 
ATOM   543  N N   . GLU B 1 13 ? 5.561   0.233   9.803   1.00 41.81 ? 13  GLU B N   1 
ATOM   544  C CA  . GLU B 1 13 ? 4.644   0.894   8.886   1.00 39.05 ? 13  GLU B CA  1 
ATOM   545  C C   . GLU B 1 13 ? 3.184   0.577   9.201   1.00 35.03 ? 13  GLU B C   1 
ATOM   546  O O   . GLU B 1 13 ? 2.658   -0.479  8.853   1.00 29.04 ? 13  GLU B O   1 
ATOM   547  C CB  . GLU B 1 13 ? 4.961   0.495   7.445   1.00 40.63 ? 13  GLU B CB  1 
ATOM   548  C CG  . GLU B 1 13 ? 3.761   0.586   6.513   1.00 37.27 ? 13  GLU B CG  1 
ATOM   549  C CD  . GLU B 1 13 ? 4.165   0.573   5.051   1.00 38.89 ? 13  GLU B CD  1 
ATOM   550  O OE1 . GLU B 1 13 ? 3.257   0.400   4.207   1.00 45.95 ? 13  GLU B OE1 1 
ATOM   551  O OE2 . GLU B 1 13 ? 5.372   0.733   4.759   1.00 25.92 ? 13  GLU B OE2 1 
ATOM   552  N N   . TYR B 1 14 ? 2.550   1.536   9.861   1.00 32.23 ? 14  TYR B N   1 
ATOM   553  C CA  . TYR B 1 14 ? 1.122   1.543   10.114  1.00 23.42 ? 14  TYR B CA  1 
ATOM   554  C C   . TYR B 1 14 ? 0.341   1.090   8.884   1.00 17.98 ? 14  TYR B C   1 
ATOM   555  O O   . TYR B 1 14 ? 0.758   1.301   7.749   1.00 35.01 ? 14  TYR B O   1 
ATOM   556  C CB  . TYR B 1 14 ? 0.631   2.942   10.499  1.00 21.81 ? 14  TYR B CB  1 
ATOM   557  C CG  . TYR B 1 14 ? 1.209   3.458   11.791  1.00 18.94 ? 14  TYR B CG  1 
ATOM   558  C CD1 . TYR B 1 14 ? 1.268   4.825   12.023  1.00 16.20 ? 14  TYR B CD1 1 
ATOM   559  C CD2 . TYR B 1 14 ? 1.685   2.592   12.765  1.00 19.48 ? 14  TYR B CD2 1 
ATOM   560  C CE1 . TYR B 1 14 ? 1.792   5.316   13.199  1.00 7.92  ? 14  TYR B CE1 1 
ATOM   561  C CE2 . TYR B 1 14 ? 2.211   3.080   13.947  1.00 19.27 ? 14  TYR B CE2 1 
ATOM   562  C CZ  . TYR B 1 14 ? 2.258   4.441   14.152  1.00 19.58 ? 14  TYR B CZ  1 
ATOM   563  O OH  . TYR B 1 14 ? 2.780   4.943   15.324  1.00 36.81 ? 14  TYR B OH  1 
ATOM   564  N N   . PHE B 1 15 ? -0.802  0.474   9.144   1.00 19.31 ? 15  PHE B N   1 
ATOM   565  C CA  . PHE B 1 15 ? -1.629  -0.078  8.085   1.00 19.15 ? 15  PHE B CA  1 
ATOM   566  C C   . PHE B 1 15 ? -2.562  0.993   7.533   1.00 22.08 ? 15  PHE B C   1 
ATOM   567  O O   . PHE B 1 15 ? -3.400  1.551   8.238   1.00 17.40 ? 15  PHE B O   1 
ATOM   568  C CB  . PHE B 1 15 ? -2.415  -1.290  8.595   1.00 22.62 ? 15  PHE B CB  1 
ATOM   569  C CG  . PHE B 1 15 ? -3.155  -1.955  7.436   1.00 24.39 ? 15  PHE B CG  1 
ATOM   570  C CD1 . PHE B 1 15 ? -4.529  -1.887  7.353   1.00 21.94 ? 15  PHE B CD1 1 
ATOM   571  C CD2 . PHE B 1 15 ? -2.434  -2.615  6.457   1.00 21.03 ? 15  PHE B CD2 1 
ATOM   572  C CE1 . PHE B 1 15 ? -5.191  -2.472  6.288   1.00 24.94 ? 15  PHE B CE1 1 
ATOM   573  C CE2 . PHE B 1 15 ? -3.096  -3.210  5.401   1.00 28.13 ? 15  PHE B CE2 1 
ATOM   574  C CZ  . PHE B 1 15 ? -4.474  -3.139  5.317   1.00 24.38 ? 15  PHE B CZ  1 
ATOM   575  N N   . LYS B 1 16 ? -2.387  1.298   6.248   1.00 23.39 ? 16  LYS B N   1 
ATOM   576  C CA  . LYS B 1 16 ? -3.253  2.294   5.617   1.00 24.62 ? 16  LYS B CA  1 
ATOM   577  C C   . LYS B 1 16 ? -4.410  1.564   4.958   1.00 19.03 ? 16  LYS B C   1 
ATOM   578  O O   . LYS B 1 16 ? -4.202  0.810   4.008   1.00 25.57 ? 16  LYS B O   1 
ATOM   579  C CB  . LYS B 1 16 ? -2.488  3.143   4.608   1.00 33.45 ? 16  LYS B CB  1 
ATOM   580  C CG  . LYS B 1 16 ? -3.360  4.042   3.742   1.00 31.99 ? 16  LYS B CG  1 
ATOM   581  C CD  . LYS B 1 16 ? -2.542  5.166   3.131   1.00 32.44 ? 16  LYS B CD  1 
ATOM   582  C CE  . LYS B 1 16 ? -2.565  5.135   1.612   1.00 30.99 ? 16  LYS B CE  1 
ATOM   583  N NZ  . LYS B 1 16 ? -1.883  3.924   1.082   1.00 41.18 ? 16  LYS B NZ  1 
ATOM   584  N N   . GLY B 1 17 ? -5.626  1.760   5.470   1.00 29.29 ? 17  GLY B N   1 
ATOM   585  C CA  . GLY B 1 17 ? -6.761  1.052   4.893   1.00 26.85 ? 17  GLY B CA  1 
ATOM   586  C C   . GLY B 1 17 ? -7.805  0.696   5.930   1.00 24.98 ? 17  GLY B C   1 
ATOM   587  O O   . GLY B 1 17 ? -7.906  1.357   6.962   1.00 34.96 ? 17  GLY B O   1 
ATOM   588  N N   . ALA B 1 18 ? -8.583  -0.344  5.646   1.00 27.76 ? 18  ALA B N   1 
ATOM   589  C CA  . ALA B 1 18 ? -9.683  -0.723  6.521   1.00 31.64 ? 18  ALA B CA  1 
ATOM   590  C C   . ALA B 1 18 ? -9.363  -1.965  7.343   1.00 29.29 ? 18  ALA B C   1 
ATOM   591  O O   . ALA B 1 18 ? -9.054  -3.040  6.840   1.00 27.50 ? 18  ALA B O   1 
ATOM   592  C CB  . ALA B 1 18 ? -10.954 -0.953  5.711   1.00 36.02 ? 18  ALA B CB  1 
ATOM   593  N N   . ILE B 1 19 ? -9.458  -1.787  8.657   1.00 27.27 ? 19  ILE B N   1 
ATOM   594  C CA  . ILE B 1 19 ? -9.265  -2.906  9.571   1.00 20.92 ? 19  ILE B CA  1 
ATOM   595  C C   . ILE B 1 19 ? -10.450 -3.866  9.486   1.00 25.39 ? 19  ILE B C   1 
ATOM   596  O O   . ILE B 1 19 ? -11.609 -3.520  9.716   1.00 10.02 ? 19  ILE B O   1 
ATOM   597  C CB  . ILE B 1 19 ? -9.067  -2.427  11.012  1.00 8.90  ? 19  ILE B CB  1 
ATOM   598  C CG1 . ILE B 1 19 ? -8.006  -1.337  11.177  1.00 4.19  ? 19  ILE B CG1 1 
ATOM   599  C CG2 . ILE B 1 19 ? -8.742  -3.604  11.917  1.00 14.20 ? 19  ILE B CG2 1 
ATOM   600  C CD1 . ILE B 1 19 ? -7.014  -1.652  12.266  1.00 3.60  ? 19  ILE B CD1 1 
ATOM   601  N N   . PRO B 1 20 ? -10.112 -5.097  9.131   1.00 23.01 ? 20  PRO B N   1 
ATOM   602  C CA  . PRO B 1 20 ? -11.107 -6.136  8.863   1.00 13.32 ? 20  PRO B CA  1 
ATOM   603  C C   . PRO B 1 20 ? -11.599 -6.775  10.156  1.00 18.78 ? 20  PRO B C   1 
ATOM   604  O O   . PRO B 1 20 ? -11.219 -7.906  10.454  1.00 42.75 ? 20  PRO B O   1 
ATOM   605  C CB  . PRO B 1 20 ? -10.331 -7.144  8.029   1.00 7.99  ? 20  PRO B CB  1 
ATOM   606  C CG  . PRO B 1 20 ? -8.956  -6.596  7.831   1.00 12.95 ? 20  PRO B CG  1 
ATOM   607  C CD  . PRO B 1 20 ? -8.738  -5.605  8.944   1.00 18.97 ? 20  PRO B CD  1 
ATOM   608  N N   . LEU B 1 21 ? -12.417 -6.029  10.872  1.00 18.24 ? 21  LEU B N   1 
ATOM   609  C CA  . LEU B 1 21 ? -12.975 -6.373  12.167  1.00 24.98 ? 21  LEU B CA  1 
ATOM   610  C C   . LEU B 1 21 ? -13.336 -7.851  12.280  1.00 29.55 ? 21  LEU B C   1 
ATOM   611  O O   . LEU B 1 21 ? -13.121 -8.481  13.319  1.00 25.46 ? 21  LEU B O   1 
ATOM   612  C CB  . LEU B 1 21 ? -14.228 -5.537  12.431  1.00 18.98 ? 21  LEU B CB  1 
ATOM   613  C CG  . LEU B 1 21 ? -14.056 -4.234  13.210  1.00 17.67 ? 21  LEU B CG  1 
ATOM   614  C CD1 . LEU B 1 21 ? -12.617 -3.749  13.166  1.00 18.88 ? 21  LEU B CD1 1 
ATOM   615  C CD2 . LEU B 1 21 ? -15.019 -3.183  12.678  1.00 11.60 ? 21  LEU B CD2 1 
ATOM   616  N N   . ARG B 1 22 ? -13.891 -8.396  11.207  1.00 32.99 ? 22  ARG B N   1 
ATOM   617  C CA  . ARG B 1 22 ? -14.272 -9.800  11.114  1.00 29.87 ? 22  ARG B CA  1 
ATOM   618  C C   . ARG B 1 22 ? -13.083 -10.748 11.236  1.00 25.99 ? 22  ARG B C   1 
ATOM   619  O O   . ARG B 1 22 ? -13.261 -11.923 11.557  1.00 28.80 ? 22  ARG B O   1 
ATOM   620  C CB  . ARG B 1 22 ? -14.991 -10.040 9.782   1.00 31.52 ? 22  ARG B CB  1 
ATOM   621  C CG  . ARG B 1 22 ? -14.069 -10.311 8.605   1.00 30.03 ? 22  ARG B CG  1 
ATOM   622  C CD  . ARG B 1 22 ? -14.875 -10.759 7.394   1.00 36.87 ? 22  ARG B CD  1 
ATOM   623  N NE  . ARG B 1 22 ? -15.892 -11.734 7.763   1.00 39.21 ? 22  ARG B NE  1 
ATOM   624  C CZ  . ARG B 1 22 ? -17.013 -11.978 7.101   1.00 39.41 ? 22  ARG B CZ  1 
ATOM   625  N NH1 . ARG B 1 22 ? -17.293 -11.302 5.994   1.00 39.02 ? 22  ARG B NH1 1 
ATOM   626  N NH2 . ARG B 1 22 ? -17.851 -12.902 7.557   1.00 27.09 ? 22  ARG B NH2 1 
ATOM   627  N N   . LYS B 1 23 ? -11.878 -10.258 10.984  1.00 32.11 ? 23  LYS B N   1 
ATOM   628  C CA  . LYS B 1 23 ? -10.645 -11.022 10.959  1.00 23.58 ? 23  LYS B CA  1 
ATOM   629  C C   . LYS B 1 23 ? -9.866  -10.981 12.270  1.00 26.38 ? 23  LYS B C   1 
ATOM   630  O O   . LYS B 1 23 ? -9.228  -11.964 12.658  1.00 17.46 ? 23  LYS B O   1 
ATOM   631  C CB  . LYS B 1 23 ? -9.737  -10.482 9.845   1.00 21.31 ? 23  LYS B CB  1 
ATOM   632  C CG  . LYS B 1 23 ? -10.007 -11.105 8.486   1.00 16.03 ? 23  LYS B CG  1 
ATOM   633  C CD  . LYS B 1 23 ? -9.416  -10.245 7.379   1.00 21.35 ? 23  LYS B CD  1 
ATOM   634  C CE  . LYS B 1 23 ? -10.204 -10.420 6.086   1.00 28.13 ? 23  LYS B CE  1 
ATOM   635  N NZ  . LYS B 1 23 ? -11.383 -9.508  6.039   1.00 33.55 ? 23  LYS B NZ  1 
ATOM   636  N N   . LEU B 1 24 ? -9.936  -9.828  12.914  1.00 23.21 ? 24  LEU B N   1 
ATOM   637  C CA  . LEU B 1 24 ? -9.299  -9.543  14.186  1.00 18.53 ? 24  LEU B CA  1 
ATOM   638  C C   . LEU B 1 24 ? -9.614  -10.579 15.265  1.00 20.77 ? 24  LEU B C   1 
ATOM   639  O O   . LEU B 1 24 ? -10.772 -10.960 15.452  1.00 21.95 ? 24  LEU B O   1 
ATOM   640  C CB  . LEU B 1 24 ? -9.760  -8.162  14.655  1.00 14.86 ? 24  LEU B CB  1 
ATOM   641  C CG  . LEU B 1 24 ? -9.035  -6.942  14.093  1.00 17.17 ? 24  LEU B CG  1 
ATOM   642  C CD1 . LEU B 1 24 ? -8.483  -7.212  12.703  1.00 14.88 ? 24  LEU B CD1 1 
ATOM   643  C CD2 . LEU B 1 24 ? -9.981  -5.754  14.090  1.00 10.33 ? 24  LEU B CD2 1 
ATOM   644  N N   . LYS B 1 25 ? -8.584  -11.032 15.976  1.00 16.18 ? 25  LYS B N   1 
ATOM   645  C CA  . LYS B 1 25 ? -8.741  -12.004 17.048  1.00 24.50 ? 25  LYS B CA  1 
ATOM   646  C C   . LYS B 1 25 ? -8.040  -11.563 18.327  1.00 23.39 ? 25  LYS B C   1 
ATOM   647  O O   . LYS B 1 25 ? -8.185  -12.197 19.371  1.00 29.32 ? 25  LYS B O   1 
ATOM   648  C CB  . LYS B 1 25 ? -8.207  -13.365 16.593  1.00 29.03 ? 25  LYS B CB  1 
ATOM   649  C CG  . LYS B 1 25 ? -8.212  -14.424 17.679  1.00 26.67 ? 25  LYS B CG  1 
ATOM   650  C CD  . LYS B 1 25 ? -9.638  -14.715 18.133  1.00 31.90 ? 25  LYS B CD  1 
ATOM   651  C CE  . LYS B 1 25 ? -9.687  -15.976 18.979  1.00 28.51 ? 25  LYS B CE  1 
ATOM   652  N NZ  . LYS B 1 25 ? -11.006 -16.662 18.907  1.00 38.48 ? 25  LYS B NZ  1 
ATOM   653  N N   . THR B 1 26 ? -7.281  -10.475 18.273  1.00 20.44 ? 26  THR B N   1 
ATOM   654  C CA  . THR B 1 26 ? -6.631  -9.917  19.457  1.00 18.56 ? 26  THR B CA  1 
ATOM   655  C C   . THR B 1 26 ? -5.777  -8.699  19.107  1.00 15.15 ? 26  THR B C   1 
ATOM   656  O O   . THR B 1 26 ? -5.626  -8.332  17.948  1.00 23.57 ? 26  THR B O   1 
ATOM   657  C CB  . THR B 1 26 ? -5.745  -10.943 20.188  1.00 18.30 ? 26  THR B CB  1 
ATOM   658  O OG1 . THR B 1 26 ? -5.709  -10.621 21.583  1.00 30.95 ? 26  THR B OG1 1 
ATOM   659  C CG2 . THR B 1 26 ? -4.303  -10.888 19.707  1.00 10.75 ? 26  THR B CG2 1 
ATOM   660  N N   . TRP B 1 27 ? -5.220  -8.069  20.129  1.00 16.85 ? 27  TRP B N   1 
ATOM   661  C CA  . TRP B 1 27 ? -4.342  -6.930  20.020  1.00 12.26 ? 27  TRP B CA  1 
ATOM   662  C C   . TRP B 1 27 ? -3.506  -6.744  21.284  1.00 12.84 ? 27  TRP B C   1 
ATOM   663  O O   . TRP B 1 27 ? -3.907  -7.106  22.384  1.00 21.95 ? 27  TRP B O   1 
ATOM   664  C CB  . TRP B 1 27 ? -5.130  -5.636  19.803  1.00 18.63 ? 27  TRP B CB  1 
ATOM   665  C CG  . TRP B 1 27 ? -5.974  -5.224  20.971  1.00 21.39 ? 27  TRP B CG  1 
ATOM   666  C CD1 . TRP B 1 27 ? -7.175  -5.765  21.341  1.00 24.31 ? 27  TRP B CD1 1 
ATOM   667  C CD2 . TRP B 1 27 ? -5.701  -4.188  21.926  1.00 12.16 ? 27  TRP B CD2 1 
ATOM   668  N NE1 . TRP B 1 27 ? -7.663  -5.133  22.463  1.00 16.78 ? 27  TRP B NE1 1 
ATOM   669  C CE2 . TRP B 1 27 ? -6.773  -4.160  22.838  1.00 15.35 ? 27  TRP B CE2 1 
ATOM   670  C CE3 . TRP B 1 27 ? -4.653  -3.278  22.099  1.00 16.01 ? 27  TRP B CE3 1 
ATOM   671  C CZ2 . TRP B 1 27 ? -6.822  -3.262  23.902  1.00 24.57 ? 27  TRP B CZ2 1 
ATOM   672  C CZ3 . TRP B 1 27 ? -4.702  -2.387  23.155  1.00 16.58 ? 27  TRP B CZ3 1 
ATOM   673  C CH2 . TRP B 1 27 ? -5.781  -2.383  24.048  1.00 16.27 ? 27  TRP B CH2 1 
ATOM   674  N N   . TYR B 1 28 ? -2.352  -6.144  21.072  1.00 16.61 ? 28  TYR B N   1 
ATOM   675  C CA  . TYR B 1 28 ? -1.446  -5.675  22.095  1.00 18.96 ? 28  TYR B CA  1 
ATOM   676  C C   . TYR B 1 28 ? -0.888  -4.329  21.626  1.00 18.09 ? 28  TYR B C   1 
ATOM   677  O O   . TYR B 1 28 ? -1.259  -3.828  20.569  1.00 18.52 ? 28  TYR B O   1 
ATOM   678  C CB  . TYR B 1 28 ? -0.311  -6.655  22.374  1.00 21.93 ? 28  TYR B CB  1 
ATOM   679  C CG  . TYR B 1 28 ? 0.575   -7.001  21.203  1.00 14.64 ? 28  TYR B CG  1 
ATOM   680  C CD1 . TYR B 1 28 ? 1.676   -6.233  20.838  1.00 18.46 ? 28  TYR B CD1 1 
ATOM   681  C CD2 . TYR B 1 28 ? 0.301   -8.137  20.443  1.00 17.69 ? 28  TYR B CD2 1 
ATOM   682  C CE1 . TYR B 1 28 ? 2.478   -6.564  19.761  1.00 18.84 ? 28  TYR B CE1 1 
ATOM   683  C CE2 . TYR B 1 28 ? 1.096   -8.478  19.366  1.00 18.83 ? 28  TYR B CE2 1 
ATOM   684  C CZ  . TYR B 1 28 ? 2.179   -7.692  19.030  1.00 14.64 ? 28  TYR B CZ  1 
ATOM   685  O OH  . TYR B 1 28 ? 2.959   -8.047  17.954  1.00 32.75 ? 28  TYR B OH  1 
ATOM   686  N N   . GLN B 1 29 ? 0.030   -3.804  22.418  1.00 21.03 ? 29  GLN B N   1 
ATOM   687  C CA  . GLN B 1 29 ? 0.768   -2.611  22.045  1.00 10.63 ? 29  GLN B CA  1 
ATOM   688  C C   . GLN B 1 29 ? 2.263   -2.925  22.017  1.00 9.23  ? 29  GLN B C   1 
ATOM   689  O O   . GLN B 1 29 ? 2.796   -3.422  23.011  1.00 16.77 ? 29  GLN B O   1 
ATOM   690  C CB  . GLN B 1 29 ? 0.496   -1.468  23.015  1.00 7.04  ? 29  GLN B CB  1 
ATOM   691  C CG  . GLN B 1 29 ? 1.010   -0.122  22.511  1.00 12.47 ? 29  GLN B CG  1 
ATOM   692  C CD  . GLN B 1 29 ? 0.597   0.973   23.484  1.00 24.68 ? 29  GLN B CD  1 
ATOM   693  O OE1 . GLN B 1 29 ? 0.268   0.666   24.631  1.00 30.08 ? 29  GLN B OE1 1 
ATOM   694  N NE2 . GLN B 1 29 ? 0.619   2.216   23.025  1.00 39.70 ? 29  GLN B NE2 1 
ATOM   695  N N   . THR B 1 30 ? 2.866   -2.631  20.886  1.00 13.12 ? 30  THR B N   1 
ATOM   696  C CA  . THR B 1 30 ? 4.271   -2.823  20.573  1.00 13.50 ? 30  THR B CA  1 
ATOM   697  C C   . THR B 1 30 ? 5.196   -2.386  21.704  1.00 23.46 ? 30  THR B C   1 
ATOM   698  O O   . THR B 1 30 ? 4.852   -1.492  22.486  1.00 19.26 ? 30  THR B O   1 
ATOM   699  C CB  . THR B 1 30 ? 4.629   -2.056  19.280  1.00 12.65 ? 30  THR B CB  1 
ATOM   700  O OG1 . THR B 1 30 ? 4.245   -0.676  19.352  1.00 10.22 ? 30  THR B OG1 1 
ATOM   701  C CG2 . THR B 1 30 ? 3.842   -2.643  18.113  1.00 12.14 ? 30  THR B CG2 1 
ATOM   702  N N   . SER B 1 31 ? 6.366   -3.028  21.772  1.00 19.15 ? 31  SER B N   1 
ATOM   703  C CA  . SER B 1 31 ? 7.361   -2.728  22.784  1.00 15.32 ? 31  SER B CA  1 
ATOM   704  C C   . SER B 1 31 ? 7.663   -1.231  22.812  1.00 20.40 ? 31  SER B C   1 
ATOM   705  O O   . SER B 1 31 ? 7.628   -0.556  21.788  1.00 26.38 ? 31  SER B O   1 
ATOM   706  C CB  . SER B 1 31 ? 8.686   -3.475  22.579  1.00 12.02 ? 31  SER B CB  1 
ATOM   707  O OG  . SER B 1 31 ? 8.490   -4.877  22.591  1.00 21.66 ? 31  SER B OG  1 
ATOM   708  N N   . GLU B 1 32 ? 7.960   -0.755  24.010  1.00 22.04 ? 32  GLU B N   1 
ATOM   709  C CA  . GLU B 1 32 ? 8.306   0.633   24.267  1.00 27.40 ? 32  GLU B CA  1 
ATOM   710  C C   . GLU B 1 32 ? 9.516   1.088   23.456  1.00 24.38 ? 32  GLU B C   1 
ATOM   711  O O   . GLU B 1 32 ? 9.490   2.191   22.905  1.00 37.76 ? 32  GLU B O   1 
ATOM   712  C CB  . GLU B 1 32 ? 8.549   0.793   25.771  1.00 37.32 ? 32  GLU B CB  1 
ATOM   713  C CG  . GLU B 1 32 ? 7.319   0.424   26.597  1.00 40.48 ? 32  GLU B CG  1 
ATOM   714  C CD  . GLU B 1 32 ? 7.406   -0.994  27.124  1.00 43.21 ? 32  GLU B CD  1 
ATOM   715  O OE1 . GLU B 1 32 ? 6.846   -1.265  28.208  1.00 39.57 ? 32  GLU B OE1 1 
ATOM   716  O OE2 . GLU B 1 32 ? 8.038   -1.834  26.448  1.00 41.28 ? 32  GLU B OE2 1 
ATOM   717  N N   . ASP B 1 33 ? 10.520  0.238   23.399  1.00 30.49 ? 33  ASP B N   1 
ATOM   718  C CA  . ASP B 1 33 ? 11.779  0.335   22.697  1.00 32.02 ? 33  ASP B CA  1 
ATOM   719  C C   . ASP B 1 33 ? 11.621  0.794   21.251  1.00 34.37 ? 33  ASP B C   1 
ATOM   720  O O   . ASP B 1 33 ? 12.445  1.530   20.711  1.00 33.44 ? 33  ASP B O   1 
ATOM   721  C CB  . ASP B 1 33 ? 12.479  -1.036  22.689  1.00 33.35 ? 33  ASP B CB  1 
ATOM   722  C CG  . ASP B 1 33 ? 12.286  -1.754  24.014  1.00 40.16 ? 33  ASP B CG  1 
ATOM   723  O OD1 . ASP B 1 33 ? 13.170  -1.627  24.891  1.00 34.48 ? 33  ASP B OD1 1 
ATOM   724  O OD2 . ASP B 1 33 ? 11.244  -2.426  24.165  1.00 32.76 ? 33  ASP B OD2 1 
ATOM   725  N N   . CYS B 1 34 ? 10.543  0.324   20.641  1.00 31.04 ? 34  CYS B N   1 
ATOM   726  C CA  . CYS B 1 34 ? 10.229  0.612   19.248  1.00 25.71 ? 34  CYS B CA  1 
ATOM   727  C C   . CYS B 1 34 ? 10.358  2.094   18.930  1.00 21.81 ? 34  CYS B C   1 
ATOM   728  O O   . CYS B 1 34 ? 10.097  2.965   19.758  1.00 35.20 ? 34  CYS B O   1 
ATOM   729  C CB  . CYS B 1 34 ? 8.816   0.094   18.959  1.00 23.30 ? 34  CYS B CB  1 
ATOM   730  S SG  . CYS B 1 34 ? 8.663   -1.698  19.221  1.00 21.32 ? 34  CYS B SG  1 
ATOM   731  N N   . SER B 1 35 ? 10.776  2.393   17.709  1.00 20.25 ? 35  SER B N   1 
ATOM   732  C CA  . SER B 1 35 ? 10.865  3.770   17.234  1.00 18.69 ? 35  SER B CA  1 
ATOM   733  C C   . SER B 1 35 ? 9.541   4.497   17.421  1.00 20.93 ? 35  SER B C   1 
ATOM   734  O O   . SER B 1 35 ? 9.487   5.519   18.110  1.00 21.54 ? 35  SER B O   1 
ATOM   735  C CB  . SER B 1 35 ? 11.289  3.782   15.766  1.00 22.65 ? 35  SER B CB  1 
ATOM   736  O OG  . SER B 1 35 ? 12.147  4.869   15.482  1.00 30.05 ? 35  SER B OG  1 
ATOM   737  N N   . ARG B 1 36 ? 8.449   4.002   16.834  1.00 23.59 ? 36  ARG B N   1 
ATOM   738  C CA  . ARG B 1 36 ? 7.152   4.627   17.089  1.00 23.17 ? 36  ARG B CA  1 
ATOM   739  C C   . ARG B 1 36 ? 6.289   3.755   18.004  1.00 27.34 ? 36  ARG B C   1 
ATOM   740  O O   . ARG B 1 36 ? 6.688   2.699   18.490  1.00 16.42 ? 36  ARG B O   1 
ATOM   741  C CB  . ARG B 1 36 ? 6.393   4.939   15.802  1.00 26.53 ? 36  ARG B CB  1 
ATOM   742  C CG  . ARG B 1 36 ? 6.299   3.820   14.788  1.00 33.18 ? 36  ARG B CG  1 
ATOM   743  C CD  . ARG B 1 36 ? 5.495   4.233   13.559  1.00 33.74 ? 36  ARG B CD  1 
ATOM   744  N NE  . ARG B 1 36 ? 6.300   5.002   12.625  1.00 39.37 ? 36  ARG B NE  1 
ATOM   745  C CZ  . ARG B 1 36 ? 5.923   5.649   11.535  1.00 29.50 ? 36  ARG B CZ  1 
ATOM   746  N NH1 . ARG B 1 36 ? 4.663   5.663   11.139  1.00 25.68 ? 36  ARG B NH1 1 
ATOM   747  N NH2 . ARG B 1 36 ? 6.828   6.300   10.809  1.00 21.22 ? 36  ARG B NH2 1 
ATOM   748  N N   . ASP B 1 37 ? 5.074   4.231   18.242  1.00 25.92 ? 37  ASP B N   1 
ATOM   749  C CA  . ASP B 1 37 ? 4.084   3.542   19.064  1.00 26.71 ? 37  ASP B CA  1 
ATOM   750  C C   . ASP B 1 37 ? 2.949   3.037   18.180  1.00 27.91 ? 37  ASP B C   1 
ATOM   751  O O   . ASP B 1 37 ? 2.521   3.762   17.278  1.00 18.33 ? 37  ASP B O   1 
ATOM   752  C CB  . ASP B 1 37 ? 3.592   4.484   20.151  1.00 22.94 ? 37  ASP B CB  1 
ATOM   753  C CG  . ASP B 1 37 ? 2.343   4.056   20.879  1.00 17.15 ? 37  ASP B CG  1 
ATOM   754  O OD1 . ASP B 1 37 ? 1.502   4.942   21.150  1.00 22.22 ? 37  ASP B OD1 1 
ATOM   755  O OD2 . ASP B 1 37 ? 2.201   2.861   21.203  1.00 6.02  ? 37  ASP B OD2 1 
ATOM   756  N N   . ALA B 1 38 ? 2.473   1.815   18.411  1.00 25.07 ? 38  ALA B N   1 
ATOM   757  C CA  . ALA B 1 38 ? 1.452   1.245   17.546  1.00 16.14 ? 38  ALA B CA  1 
ATOM   758  C C   . ALA B 1 38 ? 0.684   0.103   18.199  1.00 18.48 ? 38  ALA B C   1 
ATOM   759  O O   . ALA B 1 38 ? 1.037   -0.426  19.247  1.00 9.72  ? 38  ALA B O   1 
ATOM   760  C CB  . ALA B 1 38 ? 2.087   0.727   16.255  1.00 20.65 ? 38  ALA B CB  1 
ATOM   761  N N   . ILE B 1 39 ? -0.396  -0.273  17.515  1.00 18.55 ? 39  ILE B N   1 
ATOM   762  C CA  . ILE B 1 39 ? -1.210  -1.409  17.923  1.00 22.89 ? 39  ILE B CA  1 
ATOM   763  C C   . ILE B 1 39 ? -1.132  -2.503  16.854  1.00 26.97 ? 39  ILE B C   1 
ATOM   764  O O   . ILE B 1 39 ? -1.301  -2.280  15.653  1.00 9.70  ? 39  ILE B O   1 
ATOM   765  C CB  . ILE B 1 39 ? -2.665  -1.001  18.199  1.00 23.25 ? 39  ILE B CB  1 
ATOM   766  C CG1 . ILE B 1 39 ? -2.812  0.150   19.197  1.00 16.44 ? 39  ILE B CG1 1 
ATOM   767  C CG2 . ILE B 1 39 ? -3.510  -2.188  18.644  1.00 12.55 ? 39  ILE B CG2 1 
ATOM   768  C CD1 . ILE B 1 39 ? -2.266  -0.126  20.574  1.00 27.43 ? 39  ILE B CD1 1 
ATOM   769  N N   . VAL B 1 40 ? -0.847  -3.714  17.333  1.00 27.23 ? 40  VAL B N   1 
ATOM   770  C CA  . VAL B 1 40 ? -0.743  -4.880  16.484  1.00 13.59 ? 40  VAL B CA  1 
ATOM   771  C C   . VAL B 1 40 ? -1.952  -5.807  16.666  1.00 25.88 ? 40  VAL B C   1 
ATOM   772  O O   . VAL B 1 40 ? -1.963  -6.593  17.615  1.00 13.97 ? 40  VAL B O   1 
ATOM   773  C CB  . VAL B 1 40 ? 0.497   -5.751  16.748  1.00 6.38  ? 40  VAL B CB  1 
ATOM   774  C CG1 . VAL B 1 40 ? 0.513   -6.904  15.742  1.00 5.48  ? 40  VAL B CG1 1 
ATOM   775  C CG2 . VAL B 1 40 ? 1.797   -4.965  16.678  1.00 8.58  ? 40  VAL B CG2 1 
ATOM   776  N N   . PHE B 1 41 ? -2.878  -5.660  15.731  1.00 25.72 ? 41  PHE B N   1 
ATOM   777  C CA  . PHE B 1 41 ? -4.007  -6.558  15.578  1.00 24.03 ? 41  PHE B CA  1 
ATOM   778  C C   . PHE B 1 41 ? -3.509  -7.894  15.041  1.00 21.98 ? 41  PHE B C   1 
ATOM   779  O O   . PHE B 1 41 ? -2.803  -7.889  14.028  1.00 17.82 ? 41  PHE B O   1 
ATOM   780  C CB  . PHE B 1 41 ? -5.043  -5.996  14.608  1.00 27.19 ? 41  PHE B CB  1 
ATOM   781  C CG  . PHE B 1 41 ? -5.703  -4.717  15.092  1.00 18.73 ? 41  PHE B CG  1 
ATOM   782  C CD1 . PHE B 1 41 ? -5.164  -3.484  14.786  1.00 26.65 ? 41  PHE B CD1 1 
ATOM   783  C CD2 . PHE B 1 41 ? -6.854  -4.778  15.856  1.00 23.76 ? 41  PHE B CD2 1 
ATOM   784  C CE1 . PHE B 1 41 ? -5.753  -2.317  15.238  1.00 30.95 ? 41  PHE B CE1 1 
ATOM   785  C CE2 . PHE B 1 41 ? -7.450  -3.614  16.305  1.00 31.84 ? 41  PHE B CE2 1 
ATOM   786  C CZ  . PHE B 1 41 ? -6.910  -2.381  15.998  1.00 27.36 ? 41  PHE B CZ  1 
ATOM   787  N N   . VAL B 1 42 ? -3.869  -8.987  15.700  1.00 20.92 ? 42  VAL B N   1 
ATOM   788  C CA  . VAL B 1 42 ? -3.518  -10.309 15.166  1.00 20.05 ? 42  VAL B CA  1 
ATOM   789  C C   . VAL B 1 42 ? -4.764  -10.954 14.591  1.00 18.86 ? 42  VAL B C   1 
ATOM   790  O O   . VAL B 1 42 ? -5.783  -11.063 15.277  1.00 24.23 ? 42  VAL B O   1 
ATOM   791  C CB  . VAL B 1 42 ? -2.867  -11.199 16.234  1.00 21.34 ? 42  VAL B CB  1 
ATOM   792  C CG1 . VAL B 1 42 ? -2.508  -12.566 15.676  1.00 22.32 ? 42  VAL B CG1 1 
ATOM   793  C CG2 . VAL B 1 42 ? -1.616  -10.520 16.785  1.00 29.07 ? 42  VAL B CG2 1 
ATOM   794  N N   . THR B 1 43 ? -4.746  -11.391 13.324  1.00 11.12 ? 43  THR B N   1 
ATOM   795  C CA  . THR B 1 43 ? -6.033  -11.941 12.864  1.00 16.40 ? 43  THR B CA  1 
ATOM   796  C C   . THR B 1 43 ? -6.235  -13.352 13.405  1.00 14.91 ? 43  THR B C   1 
ATOM   797  O O   . THR B 1 43 ? -5.457  -13.799 14.250  1.00 18.69 ? 43  THR B O   1 
ATOM   798  C CB  . THR B 1 43 ? -6.155  -11.893 11.333  1.00 22.00 ? 43  THR B CB  1 
ATOM   799  O OG1 . THR B 1 43 ? -5.435  -12.969 10.723  1.00 28.98 ? 43  THR B OG1 1 
ATOM   800  C CG2 . THR B 1 43 ? -5.529  -10.607 10.814  1.00 21.87 ? 43  THR B CG2 1 
ATOM   801  N N   . VAL B 1 44 ? -7.274  -14.019 12.934  1.00 21.27 ? 44  VAL B N   1 
ATOM   802  C CA  . VAL B 1 44 ? -7.696  -15.349 13.331  1.00 25.80 ? 44  VAL B CA  1 
ATOM   803  C C   . VAL B 1 44 ? -6.803  -16.430 12.720  1.00 30.86 ? 44  VAL B C   1 
ATOM   804  O O   . VAL B 1 44 ? -6.684  -17.514 13.295  1.00 28.96 ? 44  VAL B O   1 
ATOM   805  C CB  . VAL B 1 44 ? -9.144  -15.671 12.900  1.00 31.57 ? 44  VAL B CB  1 
ATOM   806  C CG1 . VAL B 1 44 ? -10.151 -14.742 13.551  1.00 35.60 ? 44  VAL B CG1 1 
ATOM   807  C CG2 . VAL B 1 44 ? -9.248  -15.601 11.379  1.00 41.98 ? 44  VAL B CG2 1 
ATOM   808  N N   . GLN B 1 45 ? -6.209  -16.130 11.568  1.00 29.04 ? 45  GLN B N   1 
ATOM   809  C CA  . GLN B 1 45 ? -5.328  -17.088 10.899  1.00 16.88 ? 45  GLN B CA  1 
ATOM   810  C C   . GLN B 1 45 ? -3.900  -16.935 11.415  1.00 16.11 ? 45  GLN B C   1 
ATOM   811  O O   . GLN B 1 45 ? -3.147  -17.911 11.490  1.00 42.63 ? 45  GLN B O   1 
ATOM   812  C CB  . GLN B 1 45 ? -5.371  -16.933 9.389   1.00 18.18 ? 45  GLN B CB  1 
ATOM   813  C CG  . GLN B 1 45 ? -6.481  -17.629 8.630   1.00 24.28 ? 45  GLN B CG  1 
ATOM   814  C CD  . GLN B 1 45 ? -6.894  -18.983 9.156   1.00 22.49 ? 45  GLN B CD  1 
ATOM   815  O OE1 . GLN B 1 45 ? -6.297  -20.016 8.843   1.00 27.47 ? 45  GLN B OE1 1 
ATOM   816  N NE2 . GLN B 1 45 ? -7.949  -19.007 9.968   1.00 19.08 ? 45  GLN B NE2 1 
ATOM   817  N N   . GLY B 1 46 ? -3.495  -15.726 11.790  1.00 11.51 ? 46  GLY B N   1 
ATOM   818  C CA  . GLY B 1 46 ? -2.164  -15.554 12.359  1.00 15.48 ? 46  GLY B CA  1 
ATOM   819  C C   . GLY B 1 46 ? -1.475  -14.277 11.926  1.00 21.29 ? 46  GLY B C   1 
ATOM   820  O O   . GLY B 1 46 ? -0.504  -13.833 12.553  1.00 21.65 ? 46  GLY B O   1 
ATOM   821  N N   . ARG B 1 47 ? -1.965  -13.678 10.841  1.00 21.33 ? 47  ARG B N   1 
ATOM   822  C CA  . ARG B 1 47 ? -1.360  -12.439 10.352  1.00 24.60 ? 47  ARG B CA  1 
ATOM   823  C C   . ARG B 1 47 ? -1.539  -11.321 11.372  1.00 19.65 ? 47  ARG B C   1 
ATOM   824  O O   . ARG B 1 47 ? -2.343  -11.379 12.304  1.00 24.75 ? 47  ARG B O   1 
ATOM   825  C CB  . ARG B 1 47 ? -1.949  -12.052 8.997   1.00 26.82 ? 47  ARG B CB  1 
ATOM   826  C CG  . ARG B 1 47 ? -2.492  -13.236 8.209   1.00 29.02 ? 47  ARG B CG  1 
ATOM   827  C CD  . ARG B 1 47 ? -1.373  -14.075 7.621   1.00 28.78 ? 47  ARG B CD  1 
ATOM   828  N NE  . ARG B 1 47 ? -1.657  -14.510 6.259   1.00 29.12 ? 47  ARG B NE  1 
ATOM   829  C CZ  . ARG B 1 47 ? -2.693  -15.246 5.888   1.00 31.83 ? 47  ARG B CZ  1 
ATOM   830  N NH1 . ARG B 1 47 ? -3.587  -15.652 6.775   1.00 32.48 ? 47  ARG B NH1 1 
ATOM   831  N NH2 . ARG B 1 47 ? -2.841  -15.579 4.615   1.00 35.30 ? 47  ARG B NH2 1 
ATOM   832  N N   . ALA B 1 48 ? -0.752  -10.268 11.195  1.00 21.70 ? 48  ALA B N   1 
ATOM   833  C CA  . ALA B 1 48 ? -0.807  -9.139  12.119  1.00 16.94 ? 48  ALA B CA  1 
ATOM   834  C C   . ALA B 1 48 ? -0.800  -7.837  11.338  1.00 13.24 ? 48  ALA B C   1 
ATOM   835  O O   . ALA B 1 48 ? -0.214  -7.790  10.254  1.00 35.75 ? 48  ALA B O   1 
ATOM   836  C CB  . ALA B 1 48 ? 0.363   -9.194  13.085  1.00 23.22 ? 48  ALA B CB  1 
ATOM   837  N N   . ILE B 1 49 ? -1.426  -6.798  11.880  1.00 20.85 ? 49  ILE B N   1 
ATOM   838  C CA  . ILE B 1 49 ? -1.403  -5.495  11.214  1.00 16.26 ? 49  ILE B CA  1 
ATOM   839  C C   . ILE B 1 49 ? -0.969  -4.397  12.180  1.00 19.38 ? 49  ILE B C   1 
ATOM   840  O O   . ILE B 1 49 ? -1.128  -4.515  13.392  1.00 26.43 ? 49  ILE B O   1 
ATOM   841  C CB  . ILE B 1 49 ? -2.782  -5.193  10.606  1.00 19.18 ? 49  ILE B CB  1 
ATOM   842  C CG1 . ILE B 1 49 ? -3.894  -6.088  11.161  1.00 19.45 ? 49  ILE B CG1 1 
ATOM   843  C CG2 . ILE B 1 49 ? -2.757  -5.276  9.088   1.00 25.56 ? 49  ILE B CG2 1 
ATOM   844  C CD1 . ILE B 1 49 ? -5.195  -5.354  11.379  1.00 25.53 ? 49  ILE B CD1 1 
ATOM   845  N N   . CYS B 1 50 ? -0.403  -3.315  11.655  1.00 21.23 ? 50  CYS B N   1 
ATOM   846  C CA  . CYS B 1 50 ? 0.096   -2.216  12.469  1.00 28.72 ? 50  CYS B CA  1 
ATOM   847  C C   . CYS B 1 50 ? -0.807  -0.993  12.383  1.00 23.99 ? 50  CYS B C   1 
ATOM   848  O O   . CYS B 1 50 ? -1.303  -0.661  11.309  1.00 29.92 ? 50  CYS B O   1 
ATOM   849  C CB  . CYS B 1 50 ? 1.513   -1.830  12.030  1.00 31.53 ? 50  CYS B CB  1 
ATOM   850  S SG  . CYS B 1 50 ? 2.790   -2.953  12.633  1.00 38.10 ? 50  CYS B SG  1 
ATOM   851  N N   . SER B 1 51 ? -1.042  -0.325  13.512  1.00 19.79 ? 51  SER B N   1 
ATOM   852  C CA  . SER B 1 51 ? -1.920  0.842   13.485  1.00 13.81 ? 51  SER B CA  1 
ATOM   853  C C   . SER B 1 51 ? -1.506  1.900   14.503  1.00 16.82 ? 51  SER B C   1 
ATOM   854  O O   . SER B 1 51 ? -0.860  1.613   15.507  1.00 11.36 ? 51  SER B O   1 
ATOM   855  C CB  . SER B 1 51 ? -3.368  0.405   13.718  1.00 11.05 ? 51  SER B CB  1 
ATOM   856  O OG  . SER B 1 51 ? -3.781  -0.441  12.647  1.00 23.11 ? 51  SER B OG  1 
ATOM   857  N N   . ASP B 1 52 ? -1.891  3.142   14.211  1.00 14.76 ? 52  ASP B N   1 
ATOM   858  C CA  . ASP B 1 52 ? -1.651  4.263   15.100  1.00 15.06 ? 52  ASP B CA  1 
ATOM   859  C C   . ASP B 1 52 ? -2.649  4.217   16.254  1.00 23.82 ? 52  ASP B C   1 
ATOM   860  O O   . ASP B 1 52 ? -3.845  4.363   16.019  1.00 22.94 ? 52  ASP B O   1 
ATOM   861  C CB  . ASP B 1 52 ? -1.757  5.598   14.370  1.00 17.59 ? 52  ASP B CB  1 
ATOM   862  C CG  . ASP B 1 52 ? -1.444  6.796   15.237  1.00 16.48 ? 52  ASP B CG  1 
ATOM   863  O OD1 . ASP B 1 52 ? -1.350  7.912   14.684  1.00 24.10 ? 52  ASP B OD1 1 
ATOM   864  O OD2 . ASP B 1 52 ? -1.290  6.649   16.469  1.00 31.69 ? 52  ASP B OD2 1 
ATOM   865  N N   . PRO B 1 53 ? -2.131  4.016   17.460  1.00 20.63 ? 53  PRO B N   1 
ATOM   866  C CA  . PRO B 1 53 ? -2.975  3.988   18.657  1.00 19.45 ? 53  PRO B CA  1 
ATOM   867  C C   . PRO B 1 53 ? -3.917  5.183   18.741  1.00 22.59 ? 53  PRO B C   1 
ATOM   868  O O   . PRO B 1 53 ? -5.003  5.071   19.314  1.00 15.94 ? 53  PRO B O   1 
ATOM   869  C CB  . PRO B 1 53 ? -1.938  4.016   19.788  1.00 11.58 ? 53  PRO B CB  1 
ATOM   870  C CG  . PRO B 1 53 ? -0.748  3.327   19.197  1.00 13.08 ? 53  PRO B CG  1 
ATOM   871  C CD  . PRO B 1 53 ? -0.710  3.779   17.762  1.00 9.90  ? 53  PRO B CD  1 
ATOM   872  N N   . ASN B 1 54 ? -3.546  6.328   18.179  1.00 26.65 ? 54  ASN B N   1 
ATOM   873  C CA  . ASN B 1 54 ? -4.393  7.510   18.280  1.00 31.84 ? 54  ASN B CA  1 
ATOM   874  C C   . ASN B 1 54 ? -5.453  7.581   17.188  1.00 37.64 ? 54  ASN B C   1 
ATOM   875  O O   . ASN B 1 54 ? -6.383  8.386   17.297  1.00 42.94 ? 54  ASN B O   1 
ATOM   876  C CB  . ASN B 1 54 ? -3.524  8.775   18.240  1.00 23.08 ? 54  ASN B CB  1 
ATOM   877  C CG  . ASN B 1 54 ? -2.379  8.677   19.228  1.00 26.73 ? 54  ASN B CG  1 
ATOM   878  O OD1 . ASN B 1 54 ? -1.216  8.668   18.832  1.00 40.54 ? 54  ASN B OD1 1 
ATOM   879  N ND2 . ASN B 1 54 ? -2.712  8.604   20.510  1.00 20.85 ? 54  ASN B ND2 1 
ATOM   880  N N   . ASN B 1 55 ? -5.330  6.762   16.157  1.00 36.38 ? 55  ASN B N   1 
ATOM   881  C CA  . ASN B 1 55 ? -6.308  6.696   15.071  1.00 35.82 ? 55  ASN B CA  1 
ATOM   882  C C   . ASN B 1 55 ? -7.696  6.309   15.590  1.00 30.37 ? 55  ASN B C   1 
ATOM   883  O O   . ASN B 1 55 ? -7.786  5.407   16.434  1.00 14.33 ? 55  ASN B O   1 
ATOM   884  C CB  . ASN B 1 55 ? -5.815  5.704   14.015  1.00 30.10 ? 55  ASN B CB  1 
ATOM   885  C CG  . ASN B 1 55 ? -5.727  6.285   12.623  1.00 35.44 ? 55  ASN B CG  1 
ATOM   886  O OD1 . ASN B 1 55 ? -5.381  7.450   12.407  1.00 33.10 ? 55  ASN B OD1 1 
ATOM   887  N ND2 . ASN B 1 55 ? -6.057  5.462   11.631  1.00 45.46 ? 55  ASN B ND2 1 
ATOM   888  N N   . LYS B 1 56 ? -8.726  6.978   15.096  1.00 21.83 ? 56  LYS B N   1 
ATOM   889  C CA  . LYS B 1 56 ? -10.129 6.790   15.434  1.00 26.29 ? 56  LYS B CA  1 
ATOM   890  C C   . LYS B 1 56 ? -10.659 5.385   15.165  1.00 23.62 ? 56  LYS B C   1 
ATOM   891  O O   . LYS B 1 56 ? -11.310 4.779   16.026  1.00 14.50 ? 56  LYS B O   1 
ATOM   892  C CB  . LYS B 1 56 ? -11.009 7.771   14.644  1.00 24.40 ? 56  LYS B CB  1 
ATOM   893  C CG  . LYS B 1 56 ? -12.262 8.281   15.309  1.00 26.00 ? 56  LYS B CG  1 
ATOM   894  C CD  . LYS B 1 56 ? -13.346 7.250   15.562  1.00 16.05 ? 56  LYS B CD  1 
ATOM   895  C CE  . LYS B 1 56 ? -14.273 7.064   14.380  1.00 19.92 ? 56  LYS B CE  1 
ATOM   896  N NZ  . LYS B 1 56 ? -14.980 5.756   14.388  1.00 13.99 ? 56  LYS B NZ  1 
ATOM   897  N N   . ARG B 1 57 ? -10.445 4.830   13.972  1.00 18.82 ? 57  ARG B N   1 
ATOM   898  C CA  . ARG B 1 57 ? -11.049 3.523   13.693  1.00 20.67 ? 57  ARG B CA  1 
ATOM   899  C C   . ARG B 1 57 ? -10.182 2.375   14.212  1.00 17.32 ? 57  ARG B C   1 
ATOM   900  O O   . ARG B 1 57 ? -10.521 1.209   13.998  1.00 13.97 ? 57  ARG B O   1 
ATOM   901  C CB  . ARG B 1 57 ? -11.311 3.348   12.195  1.00 21.67 ? 57  ARG B CB  1 
ATOM   902  C CG  . ARG B 1 57 ? -11.871 4.563   11.498  1.00 17.14 ? 57  ARG B CG  1 
ATOM   903  C CD  . ARG B 1 57 ? -13.362 4.528   11.262  1.00 17.33 ? 57  ARG B CD  1 
ATOM   904  N NE  . ARG B 1 57 ? -13.943 3.207   11.157  1.00 22.02 ? 57  ARG B NE  1 
ATOM   905  C CZ  . ARG B 1 57 ? -15.215 2.942   10.879  1.00 22.29 ? 57  ARG B CZ  1 
ATOM   906  N NH1 . ARG B 1 57 ? -16.074 3.923   10.673  1.00 4.17  ? 57  ARG B NH1 1 
ATOM   907  N NH2 . ARG B 1 57 ? -15.665 1.693   10.804  1.00 26.04 ? 57  ARG B NH2 1 
ATOM   908  N N   . VAL B 1 58 ? -9.098  2.732   14.872  1.00 12.91 ? 58  VAL B N   1 
ATOM   909  C CA  . VAL B 1 58 ? -8.164  1.893   15.594  1.00 11.01 ? 58  VAL B CA  1 
ATOM   910  C C   . VAL B 1 58 ? -8.624  1.760   17.048  1.00 22.62 ? 58  VAL B C   1 
ATOM   911  O O   . VAL B 1 58 ? -8.587  0.668   17.622  1.00 19.99 ? 58  VAL B O   1 
ATOM   912  C CB  . VAL B 1 58 ? -6.734  2.455   15.536  1.00 19.37 ? 58  VAL B CB  1 
ATOM   913  C CG1 . VAL B 1 58 ? -5.819  1.771   16.543  1.00 32.75 ? 58  VAL B CG1 1 
ATOM   914  C CG2 . VAL B 1 58 ? -6.162  2.308   14.130  1.00 0.44  ? 58  VAL B CG2 1 
ATOM   915  N N   . LYS B 1 59 ? -9.080  2.868   17.640  1.00 17.37 ? 59  LYS B N   1 
ATOM   916  C CA  . LYS B 1 59 ? -9.680  2.828   18.971  1.00 13.00 ? 59  LYS B CA  1 
ATOM   917  C C   . LYS B 1 59 ? -11.045 2.135   18.936  1.00 8.85  ? 59  LYS B C   1 
ATOM   918  O O   . LYS B 1 59 ? -11.548 1.579   19.907  1.00 20.66 ? 59  LYS B O   1 
ATOM   919  C CB  . LYS B 1 59 ? -9.815  4.239   19.541  1.00 17.51 ? 59  LYS B CB  1 
ATOM   920  C CG  . LYS B 1 59 ? -8.490  4.893   19.889  1.00 22.69 ? 59  LYS B CG  1 
ATOM   921  C CD  . LYS B 1 59 ? -8.660  6.132   20.752  1.00 13.07 ? 59  LYS B CD  1 
ATOM   922  C CE  . LYS B 1 59 ? -7.395  6.415   21.550  1.00 12.03 ? 59  LYS B CE  1 
ATOM   923  N NZ  . LYS B 1 59 ? -6.494  7.379   20.862  1.00 25.75 ? 59  LYS B NZ  1 
ATOM   924  N N   . ASN B 1 60 ? -11.658 2.157   17.771  1.00 8.98  ? 60  ASN B N   1 
ATOM   925  C CA  . ASN B 1 60 ? -12.903 1.490   17.474  1.00 12.89 ? 60  ASN B CA  1 
ATOM   926  C C   . ASN B 1 60 ? -12.758 -0.010  17.263  1.00 11.58 ? 60  ASN B C   1 
ATOM   927  O O   . ASN B 1 60 ? -13.646 -0.786  17.628  1.00 41.73 ? 60  ASN B O   1 
ATOM   928  C CB  . ASN B 1 60 ? -13.504 2.097   16.187  1.00 12.88 ? 60  ASN B CB  1 
ATOM   929  C CG  . ASN B 1 60 ? -14.881 1.502   15.963  1.00 13.07 ? 60  ASN B CG  1 
ATOM   930  O OD1 . ASN B 1 60 ? -15.697 1.519   16.890  1.00 8.74  ? 60  ASN B OD1 1 
ATOM   931  N ND2 . ASN B 1 60 ? -15.103 0.983   14.764  1.00 17.49 ? 60  ASN B ND2 1 
ATOM   932  N N   . ALA B 1 61 ? -11.656 -0.431  16.658  1.00 15.08 ? 61  ALA B N   1 
ATOM   933  C CA  . ALA B 1 61 ? -11.436 -1.847  16.358  1.00 26.37 ? 61  ALA B CA  1 
ATOM   934  C C   . ALA B 1 61 ? -11.184 -2.629  17.650  1.00 29.14 ? 61  ALA B C   1 
ATOM   935  O O   . ALA B 1 61 ? -11.549 -3.799  17.771  1.00 15.41 ? 61  ALA B O   1 
ATOM   936  C CB  . ALA B 1 61 ? -10.288 -2.008  15.378  1.00 22.18 ? 61  ALA B CB  1 
ATOM   937  N N   . VAL B 1 62 ? -10.569 -1.920  18.577  1.00 27.93 ? 62  VAL B N   1 
ATOM   938  C CA  . VAL B 1 62 ? -10.231 -2.310  19.935  1.00 24.23 ? 62  VAL B CA  1 
ATOM   939  C C   . VAL B 1 62 ? -11.479 -2.431  20.800  1.00 27.96 ? 62  VAL B C   1 
ATOM   940  O O   . VAL B 1 62 ? -11.661 -3.388  21.555  1.00 6.57  ? 62  VAL B O   1 
ATOM   941  C CB  . VAL B 1 62 ? -9.252  -1.280  20.528  1.00 11.80 ? 62  VAL B CB  1 
ATOM   942  C CG1 . VAL B 1 62 ? -8.903  -1.577  21.974  1.00 6.93  ? 62  VAL B CG1 1 
ATOM   943  C CG2 . VAL B 1 62 ? -7.989  -1.235  19.673  1.00 13.74 ? 62  VAL B CG2 1 
ATOM   944  N N   . LYS B 1 63 ? -12.369 -1.444  20.681  1.00 30.11 ? 63  LYS B N   1 
ATOM   945  C CA  . LYS B 1 63 ? -13.642 -1.514  21.391  1.00 25.54 ? 63  LYS B CA  1 
ATOM   946  C C   . LYS B 1 63 ? -14.365 -2.814  21.042  1.00 20.93 ? 63  LYS B C   1 
ATOM   947  O O   . LYS B 1 63 ? -14.981 -3.465  21.877  1.00 19.12 ? 63  LYS B O   1 
ATOM   948  C CB  . LYS B 1 63 ? -14.544 -0.334  21.031  1.00 18.55 ? 63  LYS B CB  1 
ATOM   949  C CG  . LYS B 1 63 ? -14.263 0.941   21.806  1.00 17.64 ? 63  LYS B CG  1 
ATOM   950  C CD  . LYS B 1 63 ? -15.538 1.759   21.970  1.00 25.20 ? 63  LYS B CD  1 
ATOM   951  C CE  . LYS B 1 63 ? -16.450 1.120   23.008  1.00 27.20 ? 63  LYS B CE  1 
ATOM   952  N NZ  . LYS B 1 63 ? -17.452 2.101   23.510  1.00 19.12 ? 63  LYS B NZ  1 
ATOM   953  N N   . TYR B 1 64 ? -14.266 -3.146  19.765  1.00 24.02 ? 64  TYR B N   1 
ATOM   954  C CA  . TYR B 1 64 ? -14.977 -4.249  19.138  1.00 20.21 ? 64  TYR B CA  1 
ATOM   955  C C   . TYR B 1 64 ? -14.527 -5.607  19.658  1.00 28.56 ? 64  TYR B C   1 
ATOM   956  O O   . TYR B 1 64 ? -15.342 -6.450  20.042  1.00 27.21 ? 64  TYR B O   1 
ATOM   957  C CB  . TYR B 1 64 ? -14.784 -4.138  17.624  1.00 3.73  ? 64  TYR B CB  1 
ATOM   958  C CG  . TYR B 1 64 ? -15.113 -5.409  16.883  1.00 11.94 ? 64  TYR B CG  1 
ATOM   959  C CD1 . TYR B 1 64 ? -16.432 -5.806  16.694  1.00 11.85 ? 64  TYR B CD1 1 
ATOM   960  C CD2 . TYR B 1 64 ? -14.088 -6.201  16.376  1.00 14.10 ? 64  TYR B CD2 1 
ATOM   961  C CE1 . TYR B 1 64 ? -16.730 -6.971  16.013  1.00 5.43  ? 64  TYR B CE1 1 
ATOM   962  C CE2 . TYR B 1 64 ? -14.383 -7.369  15.696  1.00 10.85 ? 64  TYR B CE2 1 
ATOM   963  C CZ  . TYR B 1 64 ? -15.695 -7.744  15.519  1.00 9.69  ? 64  TYR B CZ  1 
ATOM   964  O OH  . TYR B 1 64 ? -15.970 -8.909  14.839  1.00 3.31  ? 64  TYR B OH  1 
ATOM   965  N N   . LEU B 1 65 ? -13.217 -5.824  19.684  1.00 26.67 ? 65  LEU B N   1 
ATOM   966  C CA  . LEU B 1 65 ? -12.654 -7.021  20.297  1.00 21.46 ? 65  LEU B CA  1 
ATOM   967  C C   . LEU B 1 65 ? -13.025 -7.034  21.781  1.00 22.14 ? 65  LEU B C   1 
ATOM   968  O O   . LEU B 1 65 ? -13.262 -8.077  22.391  1.00 30.83 ? 65  LEU B O   1 
ATOM   969  C CB  . LEU B 1 65 ? -11.139 -7.079  20.115  1.00 20.18 ? 65  LEU B CB  1 
ATOM   970  C CG  . LEU B 1 65 ? -10.565 -6.867  18.715  1.00 12.99 ? 65  LEU B CG  1 
ATOM   971  C CD1 . LEU B 1 65 ? -9.070  -6.602  18.762  1.00 12.14 ? 65  LEU B CD1 1 
ATOM   972  C CD2 . LEU B 1 65 ? -10.838 -8.068  17.821  1.00 15.85 ? 65  LEU B CD2 1 
ATOM   973  N N   . GLN B 1 66 ? -13.071 -5.837  22.353  1.00 20.39 ? 66  GLN B N   1 
ATOM   974  C CA  . GLN B 1 66 ? -13.403 -5.646  23.758  1.00 24.66 ? 66  GLN B CA  1 
ATOM   975  C C   . GLN B 1 66 ? -14.861 -6.008  24.023  1.00 24.80 ? 66  GLN B C   1 
ATOM   976  O O   . GLN B 1 66 ? -15.272 -6.340  25.135  1.00 22.03 ? 66  GLN B O   1 
ATOM   977  C CB  . GLN B 1 66 ? -13.123 -4.201  24.172  1.00 23.01 ? 66  GLN B CB  1 
ATOM   978  C CG  . GLN B 1 66 ? -11.650 -3.853  24.316  1.00 31.12 ? 66  GLN B CG  1 
ATOM   979  C CD  . GLN B 1 66 ? -11.034 -4.419  25.581  1.00 41.91 ? 66  GLN B CD  1 
ATOM   980  O OE1 . GLN B 1 66 ? -11.346 -5.541  25.986  1.00 62.84 ? 66  GLN B OE1 1 
ATOM   981  N NE2 . GLN B 1 66 ? -10.153 -3.654  26.214  1.00 43.86 ? 66  GLN B NE2 1 
ATOM   982  N N   . SER B 1 67 ? -15.665 -5.943  22.967  1.00 26.29 ? 67  SER B N   1 
ATOM   983  C CA  . SER B 1 67 ? -17.075 -6.284  23.085  1.00 30.56 ? 67  SER B CA  1 
ATOM   984  C C   . SER B 1 67 ? -17.281 -7.792  23.019  1.00 32.92 ? 67  SER B C   1 
ATOM   985  O O   . SER B 1 67 ? -18.299 -8.319  23.474  1.00 19.05 ? 67  SER B O   1 
ATOM   986  C CB  . SER B 1 67 ? -17.899 -5.619  21.978  1.00 29.69 ? 67  SER B CB  1 
ATOM   987  O OG  . SER B 1 67 ? -19.172 -6.242  21.892  1.00 19.47 ? 67  SER B OG  1 
ATOM   988  N N   . LEU B 1 68 ? -16.293 -8.485  22.452  1.00 31.98 ? 68  LEU B N   1 
ATOM   989  C CA  . LEU B 1 68 ? -16.419 -9.932  22.265  1.00 33.50 ? 68  LEU B CA  1 
ATOM   990  C C   . LEU B 1 68 ? -16.234 -10.651 23.608  1.00 38.67 ? 68  LEU B C   1 
ATOM   991  O O   . LEU B 1 68 ? -16.453 -11.861 23.681  1.00 55.81 ? 68  LEU B O   1 
ATOM   992  C CB  . LEU B 1 68 ? -15.440 -10.445 21.217  1.00 24.66 ? 68  LEU B CB  1 
ATOM   993  C CG  . LEU B 1 68 ? -15.750 -10.226 19.742  1.00 9.37  ? 68  LEU B CG  1 
ATOM   994  C CD1 . LEU B 1 68 ? -16.512 -8.934  19.500  1.00 9.82  ? 68  LEU B CD1 1 
ATOM   995  C CD2 . LEU B 1 68 ? -14.479 -10.201 18.898  1.00 21.75 ? 68  LEU B CD2 1 
ATOM   996  N N   . GLU B 1 69 ? -15.856 -9.886  24.607  1.00 38.43 ? 69  GLU B N   1 
ATOM   997  C CA  . GLU B 1 69 ? -15.702 -10.117 26.024  1.00 35.35 ? 69  GLU B CA  1 
ATOM   998  C C   . GLU B 1 69 ? -14.231 -10.021 26.436  1.00 28.50 ? 69  GLU B C   1 
ATOM   999  O O   . GLU B 1 69 ? -12.946 -9.700  26.723  1.00 34.35 ? 69  GLU B O   1 
ATOM   1000 C CB  . GLU B 1 69 ? -16.293 -11.462 26.446  1.00 38.66 ? 69  GLU B CB  1 
ATOM   1001 C CG  . GLU B 1 69 ? -15.347 -12.373 27.206  1.00 39.19 ? 69  GLU B CG  1 
ATOM   1002 C CD  . GLU B 1 69 ? -15.085 -13.677 26.475  1.00 39.87 ? 69  GLU B CD  1 
ATOM   1003 O OE1 . GLU B 1 69 ? -16.036 -14.231 25.883  1.00 25.26 ? 69  GLU B OE1 1 
ATOM   1004 O OE2 . GLU B 1 69 ? -13.922 -14.130 26.503  1.00 36.02 ? 69  GLU B OE2 1 
HETATM 1005 O O   . HOH C 2 .  ? 17.549  8.937   -7.863  1.00 42.49 ? 72  HOH A O   1 
HETATM 1006 O O   . HOH C 2 .  ? -16.417 -2.273  -14.584 1.00 20.25 ? 73  HOH A O   1 
HETATM 1007 O O   . HOH C 2 .  ? 6.408   -2.150  -20.350 1.00 12.59 ? 74  HOH A O   1 
HETATM 1008 O O   . HOH C 2 .  ? 14.587  -10.916 -14.661 1.00 25.72 ? 75  HOH A O   1 
HETATM 1009 O O   . HOH C 2 .  ? 13.586  0.467   -15.178 1.00 33.60 ? 76  HOH A O   1 
HETATM 1010 O O   . HOH C 2 .  ? 2.756   -4.104  -11.090 1.00 14.04 ? 77  HOH A O   1 
HETATM 1011 O O   . HOH C 2 .  ? -20.086 -3.690  -17.952 1.00 27.82 ? 78  HOH A O   1 
HETATM 1012 O O   . HOH C 2 .  ? -13.428 4.960   -23.506 1.00 54.87 ? 79  HOH A O   1 
HETATM 1013 O O   . HOH C 2 .  ? -3.826  -3.615  -28.370 1.00 10.59 ? 80  HOH A O   1 
HETATM 1014 O O   . HOH C 2 .  ? -6.746  -0.460  -15.996 1.00 14.22 ? 81  HOH A O   1 
HETATM 1015 O O   . HOH C 2 .  ? 0.669   -7.586  -18.994 1.00 27.10 ? 82  HOH A O   1 
HETATM 1016 O O   . HOH C 2 .  ? 4.403   12.306  -27.691 1.00 25.38 ? 83  HOH A O   1 
HETATM 1017 O O   . HOH C 2 .  ? 17.438  -12.624 -14.039 1.00 29.73 ? 84  HOH A O   1 
HETATM 1018 O O   . HOH C 2 .  ? 13.602  -4.682  -22.549 1.00 35.75 ? 85  HOH A O   1 
HETATM 1019 O O   . HOH C 2 .  ? -2.880  5.358   -24.626 1.00 35.05 ? 86  HOH A O   1 
HETATM 1020 O O   . HOH C 2 .  ? -11.987 -0.596  -21.549 1.00 83.17 ? 87  HOH A O   1 
HETATM 1021 O O   . HOH C 2 .  ? 13.983  7.157   -4.800  1.00 35.69 ? 88  HOH A O   1 
HETATM 1022 O O   . HOH C 2 .  ? 0.570   11.716  -19.301 1.00 24.97 ? 89  HOH A O   1 
HETATM 1023 O O   . HOH C 2 .  ? -3.367  -2.498  -30.326 1.00 25.48 ? 90  HOH A O   1 
HETATM 1024 O O   . HOH C 2 .  ? 8.098   -7.017  -23.329 1.00 23.49 ? 91  HOH A O   1 
HETATM 1025 O O   . HOH C 2 .  ? -2.785  -0.446  -31.530 1.00 18.70 ? 92  HOH A O   1 
HETATM 1026 O O   . HOH C 2 .  ? -15.111 -5.222  -17.925 1.00 34.55 ? 93  HOH A O   1 
HETATM 1027 O O   . HOH C 2 .  ? -12.741 1.626   -8.880  1.00 22.85 ? 94  HOH A O   1 
HETATM 1028 O O   . HOH C 2 .  ? -5.084  -1.566  -31.752 1.00 31.09 ? 95  HOH A O   1 
HETATM 1029 O O   . HOH C 2 .  ? 15.848  13.636  -4.967  1.00 39.36 ? 96  HOH A O   1 
HETATM 1030 O O   . HOH C 2 .  ? 3.958   -2.190  -8.833  1.00 27.63 ? 97  HOH A O   1 
HETATM 1031 O O   . HOH C 2 .  ? 10.338  -4.873  -9.393  1.00 19.19 ? 98  HOH A O   1 
HETATM 1032 O O   . HOH C 2 .  ? 1.313   14.535  -8.253  1.00 16.99 ? 99  HOH A O   1 
HETATM 1033 O O   . HOH C 2 .  ? -18.497 4.706   -21.535 1.00 37.80 ? 100 HOH A O   1 
HETATM 1034 O O   . HOH C 2 .  ? 14.131  10.782  -22.736 1.00 42.34 ? 101 HOH A O   1 
HETATM 1035 O O   . HOH C 2 .  ? 11.196  -6.785  -6.406  1.00 66.07 ? 102 HOH A O   1 
HETATM 1036 O O   . HOH C 2 .  ? 19.616  15.301  -13.423 1.00 21.89 ? 103 HOH A O   1 
HETATM 1037 O O   . HOH C 2 .  ? 5.895   10.254  -4.493  1.00 7.32  ? 104 HOH A O   1 
HETATM 1038 O O   . HOH C 2 .  ? 8.497   -1.034  -27.546 1.00 24.64 ? 105 HOH A O   1 
HETATM 1039 O O   . HOH C 2 .  ? -11.080 -6.079  -15.445 1.00 34.81 ? 106 HOH A O   1 
HETATM 1040 O O   . HOH C 2 .  ? 0.210   10.218  -11.080 1.00 31.60 ? 107 HOH A O   1 
HETATM 1041 O O   . HOH C 2 .  ? 2.807   -2.223  -6.530  1.00 16.77 ? 108 HOH A O   1 
HETATM 1042 O O   . HOH C 2 .  ? 5.775   4.842   -6.936  1.00 43.66 ? 109 HOH A O   1 
HETATM 1043 O O   . HOH C 2 .  ? -1.829  -2.255  -12.746 1.00 42.43 ? 110 HOH A O   1 
HETATM 1044 O O   . HOH C 2 .  ? 11.324  -10.521 -15.224 1.00 26.99 ? 111 HOH A O   1 
HETATM 1045 O O   . HOH C 2 .  ? 16.954  17.202  -11.169 1.00 23.31 ? 112 HOH A O   1 
HETATM 1046 O O   . HOH C 2 .  ? 6.935   -2.499  -7.265  1.00 20.91 ? 113 HOH A O   1 
HETATM 1047 O O   . HOH C 2 .  ? -13.531 -3.931  -19.100 1.00 38.37 ? 114 HOH A O   1 
HETATM 1048 O O   . HOH C 2 .  ? 11.977  10.850  -11.214 1.00 30.31 ? 115 HOH A O   1 
HETATM 1049 O O   . HOH C 2 .  ? 11.958  15.264  -11.753 1.00 29.57 ? 116 HOH A O   1 
HETATM 1050 O O   . HOH C 2 .  ? 5.721   -1.682  -5.497  1.00 6.98  ? 117 HOH A O   1 
HETATM 1051 O O   . HOH C 2 .  ? -18.356 -1.363  -20.925 1.00 24.16 ? 118 HOH A O   1 
HETATM 1052 O O   . HOH C 2 .  ? 13.491  -11.617 -17.323 1.00 24.19 ? 119 HOH A O   1 
HETATM 1053 O O   . HOH C 2 .  ? 0.599   0.084   -3.814  1.00 49.13 ? 120 HOH A O   1 
HETATM 1054 O O   . HOH C 2 .  ? 5.298   7.814   -24.359 1.00 35.46 ? 121 HOH A O   1 
HETATM 1055 O O   . HOH C 2 .  ? 8.941   -1.786  -20.764 1.00 15.30 ? 122 HOH A O   1 
HETATM 1056 O O   . HOH C 2 .  ? 0.952   -2.370  -10.591 1.00 14.90 ? 123 HOH A O   1 
HETATM 1057 O O   . HOH C 2 .  ? -7.046  -1.764  -22.769 1.00 18.92 ? 124 HOH A O   1 
HETATM 1058 O O   . HOH C 2 .  ? 6.451   -4.912  -6.395  1.00 19.09 ? 125 HOH A O   1 
HETATM 1059 O O   . HOH C 2 .  ? -11.639 -4.362  -17.709 1.00 12.19 ? 126 HOH A O   1 
HETATM 1060 O O   . HOH C 2 .  ? 13.538  -3.856  -8.162  1.00 14.84 ? 127 HOH A O   1 
HETATM 1061 O O   . HOH C 2 .  ? 12.123  -9.754  -18.666 1.00 23.10 ? 128 HOH A O   1 
HETATM 1062 O O   . HOH C 2 .  ? 14.643  -2.789  -24.757 1.00 20.69 ? 129 HOH A O   1 
HETATM 1063 O O   . HOH C 2 .  ? 3.701   1.609   -5.247  1.00 51.47 ? 130 HOH A O   1 
HETATM 1064 O O   . HOH C 2 .  ? -19.904 4.561   -14.585 1.00 42.39 ? 131 HOH A O   1 
HETATM 1065 O O   . HOH C 2 .  ? 0.691   2.717   -25.114 1.00 35.32 ? 132 HOH A O   1 
HETATM 1066 O O   . HOH C 2 .  ? 3.487   -6.872  -25.034 1.00 19.10 ? 133 HOH A O   1 
HETATM 1067 O O   . HOH C 2 .  ? 6.117   -7.421  -18.491 1.00 35.44 ? 134 HOH A O   1 
HETATM 1068 O O   . HOH C 2 .  ? -14.030 -6.145  -11.450 1.00 17.42 ? 135 HOH A O   1 
HETATM 1069 O O   . HOH C 2 .  ? 5.491   7.458   2.429   1.00 21.40 ? 136 HOH A O   1 
HETATM 1070 O O   . HOH C 2 .  ? 11.846  11.661  -22.314 1.00 10.73 ? 137 HOH A O   1 
HETATM 1071 O O   . HOH C 2 .  ? 3.793   3.914   -24.105 1.00 34.69 ? 138 HOH A O   1 
HETATM 1072 O O   . HOH C 2 .  ? 11.936  13.670  -25.484 1.00 15.63 ? 139 HOH A O   1 
HETATM 1073 O O   . HOH C 2 .  ? -4.387  -2.130  -13.848 1.00 24.11 ? 140 HOH A O   1 
HETATM 1074 O O   . HOH C 2 .  ? -8.973  0.287   -28.956 1.00 42.93 ? 141 HOH A O   1 
HETATM 1075 O O   . HOH C 2 .  ? -17.759 3.026   -15.108 1.00 13.93 ? 142 HOH A O   1 
HETATM 1076 O O   . HOH C 2 .  ? 13.729  17.589  -19.723 1.00 53.87 ? 143 HOH A O   1 
HETATM 1077 O O   . HOH C 2 .  ? -6.571  0.361   -32.799 1.00 46.60 ? 144 HOH A O   1 
HETATM 1078 O O   . HOH C 2 .  ? 15.452  11.027  -3.680  1.00 83.49 ? 145 HOH A O   1 
HETATM 1079 O O   . HOH C 2 .  ? -2.737  3.324   -25.685 1.00 17.21 ? 146 HOH A O   1 
HETATM 1080 O O   . HOH C 2 .  ? 8.124   -3.887  -3.273  1.00 58.52 ? 147 HOH A O   1 
HETATM 1081 O O   . HOH C 2 .  ? -4.453  1.937   -31.403 1.00 43.27 ? 148 HOH A O   1 
HETATM 1082 O O   . HOH C 2 .  ? 4.199   14.461  -9.485  1.00 29.89 ? 149 HOH A O   1 
HETATM 1083 O O   . HOH C 2 .  ? 5.790   -10.627 -18.186 1.00 16.41 ? 150 HOH A O   1 
HETATM 1084 O O   . HOH C 2 .  ? 4.706   18.104  -7.708  1.00 46.73 ? 151 HOH A O   1 
HETATM 1085 O O   . HOH C 2 .  ? 7.775   -11.188 -13.114 1.00 24.26 ? 152 HOH A O   1 
HETATM 1086 O O   . HOH C 2 .  ? -0.313  -3.675  -32.013 1.00 20.82 ? 153 HOH A O   1 
HETATM 1087 O O   . HOH C 2 .  ? 1.661   -6.702  -9.374  1.00 36.98 ? 154 HOH A O   1 
HETATM 1088 O O   . HOH C 2 .  ? 7.556   8.990   -22.954 1.00 34.58 ? 155 HOH A O   1 
HETATM 1089 O O   . HOH C 2 .  ? 12.333  -14.317 -22.582 1.00 13.33 ? 156 HOH A O   1 
HETATM 1090 O O   . HOH C 2 .  ? 13.857  -15.871 -14.495 1.00 24.08 ? 157 HOH A O   1 
HETATM 1091 O O   . HOH C 2 .  ? -10.366 2.252   -27.293 1.00 28.82 ? 158 HOH A O   1 
HETATM 1092 O O   . HOH C 2 .  ? 9.940   -12.618 -8.657  1.00 31.63 ? 159 HOH A O   1 
HETATM 1093 O O   . HOH C 2 .  ? 3.429   13.843  -14.098 1.00 55.45 ? 160 HOH A O   1 
HETATM 1094 O O   . HOH C 2 .  ? 16.703  10.740  -5.568  1.00 19.76 ? 161 HOH A O   1 
HETATM 1095 O O   . HOH C 2 .  ? -7.212  4.560   -26.585 1.00 42.45 ? 162 HOH A O   1 
HETATM 1096 O O   . HOH C 2 .  ? -0.434  12.824  -8.143  1.00 51.64 ? 163 HOH A O   1 
HETATM 1097 O O   . HOH C 2 .  ? -17.555 -4.906  -15.468 1.00 28.70 ? 164 HOH A O   1 
HETATM 1098 O O   . HOH C 2 .  ? 3.641   7.955   0.585   1.00 41.17 ? 165 HOH A O   1 
HETATM 1099 O O   . HOH C 2 .  ? 13.135  -7.507  -19.923 1.00 38.66 ? 166 HOH A O   1 
HETATM 1100 O O   . HOH C 2 .  ? 18.627  12.609  -7.313  1.00 31.61 ? 167 HOH A O   1 
HETATM 1101 O O   . HOH C 2 .  ? -17.793 7.833   -24.050 1.00 73.13 ? 168 HOH A O   1 
HETATM 1102 O O   . HOH D 2 .  ? -16.124 -10.729 29.332  1.00 18.54 ? 72  HOH B O   1 
HETATM 1103 O O   . HOH D 2 .  ? 11.299  0.797   15.005  1.00 14.58 ? 73  HOH B O   1 
HETATM 1104 O O   . HOH D 2 .  ? -14.665 -10.074 30.977  1.00 19.60 ? 74  HOH B O   1 
HETATM 1105 O O   . HOH D 2 .  ? -20.090 -9.279  24.548  1.00 43.29 ? 75  HOH B O   1 
HETATM 1106 O O   . HOH D 2 .  ? 6.754   3.190   7.662   1.00 34.76 ? 76  HOH B O   1 
HETATM 1107 O O   . HOH D 2 .  ? -6.919  -14.403 9.175   1.00 18.88 ? 77  HOH B O   1 
HETATM 1108 O O   . HOH D 2 .  ? 4.645   2.325   23.350  1.00 16.96 ? 78  HOH B O   1 
HETATM 1109 O O   . HOH D 2 .  ? 3.761   -6.639  6.002   1.00 30.75 ? 79  HOH B O   1 
HETATM 1110 O O   . HOH D 2 .  ? -6.248  -13.367 7.239   1.00 20.26 ? 80  HOH B O   1 
HETATM 1111 O O   . HOH D 2 .  ? -15.733 -13.519 12.275  1.00 18.79 ? 81  HOH B O   1 
HETATM 1112 O O   . HOH D 2 .  ? -13.769 -9.094  5.436   1.00 52.37 ? 82  HOH B O   1 
HETATM 1113 O O   . HOH D 2 .  ? -11.271 -9.581  3.242   1.00 25.71 ? 83  HOH B O   1 
HETATM 1114 O O   . HOH D 2 .  ? 8.175   -7.360  13.382  1.00 66.96 ? 84  HOH B O   1 
HETATM 1115 O O   . HOH D 2 .  ? 5.784   1.062   20.619  1.00 11.19 ? 85  HOH B O   1 
HETATM 1116 O O   . HOH D 2 .  ? 0.521   -15.216 14.910  1.00 55.99 ? 86  HOH B O   1 
HETATM 1117 O O   . HOH D 2 .  ? -12.431 0.081   12.895  1.00 13.64 ? 87  HOH B O   1 
HETATM 1118 O O   . HOH D 2 .  ? 5.372   -3.766  6.989   1.00 15.92 ? 88  HOH B O   1 
HETATM 1119 O O   . HOH D 2 .  ? 10.140  -8.850  15.023  1.00 33.48 ? 89  HOH B O   1 
HETATM 1120 O O   . HOH D 2 .  ? -13.623 -6.578  27.671  1.00 16.57 ? 90  HOH B O   1 
HETATM 1121 O O   . HOH D 2 .  ? 15.966  -0.228  23.588  1.00 33.18 ? 91  HOH B O   1 
HETATM 1122 O O   . HOH D 2 .  ? 10.355  2.585   12.272  1.00 27.39 ? 92  HOH B O   1 
HETATM 1123 O O   . HOH D 2 .  ? -17.184 -3.223  26.525  1.00 25.35 ? 93  HOH B O   1 
HETATM 1124 O O   . HOH D 2 .  ? -2.431  -17.122 8.557   1.00 34.69 ? 94  HOH B O   1 
HETATM 1125 O O   . HOH D 2 .  ? -17.125 9.507   15.389  1.00 9.38  ? 95  HOH B O   1 
HETATM 1126 O O   . HOH D 2 .  ? -0.822  9.530   22.784  1.00 51.05 ? 96  HOH B O   1 
HETATM 1127 O O   . HOH D 2 .  ? -16.337 -13.742 3.521   1.00 38.03 ? 97  HOH B O   1 
HETATM 1128 O O   . HOH D 2 .  ? 3.684   -2.629  -0.795  1.00 46.56 ? 98  HOH B O   1 
HETATM 1129 O O   . HOH D 2 .  ? -12.635 9.743   12.601  1.00 43.25 ? 99  HOH B O   1 
HETATM 1130 O O   . HOH D 2 .  ? -12.919 -17.448 20.310  1.00 44.00 ? 100 HOH B O   1 
HETATM 1131 O O   . HOH D 2 .  ? -3.134  -1.561  25.259  1.00 59.40 ? 101 HOH B O   1 
HETATM 1132 O O   . HOH D 2 .  ? 5.850   -8.615  8.516   1.00 28.59 ? 102 HOH B O   1 
HETATM 1133 O O   . HOH D 2 .  ? 1.959   7.530   17.909  1.00 28.20 ? 103 HOH B O   1 
HETATM 1134 O O   . HOH D 2 .  ? 7.960   -9.578  12.824  1.00 18.43 ? 104 HOH B O   1 
HETATM 1135 O O   . HOH D 2 .  ? -9.941  5.953   25.613  1.00 35.07 ? 105 HOH B O   1 
HETATM 1136 O O   . HOH D 2 .  ? 8.137   0.894   15.470  1.00 15.01 ? 106 HOH B O   1 
HETATM 1137 O O   . HOH D 2 .  ? -10.000 -13.864 8.918   1.00 32.32 ? 107 HOH B O   1 
HETATM 1138 O O   . HOH D 2 .  ? -10.582 0.177   9.823   1.00 19.39 ? 108 HOH B O   1 
HETATM 1139 O O   . HOH D 2 .  ? 9.550   6.159   10.906  1.00 15.55 ? 109 HOH B O   1 
HETATM 1140 O O   . HOH D 2 .  ? -11.644 -4.283  30.409  1.00 57.79 ? 110 HOH B O   1 
HETATM 1141 O O   . HOH D 2 .  ? 7.943   -1.219  7.463   1.00 34.38 ? 111 HOH B O   1 
HETATM 1142 O O   . HOH D 2 .  ? 12.496  -5.009  24.497  1.00 27.29 ? 112 HOH B O   1 
HETATM 1143 O O   . HOH D 2 .  ? -8.580  9.072   18.447  1.00 41.70 ? 113 HOH B O   1 
HETATM 1144 O O   . HOH D 2 .  ? -17.999 4.121   25.909  1.00 48.51 ? 114 HOH B O   1 
HETATM 1145 O O   . HOH D 2 .  ? -15.180 7.252   11.487  1.00 49.47 ? 115 HOH B O   1 
HETATM 1146 O O   . HOH D 2 .  ? -14.796 -8.153  29.515  1.00 47.09 ? 116 HOH B O   1 
HETATM 1147 O O   . HOH D 2 .  ? -9.471  -20.815 19.395  1.00 30.28 ? 117 HOH B O   1 
HETATM 1148 O O   . HOH D 2 .  ? -10.558 2.865   22.835  1.00 30.53 ? 118 HOH B O   1 
HETATM 1149 O O   . HOH D 2 .  ? 2.790   -5.930  9.240   1.00 22.67 ? 119 HOH B O   1 
HETATM 1150 O O   . HOH D 2 .  ? -4.544  8.728   23.054  1.00 24.45 ? 120 HOH B O   1 
HETATM 1151 O O   . HOH D 2 .  ? 8.032   -5.825  10.510  1.00 30.00 ? 121 HOH B O   1 
HETATM 1152 O O   . HOH D 2 .  ? -6.737  -19.536 19.894  1.00 53.52 ? 122 HOH B O   1 
HETATM 1153 O O   . HOH D 2 .  ? 7.046   -3.060  5.580   1.00 45.81 ? 123 HOH B O   1 
HETATM 1154 O O   . HOH D 2 .  ? -9.805  -4.290  28.721  1.00 36.57 ? 124 HOH B O   1 
HETATM 1155 O O   . HOH D 2 .  ? -5.396  9.976   11.832  1.00 22.80 ? 125 HOH B O   1 
HETATM 1156 O O   . HOH D 2 .  ? 5.938   8.612   9.600   1.00 21.65 ? 126 HOH B O   1 
HETATM 1157 O O   . HOH D 2 .  ? 6.473   1.519   29.888  1.00 21.30 ? 127 HOH B O   1 
HETATM 1158 O O   . HOH D 2 .  ? 4.541   -4.528  2.009   1.00 18.27 ? 128 HOH B O   1 
HETATM 1159 O O   . HOH D 2 .  ? -20.913 -10.021 8.805   1.00 37.27 ? 129 HOH B O   1 
HETATM 1160 O O   . HOH D 2 .  ? 7.252   -9.887  9.821   1.00 48.23 ? 130 HOH B O   1 
HETATM 1161 O O   . HOH D 2 .  ? -7.245  -9.802  5.524   1.00 40.46 ? 131 HOH B O   1 
HETATM 1162 O O   . HOH D 2 .  ? 15.714  2.859   17.748  1.00 33.05 ? 132 HOH B O   1 
HETATM 1163 O O   . HOH D 2 .  ? -3.774  -12.294 22.851  1.00 8.67  ? 133 HOH B O   1 
HETATM 1164 O O   . HOH D 2 .  ? -3.850  -11.706 3.370   1.00 33.23 ? 134 HOH B O   1 
HETATM 1165 O O   . HOH D 2 .  ? -11.087 10.783  15.081  1.00 40.87 ? 135 HOH B O   1 
HETATM 1166 O O   . HOH D 2 .  ? -11.183 -14.808 20.974  1.00 54.43 ? 136 HOH B O   1 
HETATM 1167 O O   . HOH D 2 .  ? 6.679   -3.665  26.723  1.00 18.65 ? 137 HOH B O   1 
HETATM 1168 O O   . HOH D 2 .  ? -14.816 -16.092 18.088  1.00 25.84 ? 138 HOH B O   1 
HETATM 1169 O O   . HOH D 2 .  ? -18.304 -4.900  28.211  1.00 17.48 ? 139 HOH B O   1 
HETATM 1170 O O   . HOH D 2 .  ? -15.537 -4.008  28.950  1.00 24.71 ? 140 HOH B O   1 
HETATM 1171 O O   . HOH D 2 .  ? -13.451 12.696  16.619  1.00 21.22 ? 141 HOH B O   1 
HETATM 1172 O O   . HOH D 2 .  ? 2.713   -3.829  -2.926  1.00 33.22 ? 142 HOH B O   1 
HETATM 1173 O O   . HOH D 2 .  ? 3.238   -11.792 11.052  1.00 24.92 ? 143 HOH B O   1 
HETATM 1174 O O   . HOH D 2 .  ? -12.677 -11.642 22.647  1.00 16.98 ? 144 HOH B O   1 
HETATM 1175 O O   . HOH D 2 .  ? -2.712  9.870   13.953  1.00 34.34 ? 145 HOH B O   1 
HETATM 1176 O O   . HOH D 2 .  ? -16.376 5.604   8.885   1.00 58.98 ? 146 HOH B O   1 
HETATM 1177 O O   . HOH D 2 .  ? -7.689  9.826   10.189  1.00 28.48 ? 147 HOH B O   1 
HETATM 1178 O O   . HOH D 2 .  ? -16.210 4.773   23.268  1.00 18.67 ? 148 HOH B O   1 
HETATM 1179 O O   . HOH D 2 .  ? -3.194  4.484   11.571  1.00 15.70 ? 149 HOH B O   1 
HETATM 1180 O O   . HOH D 2 .  ? 1.532   10.557  3.442   1.00 38.38 ? 150 HOH B O   1 
HETATM 1181 O O   . HOH D 2 .  ? 6.387   -2.134  9.254   1.00 33.16 ? 151 HOH B O   1 
HETATM 1182 O O   . HOH D 2 .  ? 3.942   -12.587 8.730   1.00 55.36 ? 152 HOH B O   1 
HETATM 1183 O O   . HOH D 2 .  ? 1.964   -7.507  4.865   1.00 36.92 ? 153 HOH B O   1 
HETATM 1184 O O   . HOH D 2 .  ? 0.928   -10.848 7.689   1.00 41.43 ? 154 HOH B O   1 
HETATM 1185 O O   . HOH D 2 .  ? -8.816  6.983   8.592   1.00 37.01 ? 155 HOH B O   1 
HETATM 1186 O O   . HOH D 2 .  ? -8.542  -18.920 22.148  1.00 24.58 ? 156 HOH B O   1 
HETATM 1187 O O   . HOH D 2 .  ? -11.282 -15.752 24.288  1.00 31.73 ? 157 HOH B O   1 
HETATM 1188 O O   . HOH D 2 .  ? -10.982 -19.263 23.450  1.00 23.40 ? 158 HOH B O   1 
HETATM 1189 O O   . HOH D 2 .  ? -14.882 -1.074  30.050  1.00 18.71 ? 159 HOH B O   1 
HETATM 1190 O O   . HOH D 2 .  ? -1.988  -6.495  3.954   1.00 20.11 ? 160 HOH B O   1 
HETATM 1191 O O   . HOH D 2 .  ? 4.744   -10.380 9.825   1.00 66.91 ? 161 HOH B O   1 
HETATM 1192 O O   . HOH D 2 .  ? 5.310   -10.850 5.780   1.00 47.88 ? 162 HOH B O   1 
HETATM 1193 O O   . HOH D 2 .  ? 1.109   -6.049  6.521   1.00 17.06 ? 163 HOH B O   1 
HETATM 1194 O O   . HOH D 2 .  ? 3.640   4.439   8.065   1.00 32.93 ? 164 HOH B O   1 
HETATM 1195 O O   . HOH D 2 .  ? 11.823  7.692   14.056  1.00 11.80 ? 165 HOH B O   1 
HETATM 1196 O O   . HOH D 2 .  ? 1.957   7.019   8.991   1.00 20.33 ? 166 HOH B O   1 
HETATM 1197 O O   . HOH D 2 .  ? -3.768  7.504   10.492  1.00 41.70 ? 167 HOH B O   1 
HETATM 1198 O O   . HOH D 2 .  ? -14.036 3.296   25.379  1.00 26.63 ? 168 HOH B O   1 
HETATM 1199 O O   . HOH D 2 .  ? -2.445  -7.005  1.700   1.00 29.48 ? 169 HOH B O   1 
HETATM 1200 O O   . HOH D 2 .  ? -8.563  -4.463  5.103   1.00 22.33 ? 170 HOH B O   1 
HETATM 1201 O O   . HOH D 2 .  ? 4.467   -7.543  12.074  1.00 35.46 ? 171 HOH B O   1 
HETATM 1202 O O   . HOH D 2 .  ? -2.383  9.611   9.488   1.00 20.34 ? 172 HOH B O   1 
HETATM 1203 O O   . HOH D 2 .  ? -17.252 -16.712 4.779   1.00 32.01 ? 173 HOH B O   1 
HETATM 1204 O O   . HOH D 2 .  ? 14.016  -3.796  19.007  1.00 55.60 ? 174 HOH B O   1 
HETATM 1205 O O   . HOH D 2 .  ? -0.289  -13.287 3.893   1.00 37.81 ? 175 HOH B O   1 
HETATM 1206 O O   . HOH D 2 .  ? 13.994  -3.132  21.203  1.00 36.10 ? 176 HOH B O   1 
HETATM 1207 O O   . HOH D 2 .  ? -10.776 9.458   19.000  1.00 31.84 ? 177 HOH B O   1 
HETATM 1208 O O   . HOH D 2 .  ? 6.271   -0.389  17.199  1.00 26.61 ? 178 HOH B O   1 
HETATM 1209 O O   . HOH D 2 .  ? -17.362 -17.107 7.039   1.00 26.34 ? 179 HOH B O   1 
HETATM 1210 O O   . HOH D 2 .  ? -3.790  -7.804  3.382   1.00 37.77 ? 180 HOH B O   1 
HETATM 1211 O O   . HOH D 2 .  ? -7.532  8.294   11.891  1.00 32.45 ? 181 HOH B O   1 
HETATM 1212 O O   . HOH D 2 .  ? 1.503   7.915   6.151   1.00 36.60 ? 182 HOH B O   1 
HETATM 1213 O O   . HOH D 2 .  ? 5.264   -3.203  3.743   1.00 32.19 ? 183 HOH B O   1 
HETATM 1214 O O   . HOH D 2 .  ? -8.175  1.100   23.307  1.00 20.74 ? 184 HOH B O   1 
HETATM 1215 O O   . HOH D 2 .  ? -10.318 7.477   11.555  1.00 33.41 ? 185 HOH B O   1 
HETATM 1216 O O   . HOH D 2 .  ? -15.144 -12.084 4.596   1.00 25.63 ? 186 HOH B O   1 
HETATM 1217 O O   . HOH D 2 .  ? -12.981 5.556   23.317  1.00 35.50 ? 187 HOH B O   1 
HETATM 1218 O O   . HOH D 2 .  ? -3.065  -2.614  12.692  1.00 47.40 ? 188 HOH B O   1 
HETATM 1219 O O   . HOH D 2 .  ? -13.606 -13.819 10.308  1.00 44.74 ? 189 HOH B O   1 
HETATM 1220 O O   . HOH D 2 .  ? -0.147  8.042   2.657   1.00 31.27 ? 190 HOH B O   1 
HETATM 1221 O O   . HOH D 2 .  ? -13.706 -1.126  27.139  1.00 37.71 ? 191 HOH B O   1 
HETATM 1222 O O   . HOH D 2 .  ? -11.914 -3.121  7.198   1.00 32.60 ? 192 HOH B O   1 
HETATM 1223 O O   . HOH D 2 .  ? -10.131 -11.598 26.010  1.00 55.64 ? 193 HOH B O   1 
HETATM 1224 O O   . HOH D 2 .  ? -12.140 -13.383 24.252  1.00 35.59 ? 194 HOH B O   1 
HETATM 1225 O O   . HOH D 2 .  ? -5.267  -8.432  12.909  1.00 26.18 ? 195 HOH B O   1 
HETATM 1226 O O   . HOH D 2 .  ? -2.649  4.844   9.102   1.00 26.45 ? 196 HOH B O   1 
HETATM 1227 O O   . HOH D 2 .  ? -10.456 -11.827 3.633   1.00 44.88 ? 197 HOH B O   1 
HETATM 1228 O O   . HOH D 2 .  ? 0.102   -17.507 7.039   1.00 49.56 ? 198 HOH B O   1 
HETATM 1229 O O   . HOH D 2 .  ? -0.190  -8.913  3.125   1.00 60.37 ? 199 HOH B O   1 
# 
